data_5R4J
# 
_entry.id   5R4J 
# 
_audit_conform.dict_name       mmcif_pdbx.dic 
_audit_conform.dict_version    5.387 
_audit_conform.dict_location   http://mmcif.pdb.org/dictionaries/ascii/mmcif_pdbx.dic 
# 
loop_
_database_2.database_id 
_database_2.database_code 
_database_2.pdbx_database_accession 
_database_2.pdbx_DOI 
PDB   5R4J         pdb_00005r4j 10.2210/pdb5r4j/pdb 
WWPDB D_1001402760 ?            ?                   
# 
loop_
_pdbx_audit_revision_history.ordinal 
_pdbx_audit_revision_history.data_content_type 
_pdbx_audit_revision_history.major_revision 
_pdbx_audit_revision_history.minor_revision 
_pdbx_audit_revision_history.revision_date 
1 'Structure model' 1 0 2020-04-01 
2 'Structure model' 1 1 2024-03-06 
# 
_pdbx_audit_revision_details.ordinal             1 
_pdbx_audit_revision_details.revision_ordinal    1 
_pdbx_audit_revision_details.data_content_type   'Structure model' 
_pdbx_audit_revision_details.provider            repository 
_pdbx_audit_revision_details.type                'Initial release' 
_pdbx_audit_revision_details.description         ? 
_pdbx_audit_revision_details.details             ? 
# 
loop_
_pdbx_audit_revision_group.ordinal 
_pdbx_audit_revision_group.revision_ordinal 
_pdbx_audit_revision_group.data_content_type 
_pdbx_audit_revision_group.group 
1 2 'Structure model' 'Data collection'     
2 2 'Structure model' 'Database references' 
# 
loop_
_pdbx_audit_revision_category.ordinal 
_pdbx_audit_revision_category.revision_ordinal 
_pdbx_audit_revision_category.data_content_type 
_pdbx_audit_revision_category.category 
1 2 'Structure model' chem_comp_atom 
2 2 'Structure model' chem_comp_bond 
3 2 'Structure model' database_2     
# 
loop_
_pdbx_audit_revision_item.ordinal 
_pdbx_audit_revision_item.revision_ordinal 
_pdbx_audit_revision_item.data_content_type 
_pdbx_audit_revision_item.item 
1 2 'Structure model' '_database_2.pdbx_DOI'                
2 2 'Structure model' '_database_2.pdbx_database_accession' 
# 
_pdbx_database_status.entry_id                        5R4J 
_pdbx_database_status.status_code                     REL 
_pdbx_database_status.status_code_sf                  REL 
_pdbx_database_status.status_code_mr                  ? 
_pdbx_database_status.status_code_cs                  ? 
_pdbx_database_status.recvd_initial_deposition_date   2020-02-24 
_pdbx_database_status.deposit_site                    RCSB 
_pdbx_database_status.process_site                    RCSB 
_pdbx_database_status.SG_entry                        ? 
_pdbx_database_status.pdb_format_compatible           Y 
_pdbx_database_status.methods_development_category    ? 
_pdbx_database_status.status_code_nmr_data            ? 
# 
loop_
_audit_author.name 
_audit_author.pdbx_ordinal 
_audit_author.identifier_ORCID 
'Talon, R.'        1  ? 
'Krojer, T.'       2  ? 
'Fairhead, M.'     3  ? 
'Sethi, R.'        4  ? 
'Bradley, A.R.'    5  ? 
'Aimon, A.'        6  ? 
'Collins, P.'      7  ? 
'Brandao-Neto, J.' 8  ? 
'Douangamath, A.'  9  ? 
'Wright, N.'       10 ? 
'MacLean, E.'      11 ? 
'Renjie, Z.'       12 ? 
'Dias, A.'         13 ? 
'Brennan, P.E.'    14 ? 
'Bountra, C.'      15 ? 
'Arrowsmith, C.H.' 16 ? 
'Edwards, A.'      17 ? 
'von Delft, F.'    18 ? 
# 
_citation.id                        primary 
_citation.title                     'PanDDA analysis group deposition' 
_citation.journal_abbrev            'To Be Published' 
_citation.journal_volume            ? 
_citation.page_first                ? 
_citation.page_last                 ? 
_citation.year                      ? 
_citation.journal_id_ASTM           ? 
_citation.country                   ? 
_citation.journal_id_ISSN           ? 
_citation.journal_id_CSD            0353 
_citation.book_publisher            ? 
_citation.pdbx_database_id_PubMed   ? 
_citation.pdbx_database_id_DOI      ? 
# 
loop_
_citation_author.citation_id 
_citation_author.name 
_citation_author.identifier_ORCID 
_citation_author.ordinal 
primary 'Talon, R.'        ? 1  
primary 'Krojer, T.'       ? 2  
primary 'Fairhead, M.'     ? 3  
primary 'Sethi, R.'        ? 4  
primary 'Bradley, A.R.'    ? 5  
primary 'Aimon, A.'        ? 6  
primary 'Collins, P.'      ? 7  
primary 'Brandao-Neto, J.' ? 8  
primary 'Douangamath, A.'  ? 9  
primary 'Wright, N.'       ? 10 
primary 'MacLean, E.'      ? 11 
primary 'Renjie, Z.'       ? 12 
primary 'Dias, A.'         ? 13 
primary 'Brennan, P.E.'    ? 14 
primary 'Bountra, C.'      ? 15 
primary 'Arrowsmith, C.H.' ? 16 
primary 'Edwards, A.'      ? 17 
primary 'von Delft, F.'    ? 18 
# 
loop_
_entity.id 
_entity.type 
_entity.src_method 
_entity.pdbx_description 
_entity.formula_weight 
_entity.pdbx_number_of_molecules 
_entity.pdbx_ec 
_entity.pdbx_mutation 
_entity.pdbx_fragment 
_entity.details 
1 polymer     man 'Nucleosome-remodeling factor subunit BPTF'  14455.415 1   ? ? ? ? 
2 non-polymer syn 'DIMETHYL SULFOXIDE'                         78.133    1   ? ? ? ? 
3 non-polymer syn 2-AMINO-2-HYDROXYMETHYL-PROPANE-1,3-DIOL     122.143   1   ? ? ? ? 
4 non-polymer syn '4-(piperidin-1-yl)-1,2,5-oxadiazol-3-amine' 168.196   1   ? ? ? ? 
5 water       nat water                                        18.015    152 ? ? ? ? 
# 
_entity_name_com.entity_id   1 
_entity_name_com.name        
'Bromodomain and PHD finger-containing transcription factor,Fetal Alz-50 clone 1 protein,Fetal Alzheimer antigen' 
# 
_entity_poly.entity_id                      1 
_entity_poly.type                           'polypeptide(L)' 
_entity_poly.nstd_linkage                   no 
_entity_poly.nstd_monomer                   no 
_entity_poly.pdbx_seq_one_letter_code       
;SMSTEDAMTVLTPLTEKDYEGLKRVLRSLQAHKMAWPFLEPVDPNDAPDYYGVIKEPMDLATMEERVQRRYYEKLTEFVA
DMTKIFDNCRYYNPSDSPFYQCAEVLESFFVQKLKGFKASRSH
;
_entity_poly.pdbx_seq_one_letter_code_can   
;SMSTEDAMTVLTPLTEKDYEGLKRVLRSLQAHKMAWPFLEPVDPNDAPDYYGVIKEPMDLATMEERVQRRYYEKLTEFVA
DMTKIFDNCRYYNPSDSPFYQCAEVLESFFVQKLKGFKASRSH
;
_entity_poly.pdbx_strand_id                 A 
_entity_poly.pdbx_target_identifier         ? 
# 
loop_
_pdbx_entity_nonpoly.entity_id 
_pdbx_entity_nonpoly.name 
_pdbx_entity_nonpoly.comp_id 
2 'DIMETHYL SULFOXIDE'                         DMS 
3 2-AMINO-2-HYDROXYMETHYL-PROPANE-1,3-DIOL     TRS 
4 '4-(piperidin-1-yl)-1,2,5-oxadiazol-3-amine' RUY 
5 water                                        HOH 
# 
loop_
_entity_poly_seq.entity_id 
_entity_poly_seq.num 
_entity_poly_seq.mon_id 
_entity_poly_seq.hetero 
1 1   SER n 
1 2   MET n 
1 3   SER n 
1 4   THR n 
1 5   GLU n 
1 6   ASP n 
1 7   ALA n 
1 8   MET n 
1 9   THR n 
1 10  VAL n 
1 11  LEU n 
1 12  THR n 
1 13  PRO n 
1 14  LEU n 
1 15  THR n 
1 16  GLU n 
1 17  LYS n 
1 18  ASP n 
1 19  TYR n 
1 20  GLU n 
1 21  GLY n 
1 22  LEU n 
1 23  LYS n 
1 24  ARG n 
1 25  VAL n 
1 26  LEU n 
1 27  ARG n 
1 28  SER n 
1 29  LEU n 
1 30  GLN n 
1 31  ALA n 
1 32  HIS n 
1 33  LYS n 
1 34  MET n 
1 35  ALA n 
1 36  TRP n 
1 37  PRO n 
1 38  PHE n 
1 39  LEU n 
1 40  GLU n 
1 41  PRO n 
1 42  VAL n 
1 43  ASP n 
1 44  PRO n 
1 45  ASN n 
1 46  ASP n 
1 47  ALA n 
1 48  PRO n 
1 49  ASP n 
1 50  TYR n 
1 51  TYR n 
1 52  GLY n 
1 53  VAL n 
1 54  ILE n 
1 55  LYS n 
1 56  GLU n 
1 57  PRO n 
1 58  MET n 
1 59  ASP n 
1 60  LEU n 
1 61  ALA n 
1 62  THR n 
1 63  MET n 
1 64  GLU n 
1 65  GLU n 
1 66  ARG n 
1 67  VAL n 
1 68  GLN n 
1 69  ARG n 
1 70  ARG n 
1 71  TYR n 
1 72  TYR n 
1 73  GLU n 
1 74  LYS n 
1 75  LEU n 
1 76  THR n 
1 77  GLU n 
1 78  PHE n 
1 79  VAL n 
1 80  ALA n 
1 81  ASP n 
1 82  MET n 
1 83  THR n 
1 84  LYS n 
1 85  ILE n 
1 86  PHE n 
1 87  ASP n 
1 88  ASN n 
1 89  CYS n 
1 90  ARG n 
1 91  TYR n 
1 92  TYR n 
1 93  ASN n 
1 94  PRO n 
1 95  SER n 
1 96  ASP n 
1 97  SER n 
1 98  PRO n 
1 99  PHE n 
1 100 TYR n 
1 101 GLN n 
1 102 CYS n 
1 103 ALA n 
1 104 GLU n 
1 105 VAL n 
1 106 LEU n 
1 107 GLU n 
1 108 SER n 
1 109 PHE n 
1 110 PHE n 
1 111 VAL n 
1 112 GLN n 
1 113 LYS n 
1 114 LEU n 
1 115 LYS n 
1 116 GLY n 
1 117 PHE n 
1 118 LYS n 
1 119 ALA n 
1 120 SER n 
1 121 ARG n 
1 122 SER n 
1 123 HIS n 
# 
_entity_src_gen.entity_id                          1 
_entity_src_gen.pdbx_src_id                        1 
_entity_src_gen.pdbx_alt_source_flag               sample 
_entity_src_gen.pdbx_seq_type                      'Biological sequence' 
_entity_src_gen.pdbx_beg_seq_num                   1 
_entity_src_gen.pdbx_end_seq_num                   123 
_entity_src_gen.gene_src_common_name               Human 
_entity_src_gen.gene_src_genus                     ? 
_entity_src_gen.pdbx_gene_src_gene                 'BPTF, FAC1, FALZ' 
_entity_src_gen.gene_src_species                   ? 
_entity_src_gen.gene_src_strain                    ? 
_entity_src_gen.gene_src_tissue                    ? 
_entity_src_gen.gene_src_tissue_fraction           ? 
_entity_src_gen.gene_src_details                   ? 
_entity_src_gen.pdbx_gene_src_fragment             ? 
_entity_src_gen.pdbx_gene_src_scientific_name      'Homo sapiens' 
_entity_src_gen.pdbx_gene_src_ncbi_taxonomy_id     9606 
_entity_src_gen.pdbx_gene_src_variant              ? 
_entity_src_gen.pdbx_gene_src_cell_line            ? 
_entity_src_gen.pdbx_gene_src_atcc                 ? 
_entity_src_gen.pdbx_gene_src_organ                ? 
_entity_src_gen.pdbx_gene_src_organelle            ? 
_entity_src_gen.pdbx_gene_src_cell                 ? 
_entity_src_gen.pdbx_gene_src_cellular_location    ? 
_entity_src_gen.host_org_common_name               ? 
_entity_src_gen.pdbx_host_org_scientific_name      'Escherichia coli' 
_entity_src_gen.pdbx_host_org_ncbi_taxonomy_id     562 
_entity_src_gen.host_org_genus                     ? 
_entity_src_gen.pdbx_host_org_gene                 ? 
_entity_src_gen.pdbx_host_org_organ                ? 
_entity_src_gen.host_org_species                   ? 
_entity_src_gen.pdbx_host_org_tissue               ? 
_entity_src_gen.pdbx_host_org_tissue_fraction      ? 
_entity_src_gen.pdbx_host_org_strain               ? 
_entity_src_gen.pdbx_host_org_variant              ? 
_entity_src_gen.pdbx_host_org_cell_line            ? 
_entity_src_gen.pdbx_host_org_atcc                 ? 
_entity_src_gen.pdbx_host_org_culture_collection   ? 
_entity_src_gen.pdbx_host_org_cell                 ? 
_entity_src_gen.pdbx_host_org_organelle            ? 
_entity_src_gen.pdbx_host_org_cellular_location    ? 
_entity_src_gen.pdbx_host_org_vector_type          ? 
_entity_src_gen.pdbx_host_org_vector               ? 
_entity_src_gen.host_org_details                   ? 
_entity_src_gen.expression_system_id               ? 
_entity_src_gen.plasmid_name                       ? 
_entity_src_gen.plasmid_details                    ? 
_entity_src_gen.pdbx_description                   ? 
# 
loop_
_chem_comp.id 
_chem_comp.type 
_chem_comp.mon_nstd_flag 
_chem_comp.name 
_chem_comp.pdbx_synonyms 
_chem_comp.formula 
_chem_comp.formula_weight 
ALA 'L-peptide linking' y ALANINE                                      ?             'C3 H7 N O2'     89.093  
ARG 'L-peptide linking' y ARGININE                                     ?             'C6 H15 N4 O2 1' 175.209 
ASN 'L-peptide linking' y ASPARAGINE                                   ?             'C4 H8 N2 O3'    132.118 
ASP 'L-peptide linking' y 'ASPARTIC ACID'                              ?             'C4 H7 N O4'     133.103 
CYS 'L-peptide linking' y CYSTEINE                                     ?             'C3 H7 N O2 S'   121.158 
DMS non-polymer         . 'DIMETHYL SULFOXIDE'                         ?             'C2 H6 O S'      78.133  
GLN 'L-peptide linking' y GLUTAMINE                                    ?             'C5 H10 N2 O3'   146.144 
GLU 'L-peptide linking' y 'GLUTAMIC ACID'                              ?             'C5 H9 N O4'     147.129 
GLY 'peptide linking'   y GLYCINE                                      ?             'C2 H5 N O2'     75.067  
HIS 'L-peptide linking' y HISTIDINE                                    ?             'C6 H10 N3 O2 1' 156.162 
HOH non-polymer         . WATER                                        ?             'H2 O'           18.015  
ILE 'L-peptide linking' y ISOLEUCINE                                   ?             'C6 H13 N O2'    131.173 
LEU 'L-peptide linking' y LEUCINE                                      ?             'C6 H13 N O2'    131.173 
LYS 'L-peptide linking' y LYSINE                                       ?             'C6 H15 N2 O2 1' 147.195 
MET 'L-peptide linking' y METHIONINE                                   ?             'C5 H11 N O2 S'  149.211 
PHE 'L-peptide linking' y PHENYLALANINE                                ?             'C9 H11 N O2'    165.189 
PRO 'L-peptide linking' y PROLINE                                      ?             'C5 H9 N O2'     115.130 
RUY non-polymer         . '4-(piperidin-1-yl)-1,2,5-oxadiazol-3-amine' ?             'C7 H12 N4 O'    168.196 
SER 'L-peptide linking' y SERINE                                       ?             'C3 H7 N O3'     105.093 
THR 'L-peptide linking' y THREONINE                                    ?             'C4 H9 N O3'     119.119 
TRP 'L-peptide linking' y TRYPTOPHAN                                   ?             'C11 H12 N2 O2'  204.225 
TRS non-polymer         . 2-AMINO-2-HYDROXYMETHYL-PROPANE-1,3-DIOL     'TRIS BUFFER' 'C4 H12 N O3 1'  122.143 
TYR 'L-peptide linking' y TYROSINE                                     ?             'C9 H11 N O3'    181.189 
VAL 'L-peptide linking' y VALINE                                       ?             'C5 H11 N O2'    117.146 
# 
loop_
_pdbx_poly_seq_scheme.asym_id 
_pdbx_poly_seq_scheme.entity_id 
_pdbx_poly_seq_scheme.seq_id 
_pdbx_poly_seq_scheme.mon_id 
_pdbx_poly_seq_scheme.ndb_seq_num 
_pdbx_poly_seq_scheme.pdb_seq_num 
_pdbx_poly_seq_scheme.auth_seq_num 
_pdbx_poly_seq_scheme.pdb_mon_id 
_pdbx_poly_seq_scheme.auth_mon_id 
_pdbx_poly_seq_scheme.pdb_strand_id 
_pdbx_poly_seq_scheme.pdb_ins_code 
_pdbx_poly_seq_scheme.hetero 
A 1 1   SER 1   2789 ?    ?   ?   A . n 
A 1 2   MET 2   2790 ?    ?   ?   A . n 
A 1 3   SER 3   2791 ?    ?   ?   A . n 
A 1 4   THR 4   2792 ?    ?   ?   A . n 
A 1 5   GLU 5   2793 2793 GLU GLU A . n 
A 1 6   ASP 6   2794 2794 ASP ASP A . n 
A 1 7   ALA 7   2795 2795 ALA ALA A . n 
A 1 8   MET 8   2796 2796 MET MET A . n 
A 1 9   THR 9   2797 2797 THR THR A . n 
A 1 10  VAL 10  2798 2798 VAL VAL A . n 
A 1 11  LEU 11  2799 2799 LEU LEU A . n 
A 1 12  THR 12  2800 2800 THR THR A . n 
A 1 13  PRO 13  2801 2801 PRO PRO A . n 
A 1 14  LEU 14  2802 2802 LEU LEU A . n 
A 1 15  THR 15  2803 2803 THR THR A . n 
A 1 16  GLU 16  2804 2804 GLU GLU A . n 
A 1 17  LYS 17  2805 2805 LYS LYS A . n 
A 1 18  ASP 18  2806 2806 ASP ASP A . n 
A 1 19  TYR 19  2807 2807 TYR TYR A . n 
A 1 20  GLU 20  2808 2808 GLU GLU A . n 
A 1 21  GLY 21  2809 2809 GLY GLY A . n 
A 1 22  LEU 22  2810 2810 LEU LEU A . n 
A 1 23  LYS 23  2811 2811 LYS LYS A . n 
A 1 24  ARG 24  2812 2812 ARG ARG A . n 
A 1 25  VAL 25  2813 2813 VAL VAL A . n 
A 1 26  LEU 26  2814 2814 LEU LEU A . n 
A 1 27  ARG 27  2815 2815 ARG ARG A . n 
A 1 28  SER 28  2816 2816 SER SER A . n 
A 1 29  LEU 29  2817 2817 LEU LEU A . n 
A 1 30  GLN 30  2818 2818 GLN GLN A . n 
A 1 31  ALA 31  2819 2819 ALA ALA A . n 
A 1 32  HIS 32  2820 2820 HIS HIS A . n 
A 1 33  LYS 33  2821 2821 LYS LYS A . n 
A 1 34  MET 34  2822 2822 MET MET A . n 
A 1 35  ALA 35  2823 2823 ALA ALA A . n 
A 1 36  TRP 36  2824 2824 TRP TRP A . n 
A 1 37  PRO 37  2825 2825 PRO PRO A . n 
A 1 38  PHE 38  2826 2826 PHE PHE A . n 
A 1 39  LEU 39  2827 2827 LEU LEU A . n 
A 1 40  GLU 40  2828 2828 GLU GLU A . n 
A 1 41  PRO 41  2829 2829 PRO PRO A . n 
A 1 42  VAL 42  2830 2830 VAL VAL A . n 
A 1 43  ASP 43  2831 2831 ASP ASP A . n 
A 1 44  PRO 44  2832 2832 PRO PRO A . n 
A 1 45  ASN 45  2833 2833 ASN ASN A . n 
A 1 46  ASP 46  2834 2834 ASP ASP A . n 
A 1 47  ALA 47  2835 2835 ALA ALA A . n 
A 1 48  PRO 48  2836 2836 PRO PRO A . n 
A 1 49  ASP 49  2837 2837 ASP ASP A . n 
A 1 50  TYR 50  2838 2838 TYR TYR A . n 
A 1 51  TYR 51  2839 2839 TYR TYR A . n 
A 1 52  GLY 52  2840 2840 GLY GLY A . n 
A 1 53  VAL 53  2841 2841 VAL VAL A . n 
A 1 54  ILE 54  2842 2842 ILE ILE A . n 
A 1 55  LYS 55  2843 2843 LYS LYS A . n 
A 1 56  GLU 56  2844 2844 GLU GLU A . n 
A 1 57  PRO 57  2845 2845 PRO PRO A . n 
A 1 58  MET 58  2846 2846 MET MET A . n 
A 1 59  ASP 59  2847 2847 ASP ASP A . n 
A 1 60  LEU 60  2848 2848 LEU LEU A . n 
A 1 61  ALA 61  2849 2849 ALA ALA A . n 
A 1 62  THR 62  2850 2850 THR THR A . n 
A 1 63  MET 63  2851 2851 MET MET A . n 
A 1 64  GLU 64  2852 2852 GLU GLU A . n 
A 1 65  GLU 65  2853 2853 GLU GLU A . n 
A 1 66  ARG 66  2854 2854 ARG ARG A . n 
A 1 67  VAL 67  2855 2855 VAL VAL A . n 
A 1 68  GLN 68  2856 2856 GLN GLN A . n 
A 1 69  ARG 69  2857 2857 ARG ARG A . n 
A 1 70  ARG 70  2858 2858 ARG ARG A . n 
A 1 71  TYR 71  2859 2859 TYR TYR A . n 
A 1 72  TYR 72  2860 2860 TYR TYR A . n 
A 1 73  GLU 73  2861 2861 GLU GLU A . n 
A 1 74  LYS 74  2862 2862 LYS LYS A . n 
A 1 75  LEU 75  2863 2863 LEU LEU A . n 
A 1 76  THR 76  2864 2864 THR THR A . n 
A 1 77  GLU 77  2865 2865 GLU GLU A . n 
A 1 78  PHE 78  2866 2866 PHE PHE A . n 
A 1 79  VAL 79  2867 2867 VAL VAL A . n 
A 1 80  ALA 80  2868 2868 ALA ALA A . n 
A 1 81  ASP 81  2869 2869 ASP ASP A . n 
A 1 82  MET 82  2870 2870 MET MET A . n 
A 1 83  THR 83  2871 2871 THR THR A . n 
A 1 84  LYS 84  2872 2872 LYS LYS A . n 
A 1 85  ILE 85  2873 2873 ILE ILE A . n 
A 1 86  PHE 86  2874 2874 PHE PHE A . n 
A 1 87  ASP 87  2875 2875 ASP ASP A . n 
A 1 88  ASN 88  2876 2876 ASN ASN A . n 
A 1 89  CYS 89  2877 2877 CYS CYS A . n 
A 1 90  ARG 90  2878 2878 ARG ARG A . n 
A 1 91  TYR 91  2879 2879 TYR TYR A . n 
A 1 92  TYR 92  2880 2880 TYR TYR A . n 
A 1 93  ASN 93  2881 2881 ASN ASN A . n 
A 1 94  PRO 94  2882 2882 PRO PRO A . n 
A 1 95  SER 95  2883 2883 SER SER A . n 
A 1 96  ASP 96  2884 2884 ASP ASP A . n 
A 1 97  SER 97  2885 2885 SER SER A . n 
A 1 98  PRO 98  2886 2886 PRO PRO A . n 
A 1 99  PHE 99  2887 2887 PHE PHE A . n 
A 1 100 TYR 100 2888 2888 TYR TYR A . n 
A 1 101 GLN 101 2889 2889 GLN GLN A . n 
A 1 102 CYS 102 2890 2890 CYS CYS A . n 
A 1 103 ALA 103 2891 2891 ALA ALA A . n 
A 1 104 GLU 104 2892 2892 GLU GLU A . n 
A 1 105 VAL 105 2893 2893 VAL VAL A . n 
A 1 106 LEU 106 2894 2894 LEU LEU A . n 
A 1 107 GLU 107 2895 2895 GLU GLU A . n 
A 1 108 SER 108 2896 2896 SER SER A . n 
A 1 109 PHE 109 2897 2897 PHE PHE A . n 
A 1 110 PHE 110 2898 2898 PHE PHE A . n 
A 1 111 VAL 111 2899 2899 VAL VAL A . n 
A 1 112 GLN 112 2900 2900 GLN GLN A . n 
A 1 113 LYS 113 2901 2901 LYS LYS A . n 
A 1 114 LEU 114 2902 2902 LEU LEU A . n 
A 1 115 LYS 115 2903 2903 LYS LYS A . n 
A 1 116 GLY 116 2904 2904 GLY GLY A . n 
A 1 117 PHE 117 2905 2905 PHE PHE A . n 
A 1 118 LYS 118 2906 2906 LYS LYS A . n 
A 1 119 ALA 119 2907 2907 ALA ALA A . n 
A 1 120 SER 120 2908 2908 SER SER A . n 
A 1 121 ARG 121 2909 2909 ARG ARG A . n 
A 1 122 SER 122 2910 2910 SER SER A . n 
A 1 123 HIS 123 2911 2911 HIS HIS A . n 
# 
loop_
_pdbx_nonpoly_scheme.asym_id 
_pdbx_nonpoly_scheme.entity_id 
_pdbx_nonpoly_scheme.mon_id 
_pdbx_nonpoly_scheme.ndb_seq_num 
_pdbx_nonpoly_scheme.pdb_seq_num 
_pdbx_nonpoly_scheme.auth_seq_num 
_pdbx_nonpoly_scheme.pdb_mon_id 
_pdbx_nonpoly_scheme.auth_mon_id 
_pdbx_nonpoly_scheme.pdb_strand_id 
_pdbx_nonpoly_scheme.pdb_ins_code 
B 2 DMS 1   3001 2   DMS DMS A . 
C 3 TRS 1   3002 1   TRS TRS A . 
D 4 RUY 1   3003 1   RUY LIG A . 
E 5 HOH 1   3101 40  HOH HOH A . 
E 5 HOH 2   3102 101 HOH HOH A . 
E 5 HOH 3   3103 117 HOH HOH A . 
E 5 HOH 4   3104 147 HOH HOH A . 
E 5 HOH 5   3105 21  HOH HOH A . 
E 5 HOH 6   3106 128 HOH HOH A . 
E 5 HOH 7   3107 153 HOH HOH A . 
E 5 HOH 8   3108 23  HOH HOH A . 
E 5 HOH 9   3109 80  HOH HOH A . 
E 5 HOH 10  3110 71  HOH HOH A . 
E 5 HOH 11  3111 1   HOH HOH A . 
E 5 HOH 12  3112 53  HOH HOH A . 
E 5 HOH 13  3113 37  HOH HOH A . 
E 5 HOH 14  3114 77  HOH HOH A . 
E 5 HOH 15  3115 98  HOH HOH A . 
E 5 HOH 16  3116 38  HOH HOH A . 
E 5 HOH 17  3117 103 HOH HOH A . 
E 5 HOH 18  3118 170 HOH HOH A . 
E 5 HOH 19  3119 91  HOH HOH A . 
E 5 HOH 20  3120 44  HOH HOH A . 
E 5 HOH 21  3121 92  HOH HOH A . 
E 5 HOH 22  3122 115 HOH HOH A . 
E 5 HOH 23  3123 163 HOH HOH A . 
E 5 HOH 24  3124 166 HOH HOH A . 
E 5 HOH 25  3125 61  HOH HOH A . 
E 5 HOH 26  3126 141 HOH HOH A . 
E 5 HOH 27  3127 145 HOH HOH A . 
E 5 HOH 28  3128 4   HOH HOH A . 
E 5 HOH 29  3129 162 HOH HOH A . 
E 5 HOH 30  3130 33  HOH HOH A . 
E 5 HOH 31  3131 69  HOH HOH A . 
E 5 HOH 32  3132 68  HOH HOH A . 
E 5 HOH 33  3133 19  HOH HOH A . 
E 5 HOH 34  3134 20  HOH HOH A . 
E 5 HOH 35  3135 160 HOH HOH A . 
E 5 HOH 36  3136 12  HOH HOH A . 
E 5 HOH 37  3137 116 HOH HOH A . 
E 5 HOH 38  3138 36  HOH HOH A . 
E 5 HOH 39  3139 18  HOH HOH A . 
E 5 HOH 40  3140 151 HOH HOH A . 
E 5 HOH 41  3141 54  HOH HOH A . 
E 5 HOH 42  3142 106 HOH HOH A . 
E 5 HOH 43  3143 25  HOH HOH A . 
E 5 HOH 44  3144 111 HOH HOH A . 
E 5 HOH 45  3145 26  HOH HOH A . 
E 5 HOH 46  3146 46  HOH HOH A . 
E 5 HOH 47  3147 8   HOH HOH A . 
E 5 HOH 48  3148 39  HOH HOH A . 
E 5 HOH 49  3149 78  HOH HOH A . 
E 5 HOH 50  3150 52  HOH HOH A . 
E 5 HOH 51  3151 118 HOH HOH A . 
E 5 HOH 52  3152 9   HOH HOH A . 
E 5 HOH 53  3153 22  HOH HOH A . 
E 5 HOH 54  3154 135 HOH HOH A . 
E 5 HOH 55  3155 34  HOH HOH A . 
E 5 HOH 56  3156 11  HOH HOH A . 
E 5 HOH 57  3157 104 HOH HOH A . 
E 5 HOH 58  3158 113 HOH HOH A . 
E 5 HOH 59  3159 94  HOH HOH A . 
E 5 HOH 60  3160 16  HOH HOH A . 
E 5 HOH 61  3161 47  HOH HOH A . 
E 5 HOH 62  3162 161 HOH HOH A . 
E 5 HOH 63  3163 131 HOH HOH A . 
E 5 HOH 64  3164 126 HOH HOH A . 
E 5 HOH 65  3165 62  HOH HOH A . 
E 5 HOH 66  3166 59  HOH HOH A . 
E 5 HOH 67  3167 72  HOH HOH A . 
E 5 HOH 68  3168 31  HOH HOH A . 
E 5 HOH 69  3169 65  HOH HOH A . 
E 5 HOH 70  3170 79  HOH HOH A . 
E 5 HOH 71  3171 13  HOH HOH A . 
E 5 HOH 72  3172 150 HOH HOH A . 
E 5 HOH 73  3173 3   HOH HOH A . 
E 5 HOH 74  3174 17  HOH HOH A . 
E 5 HOH 75  3175 95  HOH HOH A . 
E 5 HOH 76  3176 63  HOH HOH A . 
E 5 HOH 77  3177 156 HOH HOH A . 
E 5 HOH 78  3178 50  HOH HOH A . 
E 5 HOH 79  3179 86  HOH HOH A . 
E 5 HOH 80  3180 48  HOH HOH A . 
E 5 HOH 81  3181 45  HOH HOH A . 
E 5 HOH 82  3182 24  HOH HOH A . 
E 5 HOH 83  3183 29  HOH HOH A . 
E 5 HOH 84  3184 82  HOH HOH A . 
E 5 HOH 85  3185 81  HOH HOH A . 
E 5 HOH 86  3186 134 HOH HOH A . 
E 5 HOH 87  3187 146 HOH HOH A . 
E 5 HOH 88  3188 149 HOH HOH A . 
E 5 HOH 89  3189 42  HOH HOH A . 
E 5 HOH 90  3190 51  HOH HOH A . 
E 5 HOH 91  3191 5   HOH HOH A . 
E 5 HOH 92  3192 27  HOH HOH A . 
E 5 HOH 93  3193 64  HOH HOH A . 
E 5 HOH 94  3194 6   HOH HOH A . 
E 5 HOH 95  3195 102 HOH HOH A . 
E 5 HOH 96  3196 133 HOH HOH A . 
E 5 HOH 97  3197 124 HOH HOH A . 
E 5 HOH 98  3198 90  HOH HOH A . 
E 5 HOH 99  3199 148 HOH HOH A . 
E 5 HOH 100 3200 96  HOH HOH A . 
E 5 HOH 101 3201 15  HOH HOH A . 
E 5 HOH 102 3202 73  HOH HOH A . 
E 5 HOH 103 3203 60  HOH HOH A . 
E 5 HOH 104 3204 32  HOH HOH A . 
E 5 HOH 105 3205 89  HOH HOH A . 
E 5 HOH 106 3206 109 HOH HOH A . 
E 5 HOH 107 3207 14  HOH HOH A . 
E 5 HOH 108 3208 122 HOH HOH A . 
E 5 HOH 109 3209 171 HOH HOH A . 
E 5 HOH 110 3210 130 HOH HOH A . 
E 5 HOH 111 3211 43  HOH HOH A . 
E 5 HOH 112 3212 108 HOH HOH A . 
E 5 HOH 113 3213 155 HOH HOH A . 
E 5 HOH 114 3214 2   HOH HOH A . 
E 5 HOH 115 3215 35  HOH HOH A . 
E 5 HOH 116 3216 112 HOH HOH A . 
E 5 HOH 117 3217 49  HOH HOH A . 
E 5 HOH 118 3218 7   HOH HOH A . 
E 5 HOH 119 3219 67  HOH HOH A . 
E 5 HOH 120 3220 144 HOH HOH A . 
E 5 HOH 121 3221 107 HOH HOH A . 
E 5 HOH 122 3222 83  HOH HOH A . 
E 5 HOH 123 3223 125 HOH HOH A . 
E 5 HOH 124 3224 30  HOH HOH A . 
E 5 HOH 125 3225 114 HOH HOH A . 
E 5 HOH 126 3226 87  HOH HOH A . 
E 5 HOH 127 3227 168 HOH HOH A . 
E 5 HOH 128 3228 66  HOH HOH A . 
E 5 HOH 129 3229 76  HOH HOH A . 
E 5 HOH 130 3230 70  HOH HOH A . 
E 5 HOH 131 3231 100 HOH HOH A . 
E 5 HOH 132 3232 10  HOH HOH A . 
E 5 HOH 133 3233 97  HOH HOH A . 
E 5 HOH 134 3234 57  HOH HOH A . 
E 5 HOH 135 3235 88  HOH HOH A . 
E 5 HOH 136 3236 165 HOH HOH A . 
E 5 HOH 137 3237 129 HOH HOH A . 
E 5 HOH 138 3238 167 HOH HOH A . 
E 5 HOH 139 3239 75  HOH HOH A . 
E 5 HOH 140 3240 138 HOH HOH A . 
E 5 HOH 141 3241 28  HOH HOH A . 
E 5 HOH 142 3242 136 HOH HOH A . 
E 5 HOH 143 3243 132 HOH HOH A . 
E 5 HOH 144 3244 56  HOH HOH A . 
E 5 HOH 145 3245 85  HOH HOH A . 
E 5 HOH 146 3246 157 HOH HOH A . 
E 5 HOH 147 3247 169 HOH HOH A . 
E 5 HOH 148 3248 58  HOH HOH A . 
E 5 HOH 149 3249 152 HOH HOH A . 
E 5 HOH 150 3250 139 HOH HOH A . 
E 5 HOH 151 3251 140 HOH HOH A . 
E 5 HOH 152 3252 84  HOH HOH A . 
# 
loop_
_pdbx_unobs_or_zero_occ_atoms.id 
_pdbx_unobs_or_zero_occ_atoms.PDB_model_num 
_pdbx_unobs_or_zero_occ_atoms.polymer_flag 
_pdbx_unobs_or_zero_occ_atoms.occupancy_flag 
_pdbx_unobs_or_zero_occ_atoms.auth_asym_id 
_pdbx_unobs_or_zero_occ_atoms.auth_comp_id 
_pdbx_unobs_or_zero_occ_atoms.auth_seq_id 
_pdbx_unobs_or_zero_occ_atoms.PDB_ins_code 
_pdbx_unobs_or_zero_occ_atoms.auth_atom_id 
_pdbx_unobs_or_zero_occ_atoms.label_alt_id 
_pdbx_unobs_or_zero_occ_atoms.label_asym_id 
_pdbx_unobs_or_zero_occ_atoms.label_comp_id 
_pdbx_unobs_or_zero_occ_atoms.label_seq_id 
_pdbx_unobs_or_zero_occ_atoms.label_atom_id 
1 1 Y 1 A LYS 2843 ? CD ? A LYS 55 CD 
2 1 Y 1 A LYS 2843 ? CE ? A LYS 55 CE 
3 1 Y 1 A LYS 2843 ? NZ ? A LYS 55 NZ 
# 
loop_
_software.pdbx_ordinal 
_software.name 
_software.version 
_software.date 
_software.type 
_software.contact_author 
_software.contact_author_email 
_software.classification 
_software.location 
_software.language 
_software.citation_id 
1 REFMAC      5.8.0158 ?               program 'Garib N. Murshudov' garib@ysbl.york.ac.uk    refinement        
http://www.ccp4.ac.uk/dist/html/refmac5.html        Fortran_77 ? 
2 Aimless     0.5.31   12/12/16        program 'Phil Evans'         ?                        'data scaling'    
http://www.mrc-lmb.cam.ac.uk/harry/pre/aimless.html ?          ? 
3 PDB_EXTRACT 3.23     'SEP. 23, 2016' package PDB                  deposit@deposit.rcsb.org 'data extraction' 
http://sw-tools.pdb.org/apps/PDB_EXTRACT/           C++        ? 
4 XDS         .        ?               program ?                    ?                        'data reduction'  ? ?          ? 
5 REFMAC      .        ?               program ?                    ?                        phasing           ? ?          ? 
# 
_cell.entry_id           5R4J 
_cell.length_a           112.040 
_cell.length_b           27.430 
_cell.length_c           38.240 
_cell.angle_alpha        90.000 
_cell.angle_beta         96.060 
_cell.angle_gamma        90.000 
_cell.Z_PDB              4 
_cell.pdbx_unique_axis   ? 
# 
_symmetry.entry_id                         5R4J 
_symmetry.Int_Tables_number                5 
_symmetry.space_group_name_H-M             'C 1 2 1' 
_symmetry.pdbx_full_space_group_name_H-M   ? 
_symmetry.cell_setting                     ? 
# 
_exptl.crystals_number   1 
_exptl.entry_id          5R4J 
_exptl.method            'X-RAY DIFFRACTION' 
# 
_exptl_crystal.id                    1 
_exptl_crystal.pdbx_mosaicity        0.000 
_exptl_crystal.pdbx_mosaicity_esd    ? 
_exptl_crystal.density_Matthews      2.02 
_exptl_crystal.density_diffrn        ? 
_exptl_crystal.density_meas          ? 
_exptl_crystal.density_meas_temp     ? 
_exptl_crystal.density_percent_sol   39.14 
_exptl_crystal.size_max              ? 
_exptl_crystal.size_mid              ? 
_exptl_crystal.size_min              ? 
_exptl_crystal.size_rad              ? 
_exptl_crystal.description           ? 
# 
_exptl_crystal_grow.crystal_id      1 
_exptl_crystal_grow.method          'VAPOR DIFFUSION, SITTING DROP' 
_exptl_crystal_grow.pH              8.5 
_exptl_crystal_grow.temp            293 
_exptl_crystal_grow.pdbx_details    '30% PEG4000, 0.1M Tris pH 8.5, 0.2M MgCl2' 
_exptl_crystal_grow.temp_details    ? 
_exptl_crystal_grow.pdbx_pH_range   ? 
# 
_diffrn.id                     1 
_diffrn.ambient_temp           100 
_diffrn.crystal_id             1 
_diffrn.ambient_temp_details   ? 
# 
_diffrn_detector.detector               PIXEL 
_diffrn_detector.type                   'DECTRIS PILATUS 6M' 
_diffrn_detector.pdbx_collection_date   2017-03-09 
_diffrn_detector.diffrn_id              1 
_diffrn_detector.details                ? 
# 
_diffrn_radiation.diffrn_id                        1 
_diffrn_radiation.wavelength_id                    1 
_diffrn_radiation.pdbx_diffrn_protocol             'SINGLE WAVELENGTH' 
_diffrn_radiation.pdbx_monochromatic_or_laue_m_l   ? 
_diffrn_radiation.monochromator                    ? 
_diffrn_radiation.pdbx_scattering_type             x-ray 
# 
_diffrn_radiation_wavelength.id           1 
_diffrn_radiation_wavelength.wavelength   0.92819 
_diffrn_radiation_wavelength.wt           1.0 
# 
_diffrn_source.diffrn_id                   1 
_diffrn_source.source                      SYNCHROTRON 
_diffrn_source.type                        'DIAMOND BEAMLINE I04-1' 
_diffrn_source.pdbx_wavelength_list        0.92819 
_diffrn_source.pdbx_synchrotron_site       Diamond 
_diffrn_source.pdbx_synchrotron_beamline   I04-1 
_diffrn_source.pdbx_wavelength             ? 
# 
_reflns.entry_id                     5R4J 
_reflns.pdbx_diffrn_id               1 
_reflns.pdbx_ordinal                 1 
_reflns.observed_criterion_sigma_I   ? 
_reflns.observed_criterion_sigma_F   ? 
_reflns.d_resolution_low             29.970 
_reflns.d_resolution_high            1.390 
_reflns.number_obs                   22942 
_reflns.number_all                   ? 
_reflns.percent_possible_obs         97.000 
_reflns.pdbx_Rmerge_I_obs            0.050 
_reflns.pdbx_Rsym_value              ? 
_reflns.pdbx_netI_over_sigmaI        13.200 
_reflns.B_iso_Wilson_estimate        ? 
_reflns.pdbx_redundancy              3.200 
_reflns.pdbx_Rrim_I_all              0.061 
_reflns.pdbx_Rpim_I_all              0.033 
_reflns.pdbx_CC_half                 0.999 
_reflns.pdbx_netI_over_av_sigmaI     ? 
_reflns.pdbx_number_measured_all     72919 
_reflns.pdbx_scaling_rejects         0 
_reflns.pdbx_chi_squared             ? 
_reflns.Rmerge_F_all                 ? 
_reflns.Rmerge_F_obs                 ? 
_reflns.observed_criterion_F_max     ? 
_reflns.observed_criterion_F_min     ? 
_reflns.observed_criterion_I_max     ? 
_reflns.observed_criterion_I_min     ? 
_reflns.pdbx_d_res_high_opt          ? 
_reflns.pdbx_d_res_low_opt           ? 
_reflns.details                      ? 
# 
loop_
_reflns_shell.pdbx_diffrn_id 
_reflns_shell.pdbx_ordinal 
_reflns_shell.d_res_high 
_reflns_shell.d_res_low 
_reflns_shell.number_measured_obs 
_reflns_shell.number_measured_all 
_reflns_shell.number_unique_obs 
_reflns_shell.pdbx_rejects 
_reflns_shell.Rmerge_I_obs 
_reflns_shell.meanI_over_sigI_obs 
_reflns_shell.pdbx_Rsym_value 
_reflns_shell.pdbx_chi_squared 
_reflns_shell.pdbx_redundancy 
_reflns_shell.percent_possible_obs 
_reflns_shell.pdbx_netI_over_sigmaI_obs 
_reflns_shell.number_possible 
_reflns_shell.number_unique_all 
_reflns_shell.Rmerge_F_all 
_reflns_shell.Rmerge_F_obs 
_reflns_shell.Rmerge_I_all 
_reflns_shell.meanI_over_sigI_all 
_reflns_shell.percent_possible_all 
_reflns_shell.pdbx_Rrim_I_all 
_reflns_shell.pdbx_Rpim_I_all 
_reflns_shell.pdbx_CC_half 
1 1 1.390 1.430  ? 4392 ? ? 0.824 ? ? ? 2.700 ? 1.200  ? 1644 ? ? ? ? 94.700 1.024 0.599 0.465 
1 2 6.220 29.970 ? 908  ? ? 0.025 ? ? ? 3.100 ? 43.200 ? 292  ? ? ? ? 97.300 0.030 0.016 0.999 
# 
_refine.entry_id                                 5R4J 
_refine.pdbx_refine_id                           'X-RAY DIFFRACTION' 
_refine.ls_d_res_high                            1.3900 
_refine.ls_d_res_low                             55.7700 
_refine.pdbx_ls_sigma_F                          0.000 
_refine.pdbx_data_cutoff_high_absF               ? 
_refine.pdbx_data_cutoff_low_absF                ? 
_refine.ls_percent_reflns_obs                    97.0000 
_refine.ls_number_reflns_obs                     21795 
_refine.ls_number_reflns_all                     ? 
_refine.pdbx_ls_cross_valid_method               THROUGHOUT 
_refine.ls_matrix_type                           ? 
_refine.pdbx_R_Free_selection_details            RANDOM 
_refine.details                                  
'HYDROGENS HAVE BEEN ADDED IN THE RIDING POSITIONS U VALUES      : REFINED INDIVIDUALLY' 
_refine.ls_R_factor_all                          ? 
_refine.ls_R_factor_obs                          0.2028 
_refine.ls_R_factor_R_work                       0.2008 
_refine.ls_wR_factor_R_work                      ? 
_refine.ls_R_factor_R_free                       0.2409 
_refine.ls_wR_factor_R_free                      ? 
_refine.ls_percent_reflns_R_free                 5.0000 
_refine.ls_number_reflns_R_free                  1147 
_refine.ls_number_reflns_R_work                  ? 
_refine.ls_R_factor_R_free_error                 ? 
_refine.B_iso_mean                               18.8320 
_refine.solvent_model_param_bsol                 ? 
_refine.solvent_model_param_ksol                 ? 
_refine.pdbx_isotropic_thermal_model             ? 
_refine.aniso_B[1][1]                            0.2100 
_refine.aniso_B[2][2]                            -0.4100 
_refine.aniso_B[3][3]                            0.3100 
_refine.aniso_B[1][2]                            0.0000 
_refine.aniso_B[1][3]                            -0.5800 
_refine.aniso_B[2][3]                            -0.0000 
_refine.correlation_coeff_Fo_to_Fc               0.9570 
_refine.correlation_coeff_Fo_to_Fc_free          0.9410 
_refine.overall_SU_R_Cruickshank_DPI             ? 
_refine.pdbx_overall_SU_R_free_Cruickshank_DPI   ? 
_refine.pdbx_overall_SU_R_Blow_DPI               ? 
_refine.pdbx_overall_SU_R_free_Blow_DPI          ? 
_refine.overall_SU_R_free                        ? 
_refine.pdbx_overall_ESU_R                       0.0890 
_refine.pdbx_overall_ESU_R_Free                  0.0900 
_refine.overall_SU_ML                            0.0660 
_refine.overall_SU_B                             1.6890 
_refine.solvent_model_details                    MASK 
_refine.pdbx_solvent_vdw_probe_radii             1.2000 
_refine.pdbx_solvent_ion_probe_radii             0.8000 
_refine.pdbx_solvent_shrinkage_radii             0.8000 
_refine.ls_number_parameters                     ? 
_refine.ls_number_restraints                     ? 
_refine.pdbx_starting_model                      3UV2 
_refine.pdbx_method_to_determine_struct          'FOURIER SYNTHESIS' 
_refine.pdbx_stereochemistry_target_values       'MAXIMUM LIKELIHOOD' 
_refine.pdbx_stereochem_target_val_spec_case     ? 
_refine.overall_FOM_work_R_set                   ? 
_refine.B_iso_max                                91.570 
_refine.B_iso_min                                6.820 
_refine.pdbx_overall_phase_error                 ? 
_refine.occupancy_max                            ? 
_refine.occupancy_min                            ? 
_refine.pdbx_diffrn_id                           1 
_refine.pdbx_TLS_residual_ADP_flag               ? 
_refine.pdbx_ls_sigma_I                          ? 
_refine.pdbx_data_cutoff_high_rms_absF           ? 
_refine.ls_R_factor_R_free_error_details         ? 
# 
_refine_hist.cycle_id                         final 
_refine_hist.pdbx_refine_id                   'X-RAY DIFFRACTION' 
_refine_hist.d_res_high                       1.3900 
_refine_hist.d_res_low                        55.7700 
_refine_hist.pdbx_number_atoms_ligand         24 
_refine_hist.number_atoms_solvent             152 
_refine_hist.number_atoms_total               1159 
_refine_hist.pdbx_number_residues_total       119 
_refine_hist.pdbx_B_iso_mean_ligand           57.23 
_refine_hist.pdbx_B_iso_mean_solvent          31.94 
_refine_hist.pdbx_number_atoms_protein        983 
_refine_hist.pdbx_number_atoms_nucleic_acid   0 
# 
loop_
_refine_ls_restr.pdbx_refine_id 
_refine_ls_restr.type 
_refine_ls_restr.number 
_refine_ls_restr.dev_ideal 
_refine_ls_restr.dev_ideal_target 
_refine_ls_restr.weight 
_refine_ls_restr.pdbx_restraint_function 
'X-RAY DIFFRACTION' r_bond_refined_d       1625 0.010  0.019  ? ? 
'X-RAY DIFFRACTION' r_bond_other_d         1269 0.002  0.020  ? ? 
'X-RAY DIFFRACTION' r_angle_refined_deg    1924 1.378  1.983  ? ? 
'X-RAY DIFFRACTION' r_angle_other_deg      2972 0.923  2.972  ? ? 
'X-RAY DIFFRACTION' r_dihedral_angle_1_deg 184  5.169  5.000  ? ? 
'X-RAY DIFFRACTION' r_dihedral_angle_2_deg 70   30.358 23.714 ? ? 
'X-RAY DIFFRACTION' r_dihedral_angle_3_deg 253  14.060 15.000 ? ? 
'X-RAY DIFFRACTION' r_dihedral_angle_4_deg 13   18.173 15.000 ? ? 
'X-RAY DIFFRACTION' r_chiral_restr         191  0.080  0.200  ? ? 
'X-RAY DIFFRACTION' r_gen_planes_refined   1681 0.006  0.021  ? ? 
'X-RAY DIFFRACTION' r_gen_planes_other     306  0.002  0.020  ? ? 
'X-RAY DIFFRACTION' r_mcbond_it            764  1.031  1.741  ? ? 
'X-RAY DIFFRACTION' r_mcbond_other         757  1.030  1.726  ? ? 
'X-RAY DIFFRACTION' r_mcangle_it           868  1.862  2.559  ? ? 
# 
_refine_ls_shell.d_res_high                       1.3900 
_refine_ls_shell.d_res_low                        1.4260 
_refine_ls_shell.pdbx_total_number_of_bins_used   20 
_refine_ls_shell.percent_reflns_obs               94.7500 
_refine_ls_shell.number_reflns_R_work             1547 
_refine_ls_shell.R_factor_all                     ? 
_refine_ls_shell.R_factor_R_work                  0.3270 
_refine_ls_shell.R_factor_R_free                  0.3250 
_refine_ls_shell.percent_reflns_R_free            ? 
_refine_ls_shell.number_reflns_R_free             94 
_refine_ls_shell.R_factor_R_free_error            ? 
_refine_ls_shell.number_reflns_all                1641 
_refine_ls_shell.number_reflns_obs                ? 
_refine_ls_shell.pdbx_refine_id                   'X-RAY DIFFRACTION' 
_refine_ls_shell.R_factor_obs                     ? 
# 
_struct.entry_id                  5R4J 
_struct.title                     
;PanDDA analysis group deposition -- CRYSTAL STRUCTURE OF THE BROMODOMAIN OF HUMAN NUCLEOSOME-REMODELING FACTOR SUBUNIT BPTF in complex with FMOPL000280a
;
_struct.pdbx_model_details        ? 
_struct.pdbx_CASP_flag            ? 
_struct.pdbx_model_type_details   ? 
# 
_struct_keywords.entry_id        5R4J 
_struct_keywords.text            
;PanDDA, SGC - Diamond I04-1 fragment screening, XChemExplorer, BROMODOMAIN, BPTF, FALZ, FAC1, BROMODOMAIN AND PHD FINGER-CONTAINING TRANSCRIPTION FACTOR, FETAL ALZ-50 CLONE 1 PROTEIN, TRANSCRIPTION
;
_struct_keywords.pdbx_keywords   TRANSCRIPTION 
# 
loop_
_struct_asym.id 
_struct_asym.pdbx_blank_PDB_chainid_flag 
_struct_asym.pdbx_modified 
_struct_asym.entity_id 
_struct_asym.details 
A N N 1 ? 
B N N 2 ? 
C N N 3 ? 
D N N 4 ? 
E N N 5 ? 
# 
_struct_ref.id                         1 
_struct_ref.db_name                    UNP 
_struct_ref.db_code                    BPTF_HUMAN 
_struct_ref.pdbx_db_accession          Q12830 
_struct_ref.pdbx_db_isoform            ? 
_struct_ref.entity_id                  1 
_struct_ref.pdbx_seq_one_letter_code   
;STEDAMTVLTPLTEKDYEGLKRVLRSLQAHKMAWPFLEPVDPNDAPDYYGVIKEPMDLATMEERVQRRYYEKLTEFVADM
TKIFDNCRYYNPSDSPFYQCAEVLESFFVQKLKGFKASRSH
;
_struct_ref.pdbx_align_begin           2917 
# 
_struct_ref_seq.align_id                      1 
_struct_ref_seq.ref_id                        1 
_struct_ref_seq.pdbx_PDB_id_code              5R4J 
_struct_ref_seq.pdbx_strand_id                A 
_struct_ref_seq.seq_align_beg                 3 
_struct_ref_seq.pdbx_seq_align_beg_ins_code   ? 
_struct_ref_seq.seq_align_end                 123 
_struct_ref_seq.pdbx_seq_align_end_ins_code   ? 
_struct_ref_seq.pdbx_db_accession             Q12830 
_struct_ref_seq.db_align_beg                  2917 
_struct_ref_seq.pdbx_db_align_beg_ins_code    ? 
_struct_ref_seq.db_align_end                  3037 
_struct_ref_seq.pdbx_db_align_end_ins_code    ? 
_struct_ref_seq.pdbx_auth_seq_align_beg       2791 
_struct_ref_seq.pdbx_auth_seq_align_end       2911 
# 
loop_
_struct_ref_seq_dif.align_id 
_struct_ref_seq_dif.pdbx_pdb_id_code 
_struct_ref_seq_dif.mon_id 
_struct_ref_seq_dif.pdbx_pdb_strand_id 
_struct_ref_seq_dif.seq_num 
_struct_ref_seq_dif.pdbx_pdb_ins_code 
_struct_ref_seq_dif.pdbx_seq_db_name 
_struct_ref_seq_dif.pdbx_seq_db_accession_code 
_struct_ref_seq_dif.db_mon_id 
_struct_ref_seq_dif.pdbx_seq_db_seq_num 
_struct_ref_seq_dif.details 
_struct_ref_seq_dif.pdbx_auth_seq_num 
_struct_ref_seq_dif.pdbx_ordinal 
1 5R4J SER A 1 ? UNP Q12830 ? ? 'expression tag' 2789 1 
1 5R4J MET A 2 ? UNP Q12830 ? ? 'expression tag' 2790 2 
# 
_pdbx_struct_assembly.id                   1 
_pdbx_struct_assembly.details              author_and_software_defined_assembly 
_pdbx_struct_assembly.method_details       PISA 
_pdbx_struct_assembly.oligomeric_details   monomeric 
_pdbx_struct_assembly.oligomeric_count     1 
# 
_pdbx_struct_assembly_gen.assembly_id       1 
_pdbx_struct_assembly_gen.oper_expression   1 
_pdbx_struct_assembly_gen.asym_id_list      A,B,C,D,E 
# 
_pdbx_struct_oper_list.id                   1 
_pdbx_struct_oper_list.type                 'identity operation' 
_pdbx_struct_oper_list.name                 1_555 
_pdbx_struct_oper_list.symmetry_operation   x,y,z 
_pdbx_struct_oper_list.matrix[1][1]         1.0000000000 
_pdbx_struct_oper_list.matrix[1][2]         0.0000000000 
_pdbx_struct_oper_list.matrix[1][3]         0.0000000000 
_pdbx_struct_oper_list.vector[1]            0.0000000000 
_pdbx_struct_oper_list.matrix[2][1]         0.0000000000 
_pdbx_struct_oper_list.matrix[2][2]         1.0000000000 
_pdbx_struct_oper_list.matrix[2][3]         0.0000000000 
_pdbx_struct_oper_list.vector[2]            0.0000000000 
_pdbx_struct_oper_list.matrix[3][1]         0.0000000000 
_pdbx_struct_oper_list.matrix[3][2]         0.0000000000 
_pdbx_struct_oper_list.matrix[3][3]         1.0000000000 
_pdbx_struct_oper_list.vector[3]            0.0000000000 
# 
loop_
_struct_conf.conf_type_id 
_struct_conf.id 
_struct_conf.pdbx_PDB_helix_id 
_struct_conf.beg_label_comp_id 
_struct_conf.beg_label_asym_id 
_struct_conf.beg_label_seq_id 
_struct_conf.pdbx_beg_PDB_ins_code 
_struct_conf.end_label_comp_id 
_struct_conf.end_label_asym_id 
_struct_conf.end_label_seq_id 
_struct_conf.pdbx_end_PDB_ins_code 
_struct_conf.beg_auth_comp_id 
_struct_conf.beg_auth_asym_id 
_struct_conf.beg_auth_seq_id 
_struct_conf.end_auth_comp_id 
_struct_conf.end_auth_asym_id 
_struct_conf.end_auth_seq_id 
_struct_conf.pdbx_PDB_helix_class 
_struct_conf.details 
_struct_conf.pdbx_PDB_helix_length 
HELX_P HELX_P1 AA1 ASP A 6  ? THR A 12  ? ASP A 2794 THR A 2800 1 ? 7  
HELX_P HELX_P2 AA2 THR A 15 ? HIS A 32  ? THR A 2803 HIS A 2820 1 ? 18 
HELX_P HELX_P3 AA3 ALA A 35 ? LEU A 39  ? ALA A 2823 LEU A 2827 5 ? 5  
HELX_P HELX_P4 AA4 ASP A 43 ? ALA A 47  ? ASP A 2831 ALA A 2835 5 ? 5  
HELX_P HELX_P5 AA5 ASP A 49 ? ILE A 54  ? ASP A 2837 ILE A 2842 1 ? 6  
HELX_P HELX_P6 AA6 ASP A 59 ? ARG A 69  ? ASP A 2847 ARG A 2857 1 ? 11 
HELX_P HELX_P7 AA7 LYS A 74 ? ASN A 93  ? LYS A 2862 ASN A 2881 1 ? 20 
HELX_P HELX_P8 AA8 SER A 97 ? HIS A 123 ? SER A 2885 HIS A 2911 1 ? 27 
# 
_struct_conf_type.id          HELX_P 
_struct_conf_type.criteria    ? 
_struct_conf_type.reference   ? 
# 
loop_
_struct_site.id 
_struct_site.pdbx_evidence_code 
_struct_site.pdbx_auth_asym_id 
_struct_site.pdbx_auth_comp_id 
_struct_site.pdbx_auth_seq_id 
_struct_site.pdbx_auth_ins_code 
_struct_site.pdbx_num_residues 
_struct_site.details 
AC1 Software A DMS 3001 ? 5 'binding site for residue DMS A 3001' 
AC2 Software A TRS 3002 ? 9 'binding site for residue TRS A 3002' 
AC3 Software A RUY 3003 ? 5 'binding site for residue RUY A 3003' 
# 
loop_
_struct_site_gen.id 
_struct_site_gen.site_id 
_struct_site_gen.pdbx_num_res 
_struct_site_gen.label_comp_id 
_struct_site_gen.label_asym_id 
_struct_site_gen.label_seq_id 
_struct_site_gen.pdbx_auth_ins_code 
_struct_site_gen.auth_comp_id 
_struct_site_gen.auth_asym_id 
_struct_site_gen.auth_seq_id 
_struct_site_gen.label_atom_id 
_struct_site_gen.label_alt_id 
_struct_site_gen.symmetry 
_struct_site_gen.details 
1  AC1 5 GLN A 30  ? GLN A 2818 . ? 1_555 ? 
2  AC1 5 ALA A 31  ? ALA A 2819 . ? 1_555 ? 
3  AC1 5 HIS A 32  ? HIS A 2820 . ? 1_555 ? 
4  AC1 5 TRP A 36  ? TRP A 2824 . ? 1_555 ? 
5  AC1 5 HOH E .   ? HOH A 3163 . ? 1_555 ? 
6  AC2 9 LYS A 23  ? LYS A 2811 . ? 4_455 ? 
7  AC2 9 ARG A 27  ? ARG A 2815 . ? 4_455 ? 
8  AC2 9 SER A 28  ? SER A 2816 . ? 1_555 ? 
9  AC2 9 GLN A 68  ? GLN A 2856 . ? 4_455 ? 
10 AC2 9 PHE A 109 ? PHE A 2897 . ? 1_555 ? 
11 AC2 9 LYS A 113 ? LYS A 2901 . ? 1_555 ? 
12 AC2 9 HOH E .   ? HOH A 3101 . ? 1_555 ? 
13 AC2 9 HOH E .   ? HOH A 3155 . ? 4_455 ? 
14 AC2 9 HOH E .   ? HOH A 3176 . ? 1_555 ? 
15 AC3 5 PRO A 37  ? PRO A 2825 . ? 1_555 ? 
16 AC3 5 ALA A 47  ? ALA A 2835 . ? 1_555 ? 
17 AC3 5 CYS A 89  ? CYS A 2877 . ? 1_555 ? 
18 AC3 5 TYR A 92  ? TYR A 2880 . ? 1_555 ? 
19 AC3 5 ASN A 93  ? ASN A 2881 . ? 1_555 ? 
# 
_pdbx_validate_close_contact.id               1 
_pdbx_validate_close_contact.PDB_model_num    1 
_pdbx_validate_close_contact.auth_atom_id_1   O2 
_pdbx_validate_close_contact.auth_asym_id_1   A 
_pdbx_validate_close_contact.auth_comp_id_1   TRS 
_pdbx_validate_close_contact.auth_seq_id_1    3002 
_pdbx_validate_close_contact.PDB_ins_code_1   ? 
_pdbx_validate_close_contact.label_alt_id_1   ? 
_pdbx_validate_close_contact.auth_atom_id_2   O 
_pdbx_validate_close_contact.auth_asym_id_2   A 
_pdbx_validate_close_contact.auth_comp_id_2   HOH 
_pdbx_validate_close_contact.auth_seq_id_2    3101 
_pdbx_validate_close_contact.PDB_ins_code_2   ? 
_pdbx_validate_close_contact.label_alt_id_2   ? 
_pdbx_validate_close_contact.dist             2.17 
# 
_pdbx_validate_torsion.id              1 
_pdbx_validate_torsion.PDB_model_num   1 
_pdbx_validate_torsion.auth_comp_id    ALA 
_pdbx_validate_torsion.auth_asym_id    A 
_pdbx_validate_torsion.auth_seq_id     2835 
_pdbx_validate_torsion.PDB_ins_code    ? 
_pdbx_validate_torsion.label_alt_id    ? 
_pdbx_validate_torsion.phi             -155.60 
_pdbx_validate_torsion.psi             89.00 
# 
_phasing.method   MR 
# 
_pdbx_entry_details.entry_id                 5R4J 
_pdbx_entry_details.has_ligand_of_interest   Y 
_pdbx_entry_details.compound_details         ? 
_pdbx_entry_details.source_details           ? 
_pdbx_entry_details.nonpolymer_details       ? 
_pdbx_entry_details.sequence_details         ? 
# 
loop_
_pdbx_unobs_or_zero_occ_residues.id 
_pdbx_unobs_or_zero_occ_residues.PDB_model_num 
_pdbx_unobs_or_zero_occ_residues.polymer_flag 
_pdbx_unobs_or_zero_occ_residues.occupancy_flag 
_pdbx_unobs_or_zero_occ_residues.auth_asym_id 
_pdbx_unobs_or_zero_occ_residues.auth_comp_id 
_pdbx_unobs_or_zero_occ_residues.auth_seq_id 
_pdbx_unobs_or_zero_occ_residues.PDB_ins_code 
_pdbx_unobs_or_zero_occ_residues.label_asym_id 
_pdbx_unobs_or_zero_occ_residues.label_comp_id 
_pdbx_unobs_or_zero_occ_residues.label_seq_id 
1 1 Y 1 A SER 2789 ? A SER 1 
2 1 Y 1 A MET 2790 ? A MET 2 
3 1 Y 1 A SER 2791 ? A SER 3 
4 1 Y 1 A THR 2792 ? A THR 4 
# 
loop_
_chem_comp_atom.comp_id 
_chem_comp_atom.atom_id 
_chem_comp_atom.type_symbol 
_chem_comp_atom.pdbx_aromatic_flag 
_chem_comp_atom.pdbx_stereo_config 
_chem_comp_atom.pdbx_ordinal 
ALA N    N N N 1   
ALA CA   C N S 2   
ALA C    C N N 3   
ALA O    O N N 4   
ALA CB   C N N 5   
ALA OXT  O N N 6   
ALA H    H N N 7   
ALA H2   H N N 8   
ALA HA   H N N 9   
ALA HB1  H N N 10  
ALA HB2  H N N 11  
ALA HB3  H N N 12  
ALA HXT  H N N 13  
ARG N    N N N 14  
ARG CA   C N S 15  
ARG C    C N N 16  
ARG O    O N N 17  
ARG CB   C N N 18  
ARG CG   C N N 19  
ARG CD   C N N 20  
ARG NE   N N N 21  
ARG CZ   C N N 22  
ARG NH1  N N N 23  
ARG NH2  N N N 24  
ARG OXT  O N N 25  
ARG H    H N N 26  
ARG H2   H N N 27  
ARG HA   H N N 28  
ARG HB2  H N N 29  
ARG HB3  H N N 30  
ARG HG2  H N N 31  
ARG HG3  H N N 32  
ARG HD2  H N N 33  
ARG HD3  H N N 34  
ARG HE   H N N 35  
ARG HH11 H N N 36  
ARG HH12 H N N 37  
ARG HH21 H N N 38  
ARG HH22 H N N 39  
ARG HXT  H N N 40  
ASN N    N N N 41  
ASN CA   C N S 42  
ASN C    C N N 43  
ASN O    O N N 44  
ASN CB   C N N 45  
ASN CG   C N N 46  
ASN OD1  O N N 47  
ASN ND2  N N N 48  
ASN OXT  O N N 49  
ASN H    H N N 50  
ASN H2   H N N 51  
ASN HA   H N N 52  
ASN HB2  H N N 53  
ASN HB3  H N N 54  
ASN HD21 H N N 55  
ASN HD22 H N N 56  
ASN HXT  H N N 57  
ASP N    N N N 58  
ASP CA   C N S 59  
ASP C    C N N 60  
ASP O    O N N 61  
ASP CB   C N N 62  
ASP CG   C N N 63  
ASP OD1  O N N 64  
ASP OD2  O N N 65  
ASP OXT  O N N 66  
ASP H    H N N 67  
ASP H2   H N N 68  
ASP HA   H N N 69  
ASP HB2  H N N 70  
ASP HB3  H N N 71  
ASP HD2  H N N 72  
ASP HXT  H N N 73  
CYS N    N N N 74  
CYS CA   C N R 75  
CYS C    C N N 76  
CYS O    O N N 77  
CYS CB   C N N 78  
CYS SG   S N N 79  
CYS OXT  O N N 80  
CYS H    H N N 81  
CYS H2   H N N 82  
CYS HA   H N N 83  
CYS HB2  H N N 84  
CYS HB3  H N N 85  
CYS HG   H N N 86  
CYS HXT  H N N 87  
DMS S    S N N 88  
DMS O    O N N 89  
DMS C1   C N N 90  
DMS C2   C N N 91  
DMS H11  H N N 92  
DMS H12  H N N 93  
DMS H13  H N N 94  
DMS H21  H N N 95  
DMS H22  H N N 96  
DMS H23  H N N 97  
GLN N    N N N 98  
GLN CA   C N S 99  
GLN C    C N N 100 
GLN O    O N N 101 
GLN CB   C N N 102 
GLN CG   C N N 103 
GLN CD   C N N 104 
GLN OE1  O N N 105 
GLN NE2  N N N 106 
GLN OXT  O N N 107 
GLN H    H N N 108 
GLN H2   H N N 109 
GLN HA   H N N 110 
GLN HB2  H N N 111 
GLN HB3  H N N 112 
GLN HG2  H N N 113 
GLN HG3  H N N 114 
GLN HE21 H N N 115 
GLN HE22 H N N 116 
GLN HXT  H N N 117 
GLU N    N N N 118 
GLU CA   C N S 119 
GLU C    C N N 120 
GLU O    O N N 121 
GLU CB   C N N 122 
GLU CG   C N N 123 
GLU CD   C N N 124 
GLU OE1  O N N 125 
GLU OE2  O N N 126 
GLU OXT  O N N 127 
GLU H    H N N 128 
GLU H2   H N N 129 
GLU HA   H N N 130 
GLU HB2  H N N 131 
GLU HB3  H N N 132 
GLU HG2  H N N 133 
GLU HG3  H N N 134 
GLU HE2  H N N 135 
GLU HXT  H N N 136 
GLY N    N N N 137 
GLY CA   C N N 138 
GLY C    C N N 139 
GLY O    O N N 140 
GLY OXT  O N N 141 
GLY H    H N N 142 
GLY H2   H N N 143 
GLY HA2  H N N 144 
GLY HA3  H N N 145 
GLY HXT  H N N 146 
HIS N    N N N 147 
HIS CA   C N S 148 
HIS C    C N N 149 
HIS O    O N N 150 
HIS CB   C N N 151 
HIS CG   C Y N 152 
HIS ND1  N Y N 153 
HIS CD2  C Y N 154 
HIS CE1  C Y N 155 
HIS NE2  N Y N 156 
HIS OXT  O N N 157 
HIS H    H N N 158 
HIS H2   H N N 159 
HIS HA   H N N 160 
HIS HB2  H N N 161 
HIS HB3  H N N 162 
HIS HD1  H N N 163 
HIS HD2  H N N 164 
HIS HE1  H N N 165 
HIS HE2  H N N 166 
HIS HXT  H N N 167 
HOH O    O N N 168 
HOH H1   H N N 169 
HOH H2   H N N 170 
ILE N    N N N 171 
ILE CA   C N S 172 
ILE C    C N N 173 
ILE O    O N N 174 
ILE CB   C N S 175 
ILE CG1  C N N 176 
ILE CG2  C N N 177 
ILE CD1  C N N 178 
ILE OXT  O N N 179 
ILE H    H N N 180 
ILE H2   H N N 181 
ILE HA   H N N 182 
ILE HB   H N N 183 
ILE HG12 H N N 184 
ILE HG13 H N N 185 
ILE HG21 H N N 186 
ILE HG22 H N N 187 
ILE HG23 H N N 188 
ILE HD11 H N N 189 
ILE HD12 H N N 190 
ILE HD13 H N N 191 
ILE HXT  H N N 192 
LEU N    N N N 193 
LEU CA   C N S 194 
LEU C    C N N 195 
LEU O    O N N 196 
LEU CB   C N N 197 
LEU CG   C N N 198 
LEU CD1  C N N 199 
LEU CD2  C N N 200 
LEU OXT  O N N 201 
LEU H    H N N 202 
LEU H2   H N N 203 
LEU HA   H N N 204 
LEU HB2  H N N 205 
LEU HB3  H N N 206 
LEU HG   H N N 207 
LEU HD11 H N N 208 
LEU HD12 H N N 209 
LEU HD13 H N N 210 
LEU HD21 H N N 211 
LEU HD22 H N N 212 
LEU HD23 H N N 213 
LEU HXT  H N N 214 
LYS N    N N N 215 
LYS CA   C N S 216 
LYS C    C N N 217 
LYS O    O N N 218 
LYS CB   C N N 219 
LYS CG   C N N 220 
LYS CD   C N N 221 
LYS CE   C N N 222 
LYS NZ   N N N 223 
LYS OXT  O N N 224 
LYS H    H N N 225 
LYS H2   H N N 226 
LYS HA   H N N 227 
LYS HB2  H N N 228 
LYS HB3  H N N 229 
LYS HG2  H N N 230 
LYS HG3  H N N 231 
LYS HD2  H N N 232 
LYS HD3  H N N 233 
LYS HE2  H N N 234 
LYS HE3  H N N 235 
LYS HZ1  H N N 236 
LYS HZ2  H N N 237 
LYS HZ3  H N N 238 
LYS HXT  H N N 239 
MET N    N N N 240 
MET CA   C N S 241 
MET C    C N N 242 
MET O    O N N 243 
MET CB   C N N 244 
MET CG   C N N 245 
MET SD   S N N 246 
MET CE   C N N 247 
MET OXT  O N N 248 
MET H    H N N 249 
MET H2   H N N 250 
MET HA   H N N 251 
MET HB2  H N N 252 
MET HB3  H N N 253 
MET HG2  H N N 254 
MET HG3  H N N 255 
MET HE1  H N N 256 
MET HE2  H N N 257 
MET HE3  H N N 258 
MET HXT  H N N 259 
PHE N    N N N 260 
PHE CA   C N S 261 
PHE C    C N N 262 
PHE O    O N N 263 
PHE CB   C N N 264 
PHE CG   C Y N 265 
PHE CD1  C Y N 266 
PHE CD2  C Y N 267 
PHE CE1  C Y N 268 
PHE CE2  C Y N 269 
PHE CZ   C Y N 270 
PHE OXT  O N N 271 
PHE H    H N N 272 
PHE H2   H N N 273 
PHE HA   H N N 274 
PHE HB2  H N N 275 
PHE HB3  H N N 276 
PHE HD1  H N N 277 
PHE HD2  H N N 278 
PHE HE1  H N N 279 
PHE HE2  H N N 280 
PHE HZ   H N N 281 
PHE HXT  H N N 282 
PRO N    N N N 283 
PRO CA   C N S 284 
PRO C    C N N 285 
PRO O    O N N 286 
PRO CB   C N N 287 
PRO CG   C N N 288 
PRO CD   C N N 289 
PRO OXT  O N N 290 
PRO H    H N N 291 
PRO HA   H N N 292 
PRO HB2  H N N 293 
PRO HB3  H N N 294 
PRO HG2  H N N 295 
PRO HG3  H N N 296 
PRO HD2  H N N 297 
PRO HD3  H N N 298 
PRO HXT  H N N 299 
RUY N1   N N N 300 
RUY N3   N Y N 301 
RUY C4   C N N 302 
RUY C5   C N N 303 
RUY C6   C Y N 304 
RUY C7   C Y N 305 
RUY C1   C N N 306 
RUY C2   C N N 307 
RUY C3   C N N 308 
RUY N2   N Y N 309 
RUY N4   N N N 310 
RUY O1   O Y N 311 
RUY H1   H N N 312 
RUY H2   H N N 313 
RUY H3   H N N 314 
RUY H4   H N N 315 
RUY H5   H N N 316 
RUY H6   H N N 317 
RUY H7   H N N 318 
RUY H8   H N N 319 
RUY H9   H N N 320 
RUY H10  H N N 321 
RUY H11  H N N 322 
RUY H12  H N N 323 
SER N    N N N 324 
SER CA   C N S 325 
SER C    C N N 326 
SER O    O N N 327 
SER CB   C N N 328 
SER OG   O N N 329 
SER OXT  O N N 330 
SER H    H N N 331 
SER H2   H N N 332 
SER HA   H N N 333 
SER HB2  H N N 334 
SER HB3  H N N 335 
SER HG   H N N 336 
SER HXT  H N N 337 
THR N    N N N 338 
THR CA   C N S 339 
THR C    C N N 340 
THR O    O N N 341 
THR CB   C N R 342 
THR OG1  O N N 343 
THR CG2  C N N 344 
THR OXT  O N N 345 
THR H    H N N 346 
THR H2   H N N 347 
THR HA   H N N 348 
THR HB   H N N 349 
THR HG1  H N N 350 
THR HG21 H N N 351 
THR HG22 H N N 352 
THR HG23 H N N 353 
THR HXT  H N N 354 
TRP N    N N N 355 
TRP CA   C N S 356 
TRP C    C N N 357 
TRP O    O N N 358 
TRP CB   C N N 359 
TRP CG   C Y N 360 
TRP CD1  C Y N 361 
TRP CD2  C Y N 362 
TRP NE1  N Y N 363 
TRP CE2  C Y N 364 
TRP CE3  C Y N 365 
TRP CZ2  C Y N 366 
TRP CZ3  C Y N 367 
TRP CH2  C Y N 368 
TRP OXT  O N N 369 
TRP H    H N N 370 
TRP H2   H N N 371 
TRP HA   H N N 372 
TRP HB2  H N N 373 
TRP HB3  H N N 374 
TRP HD1  H N N 375 
TRP HE1  H N N 376 
TRP HE3  H N N 377 
TRP HZ2  H N N 378 
TRP HZ3  H N N 379 
TRP HH2  H N N 380 
TRP HXT  H N N 381 
TRS C    C N N 382 
TRS C1   C N N 383 
TRS C2   C N N 384 
TRS C3   C N N 385 
TRS N    N N N 386 
TRS O1   O N N 387 
TRS O2   O N N 388 
TRS O3   O N N 389 
TRS H11  H N N 390 
TRS H12  H N N 391 
TRS H21  H N N 392 
TRS H22  H N N 393 
TRS H31  H N N 394 
TRS H32  H N N 395 
TRS HN1  H N N 396 
TRS HN2  H N N 397 
TRS HN3  H N N 398 
TRS HO1  H N N 399 
TRS HO2  H N N 400 
TRS HO3  H N N 401 
TYR N    N N N 402 
TYR CA   C N S 403 
TYR C    C N N 404 
TYR O    O N N 405 
TYR CB   C N N 406 
TYR CG   C Y N 407 
TYR CD1  C Y N 408 
TYR CD2  C Y N 409 
TYR CE1  C Y N 410 
TYR CE2  C Y N 411 
TYR CZ   C Y N 412 
TYR OH   O N N 413 
TYR OXT  O N N 414 
TYR H    H N N 415 
TYR H2   H N N 416 
TYR HA   H N N 417 
TYR HB2  H N N 418 
TYR HB3  H N N 419 
TYR HD1  H N N 420 
TYR HD2  H N N 421 
TYR HE1  H N N 422 
TYR HE2  H N N 423 
TYR HH   H N N 424 
TYR HXT  H N N 425 
VAL N    N N N 426 
VAL CA   C N S 427 
VAL C    C N N 428 
VAL O    O N N 429 
VAL CB   C N N 430 
VAL CG1  C N N 431 
VAL CG2  C N N 432 
VAL OXT  O N N 433 
VAL H    H N N 434 
VAL H2   H N N 435 
VAL HA   H N N 436 
VAL HB   H N N 437 
VAL HG11 H N N 438 
VAL HG12 H N N 439 
VAL HG13 H N N 440 
VAL HG21 H N N 441 
VAL HG22 H N N 442 
VAL HG23 H N N 443 
VAL HXT  H N N 444 
# 
loop_
_chem_comp_bond.comp_id 
_chem_comp_bond.atom_id_1 
_chem_comp_bond.atom_id_2 
_chem_comp_bond.value_order 
_chem_comp_bond.pdbx_aromatic_flag 
_chem_comp_bond.pdbx_stereo_config 
_chem_comp_bond.pdbx_ordinal 
ALA N   CA   sing N N 1   
ALA N   H    sing N N 2   
ALA N   H2   sing N N 3   
ALA CA  C    sing N N 4   
ALA CA  CB   sing N N 5   
ALA CA  HA   sing N N 6   
ALA C   O    doub N N 7   
ALA C   OXT  sing N N 8   
ALA CB  HB1  sing N N 9   
ALA CB  HB2  sing N N 10  
ALA CB  HB3  sing N N 11  
ALA OXT HXT  sing N N 12  
ARG N   CA   sing N N 13  
ARG N   H    sing N N 14  
ARG N   H2   sing N N 15  
ARG CA  C    sing N N 16  
ARG CA  CB   sing N N 17  
ARG CA  HA   sing N N 18  
ARG C   O    doub N N 19  
ARG C   OXT  sing N N 20  
ARG CB  CG   sing N N 21  
ARG CB  HB2  sing N N 22  
ARG CB  HB3  sing N N 23  
ARG CG  CD   sing N N 24  
ARG CG  HG2  sing N N 25  
ARG CG  HG3  sing N N 26  
ARG CD  NE   sing N N 27  
ARG CD  HD2  sing N N 28  
ARG CD  HD3  sing N N 29  
ARG NE  CZ   sing N N 30  
ARG NE  HE   sing N N 31  
ARG CZ  NH1  sing N N 32  
ARG CZ  NH2  doub N N 33  
ARG NH1 HH11 sing N N 34  
ARG NH1 HH12 sing N N 35  
ARG NH2 HH21 sing N N 36  
ARG NH2 HH22 sing N N 37  
ARG OXT HXT  sing N N 38  
ASN N   CA   sing N N 39  
ASN N   H    sing N N 40  
ASN N   H2   sing N N 41  
ASN CA  C    sing N N 42  
ASN CA  CB   sing N N 43  
ASN CA  HA   sing N N 44  
ASN C   O    doub N N 45  
ASN C   OXT  sing N N 46  
ASN CB  CG   sing N N 47  
ASN CB  HB2  sing N N 48  
ASN CB  HB3  sing N N 49  
ASN CG  OD1  doub N N 50  
ASN CG  ND2  sing N N 51  
ASN ND2 HD21 sing N N 52  
ASN ND2 HD22 sing N N 53  
ASN OXT HXT  sing N N 54  
ASP N   CA   sing N N 55  
ASP N   H    sing N N 56  
ASP N   H2   sing N N 57  
ASP CA  C    sing N N 58  
ASP CA  CB   sing N N 59  
ASP CA  HA   sing N N 60  
ASP C   O    doub N N 61  
ASP C   OXT  sing N N 62  
ASP CB  CG   sing N N 63  
ASP CB  HB2  sing N N 64  
ASP CB  HB3  sing N N 65  
ASP CG  OD1  doub N N 66  
ASP CG  OD2  sing N N 67  
ASP OD2 HD2  sing N N 68  
ASP OXT HXT  sing N N 69  
CYS N   CA   sing N N 70  
CYS N   H    sing N N 71  
CYS N   H2   sing N N 72  
CYS CA  C    sing N N 73  
CYS CA  CB   sing N N 74  
CYS CA  HA   sing N N 75  
CYS C   O    doub N N 76  
CYS C   OXT  sing N N 77  
CYS CB  SG   sing N N 78  
CYS CB  HB2  sing N N 79  
CYS CB  HB3  sing N N 80  
CYS SG  HG   sing N N 81  
CYS OXT HXT  sing N N 82  
DMS S   O    doub N N 83  
DMS S   C1   sing N N 84  
DMS S   C2   sing N N 85  
DMS C1  H11  sing N N 86  
DMS C1  H12  sing N N 87  
DMS C1  H13  sing N N 88  
DMS C2  H21  sing N N 89  
DMS C2  H22  sing N N 90  
DMS C2  H23  sing N N 91  
GLN N   CA   sing N N 92  
GLN N   H    sing N N 93  
GLN N   H2   sing N N 94  
GLN CA  C    sing N N 95  
GLN CA  CB   sing N N 96  
GLN CA  HA   sing N N 97  
GLN C   O    doub N N 98  
GLN C   OXT  sing N N 99  
GLN CB  CG   sing N N 100 
GLN CB  HB2  sing N N 101 
GLN CB  HB3  sing N N 102 
GLN CG  CD   sing N N 103 
GLN CG  HG2  sing N N 104 
GLN CG  HG3  sing N N 105 
GLN CD  OE1  doub N N 106 
GLN CD  NE2  sing N N 107 
GLN NE2 HE21 sing N N 108 
GLN NE2 HE22 sing N N 109 
GLN OXT HXT  sing N N 110 
GLU N   CA   sing N N 111 
GLU N   H    sing N N 112 
GLU N   H2   sing N N 113 
GLU CA  C    sing N N 114 
GLU CA  CB   sing N N 115 
GLU CA  HA   sing N N 116 
GLU C   O    doub N N 117 
GLU C   OXT  sing N N 118 
GLU CB  CG   sing N N 119 
GLU CB  HB2  sing N N 120 
GLU CB  HB3  sing N N 121 
GLU CG  CD   sing N N 122 
GLU CG  HG2  sing N N 123 
GLU CG  HG3  sing N N 124 
GLU CD  OE1  doub N N 125 
GLU CD  OE2  sing N N 126 
GLU OE2 HE2  sing N N 127 
GLU OXT HXT  sing N N 128 
GLY N   CA   sing N N 129 
GLY N   H    sing N N 130 
GLY N   H2   sing N N 131 
GLY CA  C    sing N N 132 
GLY CA  HA2  sing N N 133 
GLY CA  HA3  sing N N 134 
GLY C   O    doub N N 135 
GLY C   OXT  sing N N 136 
GLY OXT HXT  sing N N 137 
HIS N   CA   sing N N 138 
HIS N   H    sing N N 139 
HIS N   H2   sing N N 140 
HIS CA  C    sing N N 141 
HIS CA  CB   sing N N 142 
HIS CA  HA   sing N N 143 
HIS C   O    doub N N 144 
HIS C   OXT  sing N N 145 
HIS CB  CG   sing N N 146 
HIS CB  HB2  sing N N 147 
HIS CB  HB3  sing N N 148 
HIS CG  ND1  sing Y N 149 
HIS CG  CD2  doub Y N 150 
HIS ND1 CE1  doub Y N 151 
HIS ND1 HD1  sing N N 152 
HIS CD2 NE2  sing Y N 153 
HIS CD2 HD2  sing N N 154 
HIS CE1 NE2  sing Y N 155 
HIS CE1 HE1  sing N N 156 
HIS NE2 HE2  sing N N 157 
HIS OXT HXT  sing N N 158 
HOH O   H1   sing N N 159 
HOH O   H2   sing N N 160 
ILE N   CA   sing N N 161 
ILE N   H    sing N N 162 
ILE N   H2   sing N N 163 
ILE CA  C    sing N N 164 
ILE CA  CB   sing N N 165 
ILE CA  HA   sing N N 166 
ILE C   O    doub N N 167 
ILE C   OXT  sing N N 168 
ILE CB  CG1  sing N N 169 
ILE CB  CG2  sing N N 170 
ILE CB  HB   sing N N 171 
ILE CG1 CD1  sing N N 172 
ILE CG1 HG12 sing N N 173 
ILE CG1 HG13 sing N N 174 
ILE CG2 HG21 sing N N 175 
ILE CG2 HG22 sing N N 176 
ILE CG2 HG23 sing N N 177 
ILE CD1 HD11 sing N N 178 
ILE CD1 HD12 sing N N 179 
ILE CD1 HD13 sing N N 180 
ILE OXT HXT  sing N N 181 
LEU N   CA   sing N N 182 
LEU N   H    sing N N 183 
LEU N   H2   sing N N 184 
LEU CA  C    sing N N 185 
LEU CA  CB   sing N N 186 
LEU CA  HA   sing N N 187 
LEU C   O    doub N N 188 
LEU C   OXT  sing N N 189 
LEU CB  CG   sing N N 190 
LEU CB  HB2  sing N N 191 
LEU CB  HB3  sing N N 192 
LEU CG  CD1  sing N N 193 
LEU CG  CD2  sing N N 194 
LEU CG  HG   sing N N 195 
LEU CD1 HD11 sing N N 196 
LEU CD1 HD12 sing N N 197 
LEU CD1 HD13 sing N N 198 
LEU CD2 HD21 sing N N 199 
LEU CD2 HD22 sing N N 200 
LEU CD2 HD23 sing N N 201 
LEU OXT HXT  sing N N 202 
LYS N   CA   sing N N 203 
LYS N   H    sing N N 204 
LYS N   H2   sing N N 205 
LYS CA  C    sing N N 206 
LYS CA  CB   sing N N 207 
LYS CA  HA   sing N N 208 
LYS C   O    doub N N 209 
LYS C   OXT  sing N N 210 
LYS CB  CG   sing N N 211 
LYS CB  HB2  sing N N 212 
LYS CB  HB3  sing N N 213 
LYS CG  CD   sing N N 214 
LYS CG  HG2  sing N N 215 
LYS CG  HG3  sing N N 216 
LYS CD  CE   sing N N 217 
LYS CD  HD2  sing N N 218 
LYS CD  HD3  sing N N 219 
LYS CE  NZ   sing N N 220 
LYS CE  HE2  sing N N 221 
LYS CE  HE3  sing N N 222 
LYS NZ  HZ1  sing N N 223 
LYS NZ  HZ2  sing N N 224 
LYS NZ  HZ3  sing N N 225 
LYS OXT HXT  sing N N 226 
MET N   CA   sing N N 227 
MET N   H    sing N N 228 
MET N   H2   sing N N 229 
MET CA  C    sing N N 230 
MET CA  CB   sing N N 231 
MET CA  HA   sing N N 232 
MET C   O    doub N N 233 
MET C   OXT  sing N N 234 
MET CB  CG   sing N N 235 
MET CB  HB2  sing N N 236 
MET CB  HB3  sing N N 237 
MET CG  SD   sing N N 238 
MET CG  HG2  sing N N 239 
MET CG  HG3  sing N N 240 
MET SD  CE   sing N N 241 
MET CE  HE1  sing N N 242 
MET CE  HE2  sing N N 243 
MET CE  HE3  sing N N 244 
MET OXT HXT  sing N N 245 
PHE N   CA   sing N N 246 
PHE N   H    sing N N 247 
PHE N   H2   sing N N 248 
PHE CA  C    sing N N 249 
PHE CA  CB   sing N N 250 
PHE CA  HA   sing N N 251 
PHE C   O    doub N N 252 
PHE C   OXT  sing N N 253 
PHE CB  CG   sing N N 254 
PHE CB  HB2  sing N N 255 
PHE CB  HB3  sing N N 256 
PHE CG  CD1  doub Y N 257 
PHE CG  CD2  sing Y N 258 
PHE CD1 CE1  sing Y N 259 
PHE CD1 HD1  sing N N 260 
PHE CD2 CE2  doub Y N 261 
PHE CD2 HD2  sing N N 262 
PHE CE1 CZ   doub Y N 263 
PHE CE1 HE1  sing N N 264 
PHE CE2 CZ   sing Y N 265 
PHE CE2 HE2  sing N N 266 
PHE CZ  HZ   sing N N 267 
PHE OXT HXT  sing N N 268 
PRO N   CA   sing N N 269 
PRO N   CD   sing N N 270 
PRO N   H    sing N N 271 
PRO CA  C    sing N N 272 
PRO CA  CB   sing N N 273 
PRO CA  HA   sing N N 274 
PRO C   O    doub N N 275 
PRO C   OXT  sing N N 276 
PRO CB  CG   sing N N 277 
PRO CB  HB2  sing N N 278 
PRO CB  HB3  sing N N 279 
PRO CG  CD   sing N N 280 
PRO CG  HG2  sing N N 281 
PRO CG  HG3  sing N N 282 
PRO CD  HD2  sing N N 283 
PRO CD  HD3  sing N N 284 
PRO OXT HXT  sing N N 285 
RUY C2  C1   sing N N 286 
RUY C2  C3   sing N N 287 
RUY C1  C5   sing N N 288 
RUY C3  N1   sing N N 289 
RUY C5  C4   sing N N 290 
RUY C4  N1   sing N N 291 
RUY N1  C6   sing N N 292 
RUY N4  C7   sing N N 293 
RUY C6  C7   sing Y N 294 
RUY C6  N3   doub Y N 295 
RUY C7  N2   doub Y N 296 
RUY N3  O1   sing Y N 297 
RUY N2  O1   sing Y N 298 
RUY C4  H1   sing N N 299 
RUY C4  H2   sing N N 300 
RUY C5  H3   sing N N 301 
RUY C5  H4   sing N N 302 
RUY C1  H5   sing N N 303 
RUY C1  H6   sing N N 304 
RUY C2  H7   sing N N 305 
RUY C2  H8   sing N N 306 
RUY C3  H9   sing N N 307 
RUY C3  H10  sing N N 308 
RUY N4  H11  sing N N 309 
RUY N4  H12  sing N N 310 
SER N   CA   sing N N 311 
SER N   H    sing N N 312 
SER N   H2   sing N N 313 
SER CA  C    sing N N 314 
SER CA  CB   sing N N 315 
SER CA  HA   sing N N 316 
SER C   O    doub N N 317 
SER C   OXT  sing N N 318 
SER CB  OG   sing N N 319 
SER CB  HB2  sing N N 320 
SER CB  HB3  sing N N 321 
SER OG  HG   sing N N 322 
SER OXT HXT  sing N N 323 
THR N   CA   sing N N 324 
THR N   H    sing N N 325 
THR N   H2   sing N N 326 
THR CA  C    sing N N 327 
THR CA  CB   sing N N 328 
THR CA  HA   sing N N 329 
THR C   O    doub N N 330 
THR C   OXT  sing N N 331 
THR CB  OG1  sing N N 332 
THR CB  CG2  sing N N 333 
THR CB  HB   sing N N 334 
THR OG1 HG1  sing N N 335 
THR CG2 HG21 sing N N 336 
THR CG2 HG22 sing N N 337 
THR CG2 HG23 sing N N 338 
THR OXT HXT  sing N N 339 
TRP N   CA   sing N N 340 
TRP N   H    sing N N 341 
TRP N   H2   sing N N 342 
TRP CA  C    sing N N 343 
TRP CA  CB   sing N N 344 
TRP CA  HA   sing N N 345 
TRP C   O    doub N N 346 
TRP C   OXT  sing N N 347 
TRP CB  CG   sing N N 348 
TRP CB  HB2  sing N N 349 
TRP CB  HB3  sing N N 350 
TRP CG  CD1  doub Y N 351 
TRP CG  CD2  sing Y N 352 
TRP CD1 NE1  sing Y N 353 
TRP CD1 HD1  sing N N 354 
TRP CD2 CE2  doub Y N 355 
TRP CD2 CE3  sing Y N 356 
TRP NE1 CE2  sing Y N 357 
TRP NE1 HE1  sing N N 358 
TRP CE2 CZ2  sing Y N 359 
TRP CE3 CZ3  doub Y N 360 
TRP CE3 HE3  sing N N 361 
TRP CZ2 CH2  doub Y N 362 
TRP CZ2 HZ2  sing N N 363 
TRP CZ3 CH2  sing Y N 364 
TRP CZ3 HZ3  sing N N 365 
TRP CH2 HH2  sing N N 366 
TRP OXT HXT  sing N N 367 
TRS C   C1   sing N N 368 
TRS C   C2   sing N N 369 
TRS C   C3   sing N N 370 
TRS C   N    sing N N 371 
TRS C1  O1   sing N N 372 
TRS C1  H11  sing N N 373 
TRS C1  H12  sing N N 374 
TRS C2  O2   sing N N 375 
TRS C2  H21  sing N N 376 
TRS C2  H22  sing N N 377 
TRS C3  O3   sing N N 378 
TRS C3  H31  sing N N 379 
TRS C3  H32  sing N N 380 
TRS N   HN1  sing N N 381 
TRS N   HN2  sing N N 382 
TRS N   HN3  sing N N 383 
TRS O1  HO1  sing N N 384 
TRS O2  HO2  sing N N 385 
TRS O3  HO3  sing N N 386 
TYR N   CA   sing N N 387 
TYR N   H    sing N N 388 
TYR N   H2   sing N N 389 
TYR CA  C    sing N N 390 
TYR CA  CB   sing N N 391 
TYR CA  HA   sing N N 392 
TYR C   O    doub N N 393 
TYR C   OXT  sing N N 394 
TYR CB  CG   sing N N 395 
TYR CB  HB2  sing N N 396 
TYR CB  HB3  sing N N 397 
TYR CG  CD1  doub Y N 398 
TYR CG  CD2  sing Y N 399 
TYR CD1 CE1  sing Y N 400 
TYR CD1 HD1  sing N N 401 
TYR CD2 CE2  doub Y N 402 
TYR CD2 HD2  sing N N 403 
TYR CE1 CZ   doub Y N 404 
TYR CE1 HE1  sing N N 405 
TYR CE2 CZ   sing Y N 406 
TYR CE2 HE2  sing N N 407 
TYR CZ  OH   sing N N 408 
TYR OH  HH   sing N N 409 
TYR OXT HXT  sing N N 410 
VAL N   CA   sing N N 411 
VAL N   H    sing N N 412 
VAL N   H2   sing N N 413 
VAL CA  C    sing N N 414 
VAL CA  CB   sing N N 415 
VAL CA  HA   sing N N 416 
VAL C   O    doub N N 417 
VAL C   OXT  sing N N 418 
VAL CB  CG1  sing N N 419 
VAL CB  CG2  sing N N 420 
VAL CB  HB   sing N N 421 
VAL CG1 HG11 sing N N 422 
VAL CG1 HG12 sing N N 423 
VAL CG1 HG13 sing N N 424 
VAL CG2 HG21 sing N N 425 
VAL CG2 HG22 sing N N 426 
VAL CG2 HG23 sing N N 427 
VAL OXT HXT  sing N N 428 
# 
_pdbx_deposit_group.group_id            G_1002123 
_pdbx_deposit_group.group_description   
;BROMODOMAIN OF HUMAN NUCLEOSOME-REMODELING FACTOR SUBUNIT BPTF screened against the 3D-Fragment Consortium Library by
X-ray Crystallography at the XChem facility of Diamond Light Source beamline I04-1
;
_pdbx_deposit_group.group_title         
;PanDDA analysis group deposition of the bromodomain of human nucleosome-remodeling factor subunit BPTF fragment
screening
;
_pdbx_deposit_group.group_type          'changed state' 
# 
_pdbx_entity_instance_feature.ordinal        1 
_pdbx_entity_instance_feature.comp_id        RUY 
_pdbx_entity_instance_feature.asym_id        ? 
_pdbx_entity_instance_feature.seq_num        ? 
_pdbx_entity_instance_feature.auth_comp_id   RUY 
_pdbx_entity_instance_feature.auth_asym_id   ? 
_pdbx_entity_instance_feature.auth_seq_num   ? 
_pdbx_entity_instance_feature.feature_type   'SUBJECT OF INVESTIGATION' 
_pdbx_entity_instance_feature.details        ? 
# 
_atom_sites.entry_id                    5R4J 
_atom_sites.fract_transf_matrix[1][1]   -0.00538047 
_atom_sites.fract_transf_matrix[1][2]   0.00234471 
_atom_sites.fract_transf_matrix[1][3]   -0.00679023 
_atom_sites.fract_transf_matrix[2][1]   0.02915558 
_atom_sites.fract_transf_matrix[2][2]   0.00574786 
_atom_sites.fract_transf_matrix[2][3]   -0.02111763 
_atom_sites.fract_transf_matrix[3][1]   -0.00250321 
_atom_sites.fract_transf_matrix[3][2]   -0.02417809 
_atom_sites.fract_transf_matrix[3][3]   -0.01003687 
_atom_sites.fract_transf_vector[1]      -0.130290 
_atom_sites.fract_transf_vector[2]      0.445178 
_atom_sites.fract_transf_vector[3]      0.043537 
# 
loop_
_atom_type.symbol 
C 
N 
O 
S 
# 
loop_
_atom_site.group_PDB 
_atom_site.id 
_atom_site.type_symbol 
_atom_site.label_atom_id 
_atom_site.label_alt_id 
_atom_site.label_comp_id 
_atom_site.label_asym_id 
_atom_site.label_entity_id 
_atom_site.label_seq_id 
_atom_site.pdbx_PDB_ins_code 
_atom_site.Cartn_x 
_atom_site.Cartn_y 
_atom_site.Cartn_z 
_atom_site.occupancy 
_atom_site.B_iso_or_equiv 
_atom_site.pdbx_formal_charge 
_atom_site.auth_seq_id 
_atom_site.auth_comp_id 
_atom_site.auth_asym_id 
_atom_site.auth_atom_id 
_atom_site.pdbx_PDB_model_num 
ATOM   1    N N   . GLU A 1 5   ? -0.228  -9.844  -13.707 1.00 38.78 ? 2793 GLU A N   1 
ATOM   2    C CA  . GLU A 1 5   ? 0.626   -10.567 -12.712 1.00 37.48 ? 2793 GLU A CA  1 
ATOM   3    C C   . GLU A 1 5   ? 0.939   -11.982 -13.244 1.00 37.26 ? 2793 GLU A C   1 
ATOM   4    O O   . GLU A 1 5   ? 0.089   -12.606 -13.894 1.00 39.38 ? 2793 GLU A O   1 
ATOM   5    C CB  . GLU A 1 5   ? -0.076  -10.601 -11.346 1.00 36.57 ? 2793 GLU A CB  1 
ATOM   6    C CG  . GLU A 1 5   ? -0.359  -9.212  -10.756 1.00 36.52 ? 2793 GLU A CG  1 
ATOM   7    C CD  . GLU A 1 5   ? -1.187  -9.236  -9.469  1.00 37.12 ? 2793 GLU A CD  1 
ATOM   8    O OE1 . GLU A 1 5   ? -2.103  -10.087 -9.376  1.00 38.97 ? 2793 GLU A OE1 1 
ATOM   9    O OE2 . GLU A 1 5   ? -0.947  -8.391  -8.560  1.00 31.95 ? 2793 GLU A OE2 1 
ATOM   10   N N   A ASP A 1 6   ? 2.149   -12.473 -12.971 0.25 36.62 ? 2794 ASP A N   1 
ATOM   11   N N   B ASP A 1 6   ? 2.140   -12.474 -12.935 0.25 37.62 ? 2794 ASP A N   1 
ATOM   12   C CA  A ASP A 1 6   ? 2.613   -13.757 -13.511 0.25 35.42 ? 2794 ASP A CA  1 
ATOM   13   C CA  B ASP A 1 6   ? 2.648   -13.749 -13.451 0.25 37.01 ? 2794 ASP A CA  1 
ATOM   14   C C   A ASP A 1 6   ? 2.101   -14.934 -12.668 0.25 35.97 ? 2794 ASP A C   1 
ATOM   15   C C   B ASP A 1 6   ? 2.019   -14.954 -12.732 0.25 36.76 ? 2794 ASP A C   1 
ATOM   16   O O   A ASP A 1 6   ? 1.294   -14.735 -11.756 0.25 37.66 ? 2794 ASP A O   1 
ATOM   17   O O   B ASP A 1 6   ? 1.046   -14.804 -11.991 0.25 38.06 ? 2794 ASP A O   1 
ATOM   18   C CB  A ASP A 1 6   ? 4.146   -13.753 -13.627 0.25 33.94 ? 2794 ASP A CB  1 
ATOM   19   C CB  B ASP A 1 6   ? 4.175   -13.776 -13.306 0.25 36.84 ? 2794 ASP A CB  1 
ATOM   20   C CG  A ASP A 1 6   ? 4.844   -13.850 -12.285 0.25 33.58 ? 2794 ASP A CG  1 
ATOM   21   C CG  B ASP A 1 6   ? 4.618   -13.894 -11.861 0.25 37.59 ? 2794 ASP A CG  1 
ATOM   22   O OD1 A ASP A 1 6   ? 4.197   -14.246 -11.292 0.25 31.40 ? 2794 ASP A OD1 1 
ATOM   23   O OD1 B ASP A 1 6   ? 3.901   -13.367 -10.992 0.25 38.42 ? 2794 ASP A OD1 1 
ATOM   24   O OD2 A ASP A 1 6   ? 6.054   -13.534 -12.229 0.25 33.54 ? 2794 ASP A OD2 1 
ATOM   25   O OD2 B ASP A 1 6   ? 5.676   -14.501 -11.590 0.25 38.82 ? 2794 ASP A OD2 1 
ATOM   26   N N   . ALA A 1 7   ? 2.556   -16.147 -12.980 1.00 35.67 ? 2795 ALA A N   1 
ATOM   27   C CA  . ALA A 1 7   ? 2.137   -17.372 -12.255 1.00 35.61 ? 2795 ALA A CA  1 
ATOM   28   C C   . ALA A 1 7   ? 2.413   -17.306 -10.743 1.00 34.34 ? 2795 ALA A C   1 
ATOM   29   O O   . ALA A 1 7   ? 1.483   -17.426 -9.921  1.00 36.52 ? 2795 ALA A O   1 
ATOM   30   C CB  . ALA A 1 7   ? 2.833   -18.583 -12.841 1.00 36.75 ? 2795 ALA A CB  1 
ATOM   31   N N   . MET A 1 8   ? 3.670   -17.027 -10.409 1.00 29.14 ? 2796 MET A N   1 
ATOM   32   C CA  . MET A 1 8   ? 4.160   -17.027 -9.021  1.00 28.24 ? 2796 MET A CA  1 
ATOM   33   C C   . MET A 1 8   ? 3.398   -16.054 -8.087  1.00 25.30 ? 2796 MET A C   1 
ATOM   34   O O   . MET A 1 8   ? 3.247   -16.335 -6.904  1.00 20.86 ? 2796 MET A O   1 
ATOM   35   C CB  . MET A 1 8   ? 5.682   -16.709 -9.013  1.00 30.19 ? 2796 MET A CB  1 
ATOM   36   C CG  . MET A 1 8   ? 6.429   -17.105 -7.733  1.00 33.93 ? 2796 MET A CG  1 
ATOM   37   S SD  . MET A 1 8   ? 8.196   -16.663 -7.650  1.00 36.65 ? 2796 MET A SD  1 
ATOM   38   C CE  . MET A 1 8   ? 8.672   -17.600 -6.191  1.00 36.06 ? 2796 MET A CE  1 
ATOM   39   N N   . THR A 1 9   ? 2.928   -14.920 -8.607  1.00 25.63 ? 2797 THR A N   1 
ATOM   40   C CA  . THR A 1 9   ? 2.381   -13.829 -7.758  1.00 25.85 ? 2797 THR A CA  1 
ATOM   41   C C   . THR A 1 9   ? 1.012   -14.210 -7.232  1.00 27.48 ? 2797 THR A C   1 
ATOM   42   O O   . THR A 1 9   ? 0.700   -14.073 -6.031  1.00 20.16 ? 2797 THR A O   1 
ATOM   43   C CB  . THR A 1 9   ? 2.273   -12.492 -8.547  1.00 27.33 ? 2797 THR A CB  1 
ATOM   44   O OG1 . THR A 1 9   ? 3.587   -12.011 -8.843  1.00 30.01 ? 2797 THR A OG1 1 
ATOM   45   C CG2 . THR A 1 9   ? 1.527   -11.400 -7.761  1.00 28.47 ? 2797 THR A CG2 1 
ATOM   46   N N   . VAL A 1 10  ? 0.195   -14.678 -8.167  1.00 31.85 ? 2798 VAL A N   1 
ATOM   47   C CA  . VAL A 1 10  ? -1.159  -15.097 -7.887  1.00 34.14 ? 2798 VAL A CA  1 
ATOM   48   C C   . VAL A 1 10  ? -1.119  -16.364 -7.039  1.00 35.38 ? 2798 VAL A C   1 
ATOM   49   O O   . VAL A 1 10  ? -1.792  -16.441 -6.023  1.00 35.51 ? 2798 VAL A O   1 
ATOM   50   C CB  . VAL A 1 10  ? -1.934  -15.357 -9.206  1.00 34.66 ? 2798 VAL A CB  1 
ATOM   51   C CG1 . VAL A 1 10  ? -3.328  -15.907 -8.936  1.00 36.17 ? 2798 VAL A CG1 1 
ATOM   52   C CG2 . VAL A 1 10  ? -2.004  -14.079 -10.050 1.00 35.27 ? 2798 VAL A CG2 1 
ATOM   53   N N   . LEU A 1 11  ? -0.292  -17.323 -7.450  1.00 38.79 ? 2799 LEU A N   1 
ATOM   54   C CA  . LEU A 1 11  ? -0.442  -18.726 -7.035  1.00 38.32 ? 2799 LEU A CA  1 
ATOM   55   C C   . LEU A 1 11  ? 0.399   -19.199 -5.864  1.00 37.29 ? 2799 LEU A C   1 
ATOM   56   O O   . LEU A 1 11  ? 0.021   -20.164 -5.201  1.00 35.66 ? 2799 LEU A O   1 
ATOM   57   C CB  . LEU A 1 11  ? -0.155  -19.652 -8.225  1.00 40.58 ? 2799 LEU A CB  1 
ATOM   58   C CG  . LEU A 1 11  ? -1.276  -19.725 -9.245  1.00 41.40 ? 2799 LEU A CG  1 
ATOM   59   C CD1 . LEU A 1 11  ? -0.785  -20.403 -10.505 1.00 41.23 ? 2799 LEU A CD1 1 
ATOM   60   C CD2 . LEU A 1 11  ? -2.459  -20.476 -8.674  1.00 42.53 ? 2799 LEU A CD2 1 
ATOM   61   N N   . THR A 1 12  ? 1.532   -18.562 -5.603  1.00 31.83 ? 2800 THR A N   1 
ATOM   62   C CA  . THR A 1 12  ? 2.469   -19.162 -4.667  1.00 29.18 ? 2800 THR A CA  1 
ATOM   63   C C   . THR A 1 12  ? 2.040   -18.718 -3.260  1.00 26.96 ? 2800 THR A C   1 
ATOM   64   O O   . THR A 1 12  ? 1.826   -17.526 -3.022  1.00 27.21 ? 2800 THR A O   1 
ATOM   65   C CB  . THR A 1 12  ? 3.921   -18.832 -5.039  1.00 30.06 ? 2800 THR A CB  1 
ATOM   66   O OG1 . THR A 1 12  ? 4.163   -19.346 -6.361  1.00 31.31 ? 2800 THR A OG1 1 
ATOM   67   C CG2 . THR A 1 12  ? 4.910   -19.512 -4.092  1.00 31.31 ? 2800 THR A CG2 1 
ATOM   68   N N   . PRO A 1 13  ? 1.806   -19.681 -2.349  1.00 22.96 ? 2801 PRO A N   1 
ATOM   69   C CA  . PRO A 1 13  ? 1.612   -19.244 -0.964  1.00 21.64 ? 2801 PRO A CA  1 
ATOM   70   C C   . PRO A 1 13  ? 2.800   -18.467 -0.440  1.00 20.38 ? 2801 PRO A C   1 
ATOM   71   O O   . PRO A 1 13  ? 3.933   -18.724 -0.840  1.00 20.48 ? 2801 PRO A O   1 
ATOM   72   C CB  . PRO A 1 13  ? 1.465   -20.553 -0.186  1.00 22.22 ? 2801 PRO A CB  1 
ATOM   73   C CG  . PRO A 1 13  ? 1.181   -21.614 -1.189  1.00 22.74 ? 2801 PRO A CG  1 
ATOM   74   C CD  . PRO A 1 13  ? 1.279   -21.046 -2.565  1.00 23.08 ? 2801 PRO A CD  1 
ATOM   75   N N   . LEU A 1 14  ? 2.538   -17.514 0.454   1.00 17.88 ? 2802 LEU A N   1 
ATOM   76   C CA  . LEU A 1 14  ? 3.604   -16.747 1.078   1.00 18.29 ? 2802 LEU A CA  1 
ATOM   77   C C   . LEU A 1 14  ? 4.265   -17.585 2.167   1.00 18.98 ? 2802 LEU A C   1 
ATOM   78   O O   . LEU A 1 14  ? 3.596   -18.074 3.069   1.00 21.75 ? 2802 LEU A O   1 
ATOM   79   C CB  . LEU A 1 14  ? 3.072   -15.426 1.670   1.00 17.64 ? 2802 LEU A CB  1 
ATOM   80   C CG  . LEU A 1 14  ? 2.565   -14.403 0.644   1.00 17.41 ? 2802 LEU A CG  1 
ATOM   81   C CD1 . LEU A 1 14  ? 1.719   -13.334 1.332   1.00 17.20 ? 2802 LEU A CD1 1 
ATOM   82   C CD2 . LEU A 1 14  ? 3.716   -13.770 -0.132  1.00 17.26 ? 2802 LEU A CD2 1 
ATOM   83   N N   . THR A 1 15  ? 5.578   -17.702 2.084   1.00 18.83 ? 2803 THR A N   1 
ATOM   84   C CA  . THR A 1 15  ? 6.379   -18.420 3.093   1.00 18.81 ? 2803 THR A CA  1 
ATOM   85   C C   . THR A 1 15  ? 6.849   -17.483 4.208   1.00 18.93 ? 2803 THR A C   1 
ATOM   86   O O   . THR A 1 15  ? 6.694   -16.277 4.095   1.00 17.51 ? 2803 THR A O   1 
ATOM   87   C CB  . THR A 1 15  ? 7.616   -19.022 2.427   1.00 19.52 ? 2803 THR A CB  1 
ATOM   88   O OG1 . THR A 1 15  ? 8.489   -17.961 2.000   1.00 18.37 ? 2803 THR A OG1 1 
ATOM   89   C CG2 . THR A 1 15  ? 7.225   -19.918 1.235   1.00 19.52 ? 2803 THR A CG2 1 
ATOM   90   N N   . GLU A 1 16  ? 7.455   -18.007 5.282   1.00 19.46 ? 2804 GLU A N   1 
ATOM   91   C CA  . GLU A 1 16  ? 8.050   -17.101 6.293   1.00 21.69 ? 2804 GLU A CA  1 
ATOM   92   C C   . GLU A 1 16  ? 9.158   -16.196 5.730   1.00 21.11 ? 2804 GLU A C   1 
ATOM   93   O O   . GLU A 1 16  ? 9.250   -15.025 6.113   1.00 19.43 ? 2804 GLU A O   1 
ATOM   94   C CB  . GLU A 1 16  ? 8.494   -17.846 7.570   1.00 24.69 ? 2804 GLU A CB  1 
ATOM   95   C CG  . GLU A 1 16  ? 7.325   -18.111 8.525   1.00 27.35 ? 2804 GLU A CG  1 
ATOM   96   C CD  . GLU A 1 16  ? 6.740   -16.840 9.154   1.00 30.12 ? 2804 GLU A CD  1 
ATOM   97   O OE1 . GLU A 1 16  ? 7.453   -16.175 9.930   1.00 34.40 ? 2804 GLU A OE1 1 
ATOM   98   O OE2 . GLU A 1 16  ? 5.559   -16.513 8.885   1.00 31.40 ? 2804 GLU A OE2 1 
ATOM   99   N N   . LYS A 1 17  ? 9.964   -16.691 4.784   1.00 21.28 ? 2805 LYS A N   1 
ATOM   100  C CA  . LYS A 1 17  ? 10.985  -15.852 4.145   1.00 22.49 ? 2805 LYS A CA  1 
ATOM   101  C C   . LYS A 1 17  ? 10.355  -14.733 3.301   1.00 19.88 ? 2805 LYS A C   1 
ATOM   102  O O   . LYS A 1 17  ? 10.821  -13.591 3.319   1.00 19.34 ? 2805 LYS A O   1 
ATOM   103  C CB  . LYS A 1 17  ? 11.949  -16.696 3.305   1.00 25.70 ? 2805 LYS A CB  1 
ATOM   104  C CG  . LYS A 1 17  ? 13.249  -15.985 2.986   1.00 29.21 ? 2805 LYS A CG  1 
ATOM   105  C CD  . LYS A 1 17  ? 14.080  -16.729 1.942   1.00 32.66 ? 2805 LYS A CD  1 
ATOM   106  C CE  . LYS A 1 17  ? 14.492  -18.120 2.402   1.00 34.32 ? 2805 LYS A CE  1 
ATOM   107  N NZ  . LYS A 1 17  ? 13.636  -19.199 1.825   1.00 35.74 ? 2805 LYS A NZ  1 
ATOM   108  N N   . ASP A 1 18  ? 9.279   -15.051 2.588   1.00 17.46 ? 2806 ASP A N   1 
ATOM   109  C CA  . ASP A 1 18  ? 8.500   -14.026 1.880   1.00 16.76 ? 2806 ASP A CA  1 
ATOM   110  C C   . ASP A 1 18  ? 8.029   -12.933 2.858   1.00 15.73 ? 2806 ASP A C   1 
ATOM   111  O O   . ASP A 1 18  ? 8.064   -11.746 2.527   1.00 14.17 ? 2806 ASP A O   1 
ATOM   112  C CB  . ASP A 1 18  ? 7.258   -14.633 1.196   1.00 16.65 ? 2806 ASP A CB  1 
ATOM   113  C CG  . ASP A 1 18  ? 7.579   -15.469 -0.052  1.00 18.03 ? 2806 ASP A CG  1 
ATOM   114  O OD1 . ASP A 1 18  ? 8.579   -15.187 -0.740  1.00 17.74 ? 2806 ASP A OD1 1 
ATOM   115  O OD2 . ASP A 1 18  ? 6.775   -16.386 -0.367  1.00 17.31 ? 2806 ASP A OD2 1 
ATOM   116  N N   . TYR A 1 19  ? 7.577   -13.332 4.049   1.00 15.77 ? 2807 TYR A N   1 
ATOM   117  C CA  . TYR A 1 19  ? 7.071   -12.364 5.030   1.00 15.03 ? 2807 TYR A CA  1 
ATOM   118  C C   . TYR A 1 19  ? 8.158   -11.419 5.547   1.00 16.39 ? 2807 TYR A C   1 
ATOM   119  O O   . TYR A 1 19  ? 7.873   -10.263 5.801   1.00 16.11 ? 2807 TYR A O   1 
ATOM   120  C CB  . TYR A 1 19  ? 6.300   -13.029 6.194   1.00 14.39 ? 2807 TYR A CB  1 
ATOM   121  C CG  . TYR A 1 19  ? 4.802   -12.952 6.010   1.00 14.02 ? 2807 TYR A CG  1 
ATOM   122  C CD1 . TYR A 1 19  ? 4.089   -13.969 5.387   1.00 13.38 ? 2807 TYR A CD1 1 
ATOM   123  C CD2 . TYR A 1 19  ? 4.100   -11.846 6.452   1.00 14.68 ? 2807 TYR A CD2 1 
ATOM   124  C CE1 . TYR A 1 19  ? 2.716   -13.882 5.206   1.00 13.92 ? 2807 TYR A CE1 1 
ATOM   125  C CE2 . TYR A 1 19  ? 2.738   -11.756 6.284   1.00 13.75 ? 2807 TYR A CE2 1 
ATOM   126  C CZ  . TYR A 1 19  ? 2.040   -12.758 5.659   1.00 13.02 ? 2807 TYR A CZ  1 
ATOM   127  O OH  . TYR A 1 19  ? 0.670   -12.631 5.527   1.00 13.22 ? 2807 TYR A OH  1 
ATOM   128  N N   . GLU A 1 20  ? 9.402   -11.885 5.669   1.00 18.05 ? 2808 GLU A N   1 
ATOM   129  C CA  . GLU A 1 20  ? 10.492  -10.967 6.007   1.00 19.97 ? 2808 GLU A CA  1 
ATOM   130  C C   . GLU A 1 20  ? 10.698  -9.899  4.925   1.00 19.13 ? 2808 GLU A C   1 
ATOM   131  O O   . GLU A 1 20  ? 10.947  -8.743  5.255   1.00 18.89 ? 2808 GLU A O   1 
ATOM   132  C CB  . GLU A 1 20  ? 11.786  -11.734 6.335   1.00 22.74 ? 2808 GLU A CB  1 
ATOM   133  C CG  . GLU A 1 20  ? 11.677  -12.581 7.606   1.00 25.98 ? 2808 GLU A CG  1 
ATOM   134  C CD  . GLU A 1 20  ? 11.356  -11.785 8.867   1.00 29.92 ? 2808 GLU A CD  1 
ATOM   135  O OE1 . GLU A 1 20  ? 11.966  -10.715 9.109   1.00 36.30 ? 2808 GLU A OE1 1 
ATOM   136  O OE2 . GLU A 1 20  ? 10.485  -12.238 9.640   1.00 34.60 ? 2808 GLU A OE2 1 
ATOM   137  N N   . GLY A 1 21  ? 10.557  -10.274 3.653   1.00 17.55 ? 2809 GLY A N   1 
ATOM   138  C CA  . GLY A 1 21  ? 10.583  -9.311  2.544   1.00 16.61 ? 2809 GLY A CA  1 
ATOM   139  C C   . GLY A 1 21  ? 9.431   -8.318  2.534   1.00 16.10 ? 2809 GLY A C   1 
ATOM   140  O O   . GLY A 1 21  ? 9.633   -7.133  2.276   1.00 16.26 ? 2809 GLY A O   1 
ATOM   141  N N   . LEU A 1 22  ? 8.212   -8.793  2.806   1.00 15.65 ? 2810 LEU A N   1 
ATOM   142  C CA  . LEU A 1 22  ? 7.040   -7.902  2.874   1.00 15.54 ? 2810 LEU A CA  1 
ATOM   143  C C   . LEU A 1 22  ? 7.181   -6.880  3.999   1.00 15.02 ? 2810 LEU A C   1 
ATOM   144  O O   . LEU A 1 22  ? 6.794   -5.729  3.824   1.00 14.53 ? 2810 LEU A O   1 
ATOM   145  C CB  . LEU A 1 22  ? 5.730   -8.670  3.089   1.00 16.50 ? 2810 LEU A CB  1 
ATOM   146  C CG  . LEU A 1 22  ? 5.241   -9.643  2.011   1.00 17.51 ? 2810 LEU A CG  1 
ATOM   147  C CD1 . LEU A 1 22  ? 3.875   -10.154 2.453   1.00 18.03 ? 2810 LEU A CD1 1 
ATOM   148  C CD2 . LEU A 1 22  ? 5.199   -9.030  0.616   1.00 17.91 ? 2810 LEU A CD2 1 
ATOM   149  N N   . LYS A 1 23  ? 7.718   -7.301  5.142   1.00 15.28 ? 2811 LYS A N   1 
ATOM   150  C CA  . LYS A 1 23  ? 7.961   -6.362  6.246   1.00 16.51 ? 2811 LYS A CA  1 
ATOM   151  C C   . LYS A 1 23  ? 8.927   -5.273  5.841   1.00 16.43 ? 2811 LYS A C   1 
ATOM   152  O O   . LYS A 1 23  ? 8.719   -4.114  6.173   1.00 16.27 ? 2811 LYS A O   1 
ATOM   153  C CB  . LYS A 1 23  ? 8.514   -7.078  7.471   1.00 18.10 ? 2811 LYS A CB  1 
ATOM   154  C CG  . LYS A 1 23  ? 7.508   -7.952  8.185   1.00 20.73 ? 2811 LYS A CG  1 
ATOM   155  C CD  . LYS A 1 23  ? 8.239   -8.650  9.318   1.00 24.79 ? 2811 LYS A CD  1 
ATOM   156  C CE  . LYS A 1 23  ? 7.661   -10.001 9.631   1.00 27.52 ? 2811 LYS A CE  1 
ATOM   157  N NZ  . LYS A 1 23  ? 8.513   -10.663 10.660  1.00 31.64 ? 2811 LYS A NZ  1 
ATOM   158  N N   . ARG A 1 24  ? 9.967   -5.654  5.120   1.00 16.51 ? 2812 ARG A N   1 
ATOM   159  C CA  . ARG A 1 24  ? 10.957  -4.697  4.612   1.00 17.58 ? 2812 ARG A CA  1 
ATOM   160  C C   . ARG A 1 24  ? 10.328  -3.701  3.626   1.00 15.89 ? 2812 ARG A C   1 
ATOM   161  O O   . ARG A 1 24  ? 10.575  -2.501  3.742   1.00 15.87 ? 2812 ARG A O   1 
ATOM   162  C CB  . ARG A 1 24  ? 12.140  -5.440  3.981   1.00 19.99 ? 2812 ARG A CB  1 
ATOM   163  C CG  . ARG A 1 24  ? 13.026  -4.607  3.061   1.00 24.17 ? 2812 ARG A CG  1 
ATOM   164  C CD  . ARG A 1 24  ? 13.963  -5.475  2.227   1.00 25.91 ? 2812 ARG A CD  1 
ATOM   165  N NE  . ARG A 1 24  ? 15.177  -5.840  2.945   1.00 28.28 ? 2812 ARG A NE  1 
ATOM   166  C CZ  . ARG A 1 24  ? 16.188  -6.548  2.435   1.00 28.85 ? 2812 ARG A CZ  1 
ATOM   167  N NH1 . ARG A 1 24  ? 17.252  -6.809  3.188   1.00 28.73 ? 2812 ARG A NH1 1 
ATOM   168  N NH2 . ARG A 1 24  ? 16.138  -7.025  1.191   1.00 30.85 ? 2812 ARG A NH2 1 
ATOM   169  N N   . VAL A 1 25  ? 9.506   -4.186  2.684   1.00 14.58 ? 2813 VAL A N   1 
ATOM   170  C CA  . VAL A 1 25  ? 8.809   -3.322  1.719   1.00 13.97 ? 2813 VAL A CA  1 
ATOM   171  C C   . VAL A 1 25  ? 7.919   -2.322  2.456   1.00 13.62 ? 2813 VAL A C   1 
ATOM   172  O O   . VAL A 1 25  ? 7.982   -1.103  2.198   1.00 12.78 ? 2813 VAL A O   1 
ATOM   173  C CB  . VAL A 1 25  ? 7.985   -4.150  0.671   1.00 13.74 ? 2813 VAL A CB  1 
ATOM   174  C CG1 . VAL A 1 25  ? 7.078   -3.268  -0.187  1.00 14.27 ? 2813 VAL A CG1 1 
ATOM   175  C CG2 . VAL A 1 25  ? 8.907   -4.970  -0.240  1.00 14.58 ? 2813 VAL A CG2 1 
ATOM   176  N N   . LEU A 1 26  ? 7.089   -2.813  3.366   1.00 13.60 ? 2814 LEU A N   1 
ATOM   177  C CA  . LEU A 1 26  ? 6.193   -1.918  4.119   1.00 13.45 ? 2814 LEU A CA  1 
ATOM   178  C C   . LEU A 1 26  ? 6.937   -0.816  4.920   1.00 13.37 ? 2814 LEU A C   1 
ATOM   179  O O   . LEU A 1 26  ? 6.521   0.340   4.916   1.00 12.88 ? 2814 LEU A O   1 
ATOM   180  C CB  . LEU A 1 26  ? 5.270   -2.731  5.027   1.00 14.91 ? 2814 LEU A CB  1 
ATOM   181  C CG  . LEU A 1 26  ? 4.134   -2.022  5.759   1.00 15.51 ? 2814 LEU A CG  1 
ATOM   182  C CD1 . LEU A 1 26  ? 3.251   -1.219  4.814   1.00 15.64 ? 2814 LEU A CD1 1 
ATOM   183  C CD2 . LEU A 1 26  ? 3.298   -3.048  6.488   1.00 16.46 ? 2814 LEU A CD2 1 
ATOM   184  N N   A ARG A 1 27  ? 8.028   -1.180  5.595   0.25 13.35 ? 2815 ARG A N   1 
ATOM   185  N N   B ARG A 1 27  ? 8.034   -1.186  5.581   0.25 13.32 ? 2815 ARG A N   1 
ATOM   186  C CA  A ARG A 1 27  ? 8.795   -0.200  6.366   0.25 13.59 ? 2815 ARG A CA  1 
ATOM   187  C CA  B ARG A 1 27  ? 8.835   -0.217  6.327   0.25 13.53 ? 2815 ARG A CA  1 
ATOM   188  C C   A ARG A 1 27  ? 9.425   0.869   5.469   0.25 13.58 ? 2815 ARG A C   1 
ATOM   189  C C   B ARG A 1 27  ? 9.480   0.817   5.409   0.25 13.33 ? 2815 ARG A C   1 
ATOM   190  O O   A ARG A 1 27  ? 9.516   2.024   5.864   0.25 12.91 ? 2815 ARG A O   1 
ATOM   191  O O   B ARG A 1 27  ? 9.595   1.981   5.775   0.25 12.74 ? 2815 ARG A O   1 
ATOM   192  C CB  A ARG A 1 27  ? 9.860   -0.882  7.227   0.25 14.16 ? 2815 ARG A CB  1 
ATOM   193  C CB  B ARG A 1 27  ? 9.890   -0.929  7.172   0.25 14.23 ? 2815 ARG A CB  1 
ATOM   194  C CG  A ARG A 1 27  ? 9.299   -1.581  8.458   0.25 14.54 ? 2815 ARG A CG  1 
ATOM   195  C CG  B ARG A 1 27  ? 9.265   -1.652  8.348   0.25 14.71 ? 2815 ARG A CG  1 
ATOM   196  C CD  A ARG A 1 27  ? 10.420  -1.940  9.419   0.25 14.92 ? 2815 ARG A CD  1 
ATOM   197  C CD  B ARG A 1 27  ? 10.246  -2.508  9.124   0.25 15.30 ? 2815 ARG A CD  1 
ATOM   198  N NE  A ARG A 1 27  ? 11.536  -2.521  8.688   0.25 15.40 ? 2815 ARG A NE  1 
ATOM   199  N NE  B ARG A 1 27  ? 9.536   -3.150  10.219  0.25 15.78 ? 2815 ARG A NE  1 
ATOM   200  C CZ  A ARG A 1 27  ? 11.845  -3.810  8.686   0.25 15.35 ? 2815 ARG A CZ  1 
ATOM   201  C CZ  B ARG A 1 27  ? 9.865   -4.323  10.737  0.25 16.12 ? 2815 ARG A CZ  1 
ATOM   202  N NH1 A ARG A 1 27  ? 11.140  -4.678  9.400   0.25 15.42 ? 2815 ARG A NH1 1 
ATOM   203  N NH1 B ARG A 1 27  ? 10.903  -4.997  10.265  0.25 16.16 ? 2815 ARG A NH1 1 
ATOM   204  N NH2 A ARG A 1 27  ? 12.873  -4.227  7.971   0.25 15.51 ? 2815 ARG A NH2 1 
ATOM   205  N NH2 B ARG A 1 27  ? 9.135   -4.818  11.724  0.25 16.59 ? 2815 ARG A NH2 1 
ATOM   206  N N   A SER A 1 28  ? 9.831   0.483   4.260   0.38 13.44 ? 2816 SER A N   1 
ATOM   207  N N   B SER A 1 28  ? 9.871   0.386   4.212   0.12 13.00 ? 2816 SER A N   1 
ATOM   208  C CA  A SER A 1 28  ? 10.358  1.437   3.273   0.38 13.72 ? 2816 SER A CA  1 
ATOM   209  C CA  B SER A 1 28  ? 10.428  1.289   3.207   0.12 12.94 ? 2816 SER A CA  1 
ATOM   210  C C   A SER A 1 28  ? 9.311   2.479   2.881   0.38 13.18 ? 2816 SER A C   1 
ATOM   211  C C   B SER A 1 28  ? 9.400   2.352   2.817   0.12 12.95 ? 2816 SER A C   1 
ATOM   212  O O   A SER A 1 28  ? 9.615   3.667   2.792   0.38 13.20 ? 2816 SER A O   1 
ATOM   213  O O   B SER A 1 28  ? 9.741   3.520   2.634   0.12 12.95 ? 2816 SER A O   1 
ATOM   214  C CB  A SER A 1 28  ? 10.860  0.703   2.022   0.38 14.45 ? 2816 SER A CB  1 
ATOM   215  C CB  B SER A 1 28  ? 10.880  0.499   1.969   0.12 12.89 ? 2816 SER A CB  1 
ATOM   216  O OG  A SER A 1 28  ? 11.978  -0.109  2.321   0.38 16.68 ? 2816 SER A OG  1 
ATOM   217  O OG  B SER A 1 28  ? 9.858   0.412   0.991   0.12 12.68 ? 2816 SER A OG  1 
ATOM   218  N N   A LEU A 1 29  ? 8.077   2.038   2.646   0.25 12.82 ? 2817 LEU A N   1 
ATOM   219  N N   B LEU A 1 29  ? 8.141   1.939   2.701   0.25 13.01 ? 2817 LEU A N   1 
ATOM   220  C CA  A LEU A 1 29  ? 7.008   2.973   2.327   0.25 12.77 ? 2817 LEU A CA  1 
ATOM   221  C CA  B LEU A 1 29  ? 7.052   2.844   2.356   0.25 13.22 ? 2817 LEU A CA  1 
ATOM   222  C C   A LEU A 1 29  ? 6.687   3.862   3.519   0.25 12.64 ? 2817 LEU A C   1 
ATOM   223  C C   B LEU A 1 29  ? 6.710   3.811   3.498   0.25 12.92 ? 2817 LEU A C   1 
ATOM   224  O O   A LEU A 1 29  ? 6.524   5.070   3.356   0.25 12.74 ? 2817 LEU A O   1 
ATOM   225  O O   B LEU A 1 29  ? 6.547   5.008   3.275   0.25 13.09 ? 2817 LEU A O   1 
ATOM   226  C CB  A LEU A 1 29  ? 5.753   2.245   1.845   0.25 12.84 ? 2817 LEU A CB  1 
ATOM   227  C CB  B LEU A 1 29  ? 5.821   2.027   1.952   0.25 13.71 ? 2817 LEU A CB  1 
ATOM   228  C CG  A LEU A 1 29  ? 5.604   2.169   0.320   0.25 12.89 ? 2817 LEU A CG  1 
ATOM   229  C CG  B LEU A 1 29  ? 5.774   1.560   0.489   0.25 14.14 ? 2817 LEU A CG  1 
ATOM   230  C CD1 A LEU A 1 29  ? 6.599   1.219   -0.320  0.25 12.97 ? 2817 LEU A CD1 1 
ATOM   231  C CD1 B LEU A 1 29  ? 5.200   2.673   -0.361  0.25 14.41 ? 2817 LEU A CD1 1 
ATOM   232  C CD2 A LEU A 1 29  ? 4.191   1.741   -0.016  0.25 12.73 ? 2817 LEU A CD2 1 
ATOM   233  C CD2 B LEU A 1 29  ? 7.129   1.128   -0.053  0.25 14.43 ? 2817 LEU A CD2 1 
ATOM   234  N N   . GLN A 1 30  ? 6.609   3.284   4.719   1.00 12.76 ? 2818 GLN A N   1 
ATOM   235  C CA  . GLN A 1 30  ? 6.343   4.104   5.924   1.00 12.76 ? 2818 GLN A CA  1 
ATOM   236  C C   . GLN A 1 30  ? 7.405   5.197   6.197   1.00 12.06 ? 2818 GLN A C   1 
ATOM   237  O O   . GLN A 1 30  ? 7.075   6.220   6.804   1.00 13.25 ? 2818 GLN A O   1 
ATOM   238  C CB  . GLN A 1 30  ? 6.181   3.219   7.159   1.00 12.35 ? 2818 GLN A CB  1 
ATOM   239  C CG  . GLN A 1 30  ? 4.926   2.338   7.148   1.00 12.72 ? 2818 GLN A CG  1 
ATOM   240  C CD  . GLN A 1 30  ? 4.939   1.274   8.231   1.00 13.02 ? 2818 GLN A CD  1 
ATOM   241  O OE1 . GLN A 1 30  ? 5.965   0.609   8.459   1.00 13.10 ? 2818 GLN A OE1 1 
ATOM   242  N NE2 . GLN A 1 30  ? 3.792   1.089   8.910   1.00 12.67 ? 2818 GLN A NE2 1 
ATOM   243  N N   . ALA A 1 31  ? 8.650   4.957   5.750   1.00 12.30 ? 2819 ALA A N   1 
ATOM   244  C CA  . ALA A 1 31  ? 9.779   5.903   5.868   1.00 12.49 ? 2819 ALA A CA  1 
ATOM   245  C C   . ALA A 1 31  ? 9.889   6.979   4.772   1.00 13.67 ? 2819 ALA A C   1 
ATOM   246  O O   . ALA A 1 31  ? 10.687  7.934   4.897   1.00 13.80 ? 2819 ALA A O   1 
ATOM   247  C CB  . ALA A 1 31  ? 11.090  5.105   5.943   1.00 12.70 ? 2819 ALA A CB  1 
ATOM   248  N N   . HIS A 1 32  ? 9.139   6.814   3.683   1.00 13.72 ? 2820 HIS A N   1 
ATOM   249  C CA  . HIS A 1 32  ? 9.167   7.749   2.554   1.00 14.26 ? 2820 HIS A CA  1 
ATOM   250  C C   . HIS A 1 32  ? 8.556   9.113   2.955   1.00 15.20 ? 2820 HIS A C   1 
ATOM   251  O O   . HIS A 1 32  ? 7.552   9.163   3.670   1.00 14.38 ? 2820 HIS A O   1 
ATOM   252  C CB  . HIS A 1 32  ? 8.413   7.127   1.356   1.00 13.80 ? 2820 HIS A CB  1 
ATOM   253  C CG  . HIS A 1 32  ? 8.737   7.773   0.042   1.00 13.52 ? 2820 HIS A CG  1 
ATOM   254  N ND1 . HIS A 1 32  ? 8.220   8.990   -0.334  1.00 14.12 ? 2820 HIS A ND1 1 
ATOM   255  C CD2 . HIS A 1 32  ? 9.509   7.360   -0.992  1.00 13.57 ? 2820 HIS A CD2 1 
ATOM   256  C CE1 . HIS A 1 32  ? 8.680   9.313   -1.531  1.00 14.65 ? 2820 HIS A CE1 1 
ATOM   257  N NE2 . HIS A 1 32  ? 9.458   8.340   -1.953  1.00 13.77 ? 2820 HIS A NE2 1 
ATOM   258  N N   . LYS A 1 33  ? 9.162   10.196  2.467   0.50 15.65 ? 2821 LYS A N   1 
ATOM   259  C CA  . LYS A 1 33  ? 8.770   11.560  2.834   0.50 16.39 ? 2821 LYS A CA  1 
ATOM   260  C C   . LYS A 1 33  ? 7.360   11.932  2.379   0.50 16.43 ? 2821 LYS A C   1 
ATOM   261  O O   . LYS A 1 33  ? 6.725   12.793  2.977   0.50 16.63 ? 2821 LYS A O   1 
ATOM   262  C CB  . LYS A 1 33  ? 9.769   12.563  2.251   0.50 17.52 ? 2821 LYS A CB  1 
ATOM   263  C CG  . LYS A 1 33  ? 9.499   14.009  2.627   0.50 18.54 ? 2821 LYS A CG  1 
ATOM   264  C CD  . LYS A 1 33  ? 10.706  14.888  2.333   0.50 19.15 ? 2821 LYS A CD  1 
ATOM   265  C CE  . LYS A 1 33  ? 10.407  16.362  2.555   0.50 19.68 ? 2821 LYS A CE  1 
ATOM   266  N NZ  . LYS A 1 33  ? 11.518  17.241  2.088   0.50 20.06 ? 2821 LYS A NZ  1 
ATOM   267  N N   A MET A 1 34  ? 6.881   11.289  1.316   0.25 16.12 ? 2822 MET A N   1 
ATOM   268  N N   B MET A 1 34  ? 6.871   11.307  1.320   0.25 15.76 ? 2822 MET A N   1 
ATOM   269  C CA  A MET A 1 34  ? 5.533   11.538  0.803   0.25 16.32 ? 2822 MET A CA  1 
ATOM   270  C CA  B MET A 1 34  ? 5.515   11.574  0.842   0.25 15.79 ? 2822 MET A CA  1 
ATOM   271  C C   A MET A 1 34  ? 4.497   10.498  1.253   0.25 16.01 ? 2822 MET A C   1 
ATOM   272  C C   B MET A 1 34  ? 4.495   10.504  1.259   0.25 15.71 ? 2822 MET A C   1 
ATOM   273  O O   A MET A 1 34  ? 3.393   10.447  0.699   0.25 15.76 ? 2822 MET A O   1 
ATOM   274  O O   B MET A 1 34  ? 3.400   10.439  0.686   0.25 15.49 ? 2822 MET A O   1 
ATOM   275  C CB  A MET A 1 34  ? 5.553   11.618  -0.730  0.25 16.89 ? 2822 MET A CB  1 
ATOM   276  C CB  B MET A 1 34  ? 5.500   11.752  -0.683  0.25 15.97 ? 2822 MET A CB  1 
ATOM   277  C CG  A MET A 1 34  ? 6.572   12.606  -1.277  0.25 17.36 ? 2822 MET A CG  1 
ATOM   278  C CG  B MET A 1 34  ? 6.380   12.889  -1.191  0.25 16.10 ? 2822 MET A CG  1 
ATOM   279  S SD  A MET A 1 34  ? 6.121   14.323  -0.980  0.25 17.90 ? 2822 MET A SD  1 
ATOM   280  S SD  B MET A 1 34  ? 6.235   14.397  -0.213  0.25 16.28 ? 2822 MET A SD  1 
ATOM   281  C CE  A MET A 1 34  ? 5.068   14.641  -2.398  0.25 17.98 ? 2822 MET A CE  1 
ATOM   282  C CE  B MET A 1 34  ? 7.286   15.525  -1.123  0.25 16.42 ? 2822 MET A CE  1 
ATOM   283  N N   . ALA A 1 35  ? 4.835   9.684   2.256   1.00 15.57 ? 2823 ALA A N   1 
ATOM   284  C CA  . ALA A 1 35  ? 3.869   8.708   2.834   1.00 14.49 ? 2823 ALA A CA  1 
ATOM   285  C C   . ALA A 1 35  ? 2.986   9.291   3.942   1.00 14.12 ? 2823 ALA A C   1 
ATOM   286  O O   . ALA A 1 35  ? 2.021   8.631   4.365   1.00 12.39 ? 2823 ALA A O   1 
ATOM   287  C CB  . ALA A 1 35  ? 4.590   7.502   3.340   1.00 14.36 ? 2823 ALA A CB  1 
ATOM   288  N N   . TRP A 1 36  ? 3.262   10.519  4.405   1.00 15.23 ? 2824 TRP A N   1 
ATOM   289  C CA  . TRP A 1 36  ? 2.523   11.088  5.535   1.00 16.70 ? 2824 TRP A CA  1 
ATOM   290  C C   . TRP A 1 36  ? 0.988   11.021  5.455   1.00 15.39 ? 2824 TRP A C   1 
ATOM   291  O O   . TRP A 1 36  ? 0.365   10.776  6.485   1.00 15.55 ? 2824 TRP A O   1 
ATOM   292  C CB  . TRP A 1 36  ? 2.926   12.553  5.866   1.00 20.21 ? 2824 TRP A CB  1 
ATOM   293  C CG  . TRP A 1 36  ? 4.294   12.705  6.460   1.00 25.03 ? 2824 TRP A CG  1 
ATOM   294  C CD1 . TRP A 1 36  ? 5.376   13.217  5.834   1.00 28.05 ? 2824 TRP A CD1 1 
ATOM   295  C CD2 . TRP A 1 36  ? 4.729   12.342  7.783   1.00 28.10 ? 2824 TRP A CD2 1 
ATOM   296  N NE1 . TRP A 1 36  ? 6.471   13.202  6.664   1.00 30.85 ? 2824 TRP A NE1 1 
ATOM   297  C CE2 . TRP A 1 36  ? 6.102   12.665  7.869   1.00 29.62 ? 2824 TRP A CE2 1 
ATOM   298  C CE3 . TRP A 1 36  ? 4.096   11.790  8.902   1.00 26.94 ? 2824 TRP A CE3 1 
ATOM   299  C CZ2 . TRP A 1 36  ? 6.856   12.443  9.033   1.00 30.67 ? 2824 TRP A CZ2 1 
ATOM   300  C CZ3 . TRP A 1 36  ? 4.846   11.552  10.048  1.00 29.17 ? 2824 TRP A CZ3 1 
ATOM   301  C CH2 . TRP A 1 36  ? 6.212   11.889  10.108  1.00 30.31 ? 2824 TRP A CH2 1 
ATOM   302  N N   . PRO A 1 37  ? 0.377   11.233  4.250   1.00 13.92 ? 2825 PRO A N   1 
ATOM   303  C CA  . PRO A 1 37  ? -1.102  11.127  4.240   1.00 14.25 ? 2825 PRO A CA  1 
ATOM   304  C C   . PRO A 1 37  ? -1.705  9.732   4.523   1.00 13.42 ? 2825 PRO A C   1 
ATOM   305  O O   . PRO A 1 37  ? -2.906  9.648   4.859   1.00 13.86 ? 2825 PRO A O   1 
ATOM   306  C CB  . PRO A 1 37  ? -1.488  11.548  2.806   1.00 14.74 ? 2825 PRO A CB  1 
ATOM   307  C CG  . PRO A 1 37  ? -0.256  12.145  2.204   1.00 14.55 ? 2825 PRO A CG  1 
ATOM   308  C CD  . PRO A 1 37  ? 0.906   11.516  2.904   1.00 14.31 ? 2825 PRO A CD  1 
ATOM   309  N N   . PHE A 1 38  ? -0.879  8.688   4.390   1.00 12.19 ? 2826 PHE A N   1 
ATOM   310  C CA  . PHE A 1 38  ? -1.338  7.298   4.343   1.00 11.78 ? 2826 PHE A CA  1 
ATOM   311  C C   . PHE A 1 38  ? -0.913  6.458   5.547   1.00 11.74 ? 2826 PHE A C   1 
ATOM   312  O O   . PHE A 1 38  ? -1.198  5.260   5.583   1.00 12.11 ? 2826 PHE A O   1 
ATOM   313  C CB  . PHE A 1 38  ? -0.763  6.629   3.068   1.00 11.63 ? 2826 PHE A CB  1 
ATOM   314  C CG  . PHE A 1 38  ? -0.964  7.445   1.820   1.00 11.63 ? 2826 PHE A CG  1 
ATOM   315  C CD1 . PHE A 1 38  ? -2.253  7.774   1.407   1.00 11.47 ? 2826 PHE A CD1 1 
ATOM   316  C CD2 . PHE A 1 38  ? 0.117   7.912   1.059   1.00 12.16 ? 2826 PHE A CD2 1 
ATOM   317  C CE1 . PHE A 1 38  ? -2.471  8.555   0.280   1.00 11.78 ? 2826 PHE A CE1 1 
ATOM   318  C CE2 . PHE A 1 38  ? -0.103  8.683   -0.064  1.00 12.21 ? 2826 PHE A CE2 1 
ATOM   319  C CZ  . PHE A 1 38  ? -1.389  9.003   -0.459  1.00 12.14 ? 2826 PHE A CZ  1 
ATOM   320  N N   . LEU A 1 39  ? -0.235  7.054   6.540   1.00 12.16 ? 2827 LEU A N   1 
ATOM   321  C CA  . LEU A 1 39  ? 0.365   6.266   7.613   1.00 12.19 ? 2827 LEU A CA  1 
ATOM   322  C C   . LEU A 1 39  ? -0.704  5.698   8.552   1.00 12.30 ? 2827 LEU A C   1 
ATOM   323  O O   . LEU A 1 39  ? -0.530  4.614   9.118   1.00 14.16 ? 2827 LEU A O   1 
ATOM   324  C CB  . LEU A 1 39  ? 1.357   7.109   8.431   1.00 12.32 ? 2827 LEU A CB  1 
ATOM   325  C CG  . LEU A 1 39  ? 2.623   7.593   7.726   1.00 12.75 ? 2827 LEU A CG  1 
ATOM   326  C CD1 . LEU A 1 39  ? 3.421   8.535   8.642   1.00 13.01 ? 2827 LEU A CD1 1 
ATOM   327  C CD2 . LEU A 1 39  ? 3.487   6.435   7.280   1.00 13.31 ? 2827 LEU A CD2 1 
ATOM   328  N N   . GLU A 1 40  ? -1.796  6.433   8.705   1.00 13.20 ? 2828 GLU A N   1 
ATOM   329  C CA  . GLU A 1 40  ? -2.876  6.087   9.634   1.00 14.46 ? 2828 GLU A CA  1 
ATOM   330  C C   . GLU A 1 40  ? -4.223  6.246   8.942   1.00 13.37 ? 2828 GLU A C   1 
ATOM   331  O O   . GLU A 1 40  ? -4.291  6.931   7.916   1.00 12.55 ? 2828 GLU A O   1 
ATOM   332  C CB  . GLU A 1 40  ? -2.824  7.039   10.837  1.00 16.95 ? 2828 GLU A CB  1 
ATOM   333  C CG  . GLU A 1 40  ? -1.530  6.970   11.652  1.00 18.95 ? 2828 GLU A CG  1 
ATOM   334  C CD  . GLU A 1 40  ? -1.312  5.655   12.370  1.00 22.24 ? 2828 GLU A CD  1 
ATOM   335  O OE1 . GLU A 1 40  ? -2.295  4.969   12.730  1.00 26.19 ? 2828 GLU A OE1 1 
ATOM   336  O OE2 . GLU A 1 40  ? -0.129  5.300   12.603  1.00 27.15 ? 2828 GLU A OE2 1 
ATOM   337  N N   . PRO A 1 41  ? -5.293  5.621   9.488   1.00 13.98 ? 2829 PRO A N   1 
ATOM   338  C CA  . PRO A 1 41  ? -6.635  5.815   8.887   1.00 14.25 ? 2829 PRO A CA  1 
ATOM   339  C C   . PRO A 1 41  ? -7.024  7.299   8.749   1.00 14.80 ? 2829 PRO A C   1 
ATOM   340  O O   . PRO A 1 41  ? -6.645  8.127   9.606   1.00 15.24 ? 2829 PRO A O   1 
ATOM   341  C CB  . PRO A 1 41  ? -7.576  5.085   9.870   1.00 14.27 ? 2829 PRO A CB  1 
ATOM   342  C CG  . PRO A 1 41  ? -6.716  4.080   10.553  1.00 14.59 ? 2829 PRO A CG  1 
ATOM   343  C CD  . PRO A 1 41  ? -5.334  4.678   10.624  1.00 13.97 ? 2829 PRO A CD  1 
ATOM   344  N N   . VAL A 1 42  ? -7.786  7.642   7.702   1.00 15.39 ? 2830 VAL A N   1 
ATOM   345  C CA  . VAL A 1 42  ? -8.275  9.004   7.502   1.00 16.92 ? 2830 VAL A CA  1 
ATOM   346  C C   . VAL A 1 42  ? -9.091  9.403   8.744   1.00 18.09 ? 2830 VAL A C   1 
ATOM   347  O O   . VAL A 1 42  ? -9.926  8.626   9.222   1.00 17.44 ? 2830 VAL A O   1 
ATOM   348  C CB  . VAL A 1 42  ? -9.131  9.108   6.216   1.00 17.18 ? 2830 VAL A CB  1 
ATOM   349  C CG1 . VAL A 1 42  ? -9.864  10.459  6.139   1.00 17.60 ? 2830 VAL A CG1 1 
ATOM   350  C CG2 . VAL A 1 42  ? -8.264  8.856   4.985   1.00 17.36 ? 2830 VAL A CG2 1 
ATOM   351  N N   . ASP A 1 43  ? -8.809  10.584  9.296   1.00 20.55 ? 2831 ASP A N   1 
ATOM   352  C CA  . ASP A 1 43  ? -9.536  11.109  10.462  1.00 21.97 ? 2831 ASP A CA  1 
ATOM   353  C C   . ASP A 1 43  ? -10.834 11.720  9.945   1.00 22.27 ? 2831 ASP A C   1 
ATOM   354  O O   . ASP A 1 43  ? -10.791 12.649  9.144   1.00 23.17 ? 2831 ASP A O   1 
ATOM   355  C CB  . ASP A 1 43  ? -8.707  12.198  11.183  1.00 23.54 ? 2831 ASP A CB  1 
ATOM   356  C CG  . ASP A 1 43  ? -9.341  12.670  12.492  1.00 25.45 ? 2831 ASP A CG  1 
ATOM   357  O OD1 . ASP A 1 43  ? -10.570 12.531  12.680  1.00 26.38 ? 2831 ASP A OD1 1 
ATOM   358  O OD2 . ASP A 1 43  ? -8.594  13.212  13.345  1.00 27.71 ? 2831 ASP A OD2 1 
ATOM   359  N N   . PRO A 1 44  ? -11.995 11.192  10.387  1.00 21.80 ? 2832 PRO A N   1 
ATOM   360  C CA  . PRO A 1 44  ? -13.257 11.742  9.882   1.00 23.25 ? 2832 PRO A CA  1 
ATOM   361  C C   . PRO A 1 44  ? -13.530 13.207  10.278  1.00 24.41 ? 2832 PRO A C   1 
ATOM   362  O O   . PRO A 1 44  ? -14.230 13.900  9.544   1.00 23.25 ? 2832 PRO A O   1 
ATOM   363  C CB  . PRO A 1 44  ? -14.324 10.779  10.424  1.00 23.17 ? 2832 PRO A CB  1 
ATOM   364  C CG  . PRO A 1 44  ? -13.669 9.945   11.444  1.00 23.84 ? 2832 PRO A CG  1 
ATOM   365  C CD  . PRO A 1 44  ? -12.189 10.043  11.287  1.00 22.36 ? 2832 PRO A CD  1 
ATOM   366  N N   . ASN A 1 45  ? -12.959 13.671  11.393  1.00 25.68 ? 2833 ASN A N   1 
ATOM   367  C CA  . ASN A 1 45  ? -13.043 15.098  11.780  1.00 27.06 ? 2833 ASN A CA  1 
ATOM   368  C C   . ASN A 1 45  ? -12.376 16.027  10.745  1.00 28.81 ? 2833 ASN A C   1 
ATOM   369  O O   . ASN A 1 45  ? -12.776 17.189  10.620  1.00 29.74 ? 2833 ASN A O   1 
ATOM   370  C CB  . ASN A 1 45  ? -12.462 15.352  13.204  1.00 28.02 ? 2833 ASN A CB  1 
ATOM   371  C CG  . ASN A 1 45  ? -13.502 15.204  14.333  1.00 29.10 ? 2833 ASN A CG  1 
ATOM   372  O OD1 . ASN A 1 45  ? -14.707 15.334  14.124  1.00 30.59 ? 2833 ASN A OD1 1 
ATOM   373  N ND2 . ASN A 1 45  ? -13.014 14.961  15.553  1.00 30.00 ? 2833 ASN A ND2 1 
ATOM   374  N N   . ASP A 1 46  ? -11.388 15.519  9.996   1.00 29.35 ? 2834 ASP A N   1 
ATOM   375  C CA  . ASP A 1 46  ? -10.792 16.264  8.864   1.00 30.29 ? 2834 ASP A CA  1 
ATOM   376  C C   . ASP A 1 46  ? -11.648 16.252  7.593   1.00 30.75 ? 2834 ASP A C   1 
ATOM   377  O O   . ASP A 1 46  ? -11.457 17.104  6.722   1.00 31.48 ? 2834 ASP A O   1 
ATOM   378  C CB  . ASP A 1 46  ? -9.407  15.714  8.492   1.00 31.11 ? 2834 ASP A CB  1 
ATOM   379  C CG  . ASP A 1 46  ? -8.399  15.767  9.632   1.00 33.25 ? 2834 ASP A CG  1 
ATOM   380  O OD1 . ASP A 1 46  ? -8.605  16.486  10.636  1.00 35.37 ? 2834 ASP A OD1 1 
ATOM   381  O OD2 . ASP A 1 46  ? -7.367  15.075  9.513   1.00 34.88 ? 2834 ASP A OD2 1 
ATOM   382  N N   . ALA A 1 47  ? -12.532 15.257  7.449   1.00 30.42 ? 2835 ALA A N   1 
ATOM   383  C CA  . ALA A 1 47  ? -13.417 15.145  6.282   1.00 30.65 ? 2835 ALA A CA  1 
ATOM   384  C C   . ALA A 1 47  ? -14.678 14.341  6.613   1.00 30.43 ? 2835 ALA A C   1 
ATOM   385  O O   . ALA A 1 47  ? -14.698 13.108  6.432   1.00 26.95 ? 2835 ALA A O   1 
ATOM   386  C CB  . ALA A 1 47  ? -12.681 14.506  5.123   1.00 30.88 ? 2835 ALA A CB  1 
ATOM   387  N N   . PRO A 1 48  ? -15.738 15.029  7.093   1.00 29.49 ? 2836 PRO A N   1 
ATOM   388  C CA  . PRO A 1 48  ? -16.940 14.320  7.522   1.00 29.38 ? 2836 PRO A CA  1 
ATOM   389  C C   . PRO A 1 48  ? -17.657 13.470  6.451   1.00 28.06 ? 2836 PRO A C   1 
ATOM   390  O O   . PRO A 1 48  ? -18.421 12.578  6.825   1.00 28.46 ? 2836 PRO A O   1 
ATOM   391  C CB  . PRO A 1 48  ? -17.846 15.448  8.069   1.00 30.45 ? 2836 PRO A CB  1 
ATOM   392  C CG  . PRO A 1 48  ? -17.237 16.725  7.584   1.00 31.35 ? 2836 PRO A CG  1 
ATOM   393  C CD  . PRO A 1 48  ? -15.777 16.445  7.516   1.00 31.08 ? 2836 PRO A CD  1 
ATOM   394  N N   . ASP A 1 49  ? -17.396 13.713  5.160   1.00 26.62 ? 2837 ASP A N   1 
ATOM   395  C CA  . ASP A 1 49  ? -17.983 12.907  4.068   1.00 25.35 ? 2837 ASP A CA  1 
ATOM   396  C C   . ASP A 1 49  ? -17.151 11.710  3.584   1.00 22.21 ? 2837 ASP A C   1 
ATOM   397  O O   . ASP A 1 49  ? -17.676 10.888  2.826   1.00 22.09 ? 2837 ASP A O   1 
ATOM   398  C CB  . ASP A 1 49  ? -18.314 13.791  2.855   1.00 26.57 ? 2837 ASP A CB  1 
ATOM   399  C CG  . ASP A 1 49  ? -17.074 14.302  2.127   1.00 27.82 ? 2837 ASP A CG  1 
ATOM   400  O OD1 . ASP A 1 49  ? -16.004 14.407  2.762   1.00 29.71 ? 2837 ASP A OD1 1 
ATOM   401  O OD2 . ASP A 1 49  ? -17.175 14.617  0.923   1.00 29.72 ? 2837 ASP A OD2 1 
ATOM   402  N N   . TYR A 1 50  ? -15.881 11.607  4.001   1.00 20.23 ? 2838 TYR A N   1 
ATOM   403  C CA  . TYR A 1 50  ? -14.957 10.601  3.425   1.00 17.22 ? 2838 TYR A CA  1 
ATOM   404  C C   . TYR A 1 50  ? -15.508 9.159   3.469   1.00 16.78 ? 2838 TYR A C   1 
ATOM   405  O O   . TYR A 1 50  ? -15.522 8.462   2.435   1.00 17.07 ? 2838 TYR A O   1 
ATOM   406  C CB  . TYR A 1 50  ? -13.581 10.672  4.099   1.00 16.53 ? 2838 TYR A CB  1 
ATOM   407  C CG  . TYR A 1 50  ? -12.537 9.760   3.459   1.00 14.65 ? 2838 TYR A CG  1 
ATOM   408  C CD1 . TYR A 1 50  ? -11.758 10.213  2.383   1.00 15.43 ? 2838 TYR A CD1 1 
ATOM   409  C CD2 . TYR A 1 50  ? -12.321 8.450   3.932   1.00 15.20 ? 2838 TYR A CD2 1 
ATOM   410  C CE1 . TYR A 1 50  ? -10.800 9.386   1.787   1.00 14.15 ? 2838 TYR A CE1 1 
ATOM   411  C CE2 . TYR A 1 50  ? -11.390 7.603   3.334   1.00 14.84 ? 2838 TYR A CE2 1 
ATOM   412  C CZ  . TYR A 1 50  ? -10.629 8.075   2.270   1.00 14.47 ? 2838 TYR A CZ  1 
ATOM   413  O OH  . TYR A 1 50  ? -9.684  7.268   1.664   1.00 13.77 ? 2838 TYR A OH  1 
ATOM   414  N N   . TYR A 1 51  ? -15.994 8.725   4.636   1.00 15.96 ? 2839 TYR A N   1 
ATOM   415  C CA  . TYR A 1 51  ? -16.450 7.327   4.839   1.00 15.73 ? 2839 TYR A CA  1 
ATOM   416  C C   . TYR A 1 51  ? -17.826 7.026   4.228   1.00 16.24 ? 2839 TYR A C   1 
ATOM   417  O O   . TYR A 1 51  ? -18.189 5.859   4.046   1.00 17.38 ? 2839 TYR A O   1 
ATOM   418  C CB  . TYR A 1 51  ? -16.357 6.921   6.334   1.00 14.85 ? 2839 TYR A CB  1 
ATOM   419  C CG  . TYR A 1 51  ? -14.914 6.803   6.820   1.00 14.01 ? 2839 TYR A CG  1 
ATOM   420  C CD1 . TYR A 1 51  ? -14.217 7.919   7.311   1.00 14.11 ? 2839 TYR A CD1 1 
ATOM   421  C CD2 . TYR A 1 51  ? -14.227 5.600   6.746   1.00 14.32 ? 2839 TYR A CD2 1 
ATOM   422  C CE1 . TYR A 1 51  ? -12.889 7.809   7.745   1.00 13.94 ? 2839 TYR A CE1 1 
ATOM   423  C CE2 . TYR A 1 51  ? -12.920 5.472   7.189   1.00 14.28 ? 2839 TYR A CE2 1 
ATOM   424  C CZ  . TYR A 1 51  ? -12.231 6.584   7.660   1.00 13.51 ? 2839 TYR A CZ  1 
ATOM   425  O OH  . TYR A 1 51  ? -10.923 6.410   8.070   1.00 14.58 ? 2839 TYR A OH  1 
ATOM   426  N N   . GLY A 1 52  ? -18.551 8.072   3.846   1.00 17.69 ? 2840 GLY A N   1 
ATOM   427  C CA  . GLY A 1 52  ? -19.721 7.939   2.941   1.00 18.15 ? 2840 GLY A CA  1 
ATOM   428  C C   . GLY A 1 52  ? -19.419 7.672   1.458   1.00 18.35 ? 2840 GLY A C   1 
ATOM   429  O O   . GLY A 1 52  ? -20.229 7.019   0.769   1.00 20.91 ? 2840 GLY A O   1 
ATOM   430  N N   A VAL A 1 53  ? -18.284 8.147   0.950   0.25 17.90 ? 2841 VAL A N   1 
ATOM   431  N N   B VAL A 1 53  ? -18.268 8.179   1.006   0.25 17.56 ? 2841 VAL A N   1 
ATOM   432  C CA  A VAL A 1 53  ? -17.964 7.951   -0.474  0.25 17.28 ? 2841 VAL A CA  1 
ATOM   433  C CA  B VAL A 1 53  ? -17.808 8.123   -0.388  0.25 16.80 ? 2841 VAL A CA  1 
ATOM   434  C C   A VAL A 1 53  ? -16.901 6.885   -0.762  0.25 16.54 ? 2841 VAL A C   1 
ATOM   435  C C   B VAL A 1 53  ? -16.956 6.887   -0.701  0.25 16.29 ? 2841 VAL A C   1 
ATOM   436  O O   A VAL A 1 53  ? -16.880 6.348   -1.873  0.25 15.93 ? 2841 VAL A O   1 
ATOM   437  O O   B VAL A 1 53  ? -17.125 6.249   -1.742  0.25 15.87 ? 2841 VAL A O   1 
ATOM   438  C CB  A VAL A 1 53  ? -17.597 9.278   -1.160  0.25 17.42 ? 2841 VAL A CB  1 
ATOM   439  C CB  B VAL A 1 53  ? -16.948 9.371   -0.693  0.25 16.54 ? 2841 VAL A CB  1 
ATOM   440  C CG1 A VAL A 1 53  ? -18.741 10.272  -1.013  0.25 17.39 ? 2841 VAL A CG1 1 
ATOM   441  C CG1 B VAL A 1 53  ? -16.228 9.231   -2.025  0.25 16.16 ? 2841 VAL A CG1 1 
ATOM   442  C CG2 A VAL A 1 53  ? -16.304 9.842   -0.602  0.25 17.59 ? 2841 VAL A CG2 1 
ATOM   443  C CG2 B VAL A 1 53  ? -17.799 10.631  -0.661  0.25 16.71 ? 2841 VAL A CG2 1 
ATOM   444  N N   . ILE A 1 54  ? -16.033 6.571   0.210   1.00 15.54 ? 2842 ILE A N   1 
ATOM   445  C CA  . ILE A 1 54  ? -15.039 5.490   0.048   1.00 15.37 ? 2842 ILE A CA  1 
ATOM   446  C C   . ILE A 1 54  ? -15.493 4.247   0.783   1.00 15.77 ? 2842 ILE A C   1 
ATOM   447  O O   . ILE A 1 54  ? -15.497 4.224   2.018   1.00 16.63 ? 2842 ILE A O   1 
ATOM   448  C CB  . ILE A 1 54  ? -13.657 5.953   0.604   1.00 14.48 ? 2842 ILE A CB  1 
ATOM   449  C CG1 . ILE A 1 54  ? -13.176 7.206   -0.134  1.00 14.76 ? 2842 ILE A CG1 1 
ATOM   450  C CG2 . ILE A 1 54  ? -12.637 4.830   0.559   1.00 14.39 ? 2842 ILE A CG2 1 
ATOM   451  C CD1 . ILE A 1 54  ? -13.052 7.069   -1.636  1.00 15.49 ? 2842 ILE A CD1 1 
ATOM   452  N N   . LYS A 1 55  ? -15.851 3.215   0.028   1.00 16.79 ? 2843 LYS A N   1 
ATOM   453  C CA  . LYS A 1 55  ? -16.487 2.056   0.660   1.00 19.37 ? 2843 LYS A CA  1 
ATOM   454  C C   . LYS A 1 55  ? -15.504 1.075   1.297   1.00 17.48 ? 2843 LYS A C   1 
ATOM   455  O O   . LYS A 1 55  ? -15.897 0.396   2.233   1.00 20.18 ? 2843 LYS A O   1 
ATOM   456  C CB  . LYS A 1 55  ? -17.433 1.330   -0.291  1.00 21.47 ? 2843 LYS A CB  1 
ATOM   457  C CG  . LYS A 1 55  ? -18.433 0.435   0.431   1.00 23.49 ? 2843 LYS A CG  1 
ATOM   458  N N   . GLU A 1 56  ? -14.246 1.028   0.835   1.00 15.52 ? 2844 GLU A N   1 
ATOM   459  C CA  . GLU A 1 56  ? -13.216 0.137   1.382   1.00 15.56 ? 2844 GLU A CA  1 
ATOM   460  C C   . GLU A 1 56  ? -11.931 0.928   1.718   1.00 12.93 ? 2844 GLU A C   1 
ATOM   461  O O   . GLU A 1 56  ? -10.900 0.839   1.009   1.00 12.52 ? 2844 GLU A O   1 
ATOM   462  C CB  . GLU A 1 56  ? -12.865 -0.950  0.369   1.00 18.02 ? 2844 GLU A CB  1 
ATOM   463  C CG  . GLU A 1 56  ? -13.840 -2.075  0.133   1.00 21.27 ? 2844 GLU A CG  1 
ATOM   464  C CD  . GLU A 1 56  ? -13.178 -3.116  -0.760  1.00 24.05 ? 2844 GLU A CD  1 
ATOM   465  O OE1 . GLU A 1 56  ? -13.265 -2.963  -1.995  1.00 29.06 ? 2844 GLU A OE1 1 
ATOM   466  O OE2 . GLU A 1 56  ? -12.477 -4.018  -0.241  1.00 24.85 ? 2844 GLU A OE2 1 
ATOM   467  N N   . PRO A 1 57  ? -11.963 1.694   2.815   1.00 11.03 ? 2845 PRO A N   1 
ATOM   468  C CA  . PRO A 1 57  ? -10.758 2.435   3.234   1.00 11.26 ? 2845 PRO A CA  1 
ATOM   469  C C   . PRO A 1 57  ? -9.540  1.522   3.497   1.00 10.44 ? 2845 PRO A C   1 
ATOM   470  O O   . PRO A 1 57  ? -9.675  0.328   3.836   1.00 10.42 ? 2845 PRO A O   1 
ATOM   471  C CB  . PRO A 1 57  ? -11.195 3.150   4.512   1.00 11.32 ? 2845 PRO A CB  1 
ATOM   472  C CG  . PRO A 1 57  ? -12.670 3.102   4.521   1.00 12.89 ? 2845 PRO A CG  1 
ATOM   473  C CD  . PRO A 1 57  ? -13.096 1.912   3.743   1.00 11.63 ? 2845 PRO A CD  1 
ATOM   474  N N   . MET A 1 58  ? -8.341  2.081   3.349   1.00 10.02 ? 2846 MET A N   1 
ATOM   475  C CA  . MET A 1 58  ? -7.114  1.344   3.655   1.00 10.10 ? 2846 MET A CA  1 
ATOM   476  C C   . MET A 1 58  ? -5.996  2.337   3.993   1.00 9.95  ? 2846 MET A C   1 
ATOM   477  O O   . MET A 1 58  ? -6.011  3.459   3.499   1.00 11.01 ? 2846 MET A O   1 
ATOM   478  C CB  . MET A 1 58  ? -6.716  0.439   2.473   1.00 10.05 ? 2846 MET A CB  1 
ATOM   479  C CG  . MET A 1 58  ? -5.576  -0.547  2.791   1.00 10.47 ? 2846 MET A CG  1 
ATOM   480  S SD  . MET A 1 58  ? -5.710  -1.519  4.327   1.00 11.31 ? 2846 MET A SD  1 
ATOM   481  C CE  . MET A 1 58  ? -7.272  -2.405  4.070   1.00 11.55 ? 2846 MET A CE  1 
ATOM   482  N N   . ASP A 1 59  ? -5.031  1.894   4.802   1.00 9.58  ? 2847 ASP A N   1 
ATOM   483  C CA  . ASP A 1 59  ? -3.913  2.754   5.253   1.00 10.06 ? 2847 ASP A CA  1 
ATOM   484  C C   . ASP A 1 59  ? -2.762  1.841   5.668   1.00 9.84  ? 2847 ASP A C   1 
ATOM   485  O O   . ASP A 1 59  ? -2.946  0.632   5.820   1.00 9.76  ? 2847 ASP A O   1 
ATOM   486  C CB  . ASP A 1 59  ? -4.335  3.623   6.427   1.00 10.46 ? 2847 ASP A CB  1 
ATOM   487  C CG  . ASP A 1 59  ? -4.666  2.788   7.641   1.00 11.66 ? 2847 ASP A CG  1 
ATOM   488  O OD1 . ASP A 1 59  ? -5.817  2.269   7.678   1.00 13.00 ? 2847 ASP A OD1 1 
ATOM   489  O OD2 . ASP A 1 59  ? -3.773  2.564   8.499   1.00 12.24 ? 2847 ASP A OD2 1 
ATOM   490  N N   . LEU A 1 60  ? -1.560  2.401   5.808   1.00 10.42 ? 2848 LEU A N   1 
ATOM   491  C CA  . LEU A 1 60  ? -0.378  1.607   6.078   1.00 10.45 ? 2848 LEU A CA  1 
ATOM   492  C C   . LEU A 1 60  ? -0.333  0.981   7.486   1.00 10.65 ? 2848 LEU A C   1 
ATOM   493  O O   . LEU A 1 60  ? 0.289   -0.071  7.653   1.00 11.14 ? 2848 LEU A O   1 
ATOM   494  C CB  . LEU A 1 60  ? 0.886   2.430   5.806   1.00 10.75 ? 2848 LEU A CB  1 
ATOM   495  C CG  . LEU A 1 60  ? 1.089   2.885   4.353   1.00 11.07 ? 2848 LEU A CG  1 
ATOM   496  C CD1 . LEU A 1 60  ? 2.170   3.959   4.254   1.00 11.28 ? 2848 LEU A CD1 1 
ATOM   497  C CD2 . LEU A 1 60  ? 1.419   1.756   3.386   1.00 11.78 ? 2848 LEU A CD2 1 
ATOM   498  N N   . ALA A 1 61  ? -0.998  1.570   8.481   1.00 11.13 ? 2849 ALA A N   1 
ATOM   499  C CA  . ALA A 1 61  ? -1.049  0.950   9.820   1.00 11.73 ? 2849 ALA A CA  1 
ATOM   500  C C   . ALA A 1 61  ? -1.959  -0.285  9.820   1.00 11.16 ? 2849 ALA A C   1 
ATOM   501  O O   . ALA A 1 61  ? -1.630  -1.303  10.476  1.00 11.84 ? 2849 ALA A O   1 
ATOM   502  C CB  . ALA A 1 61  ? -1.517  1.944   10.869  1.00 12.30 ? 2849 ALA A CB  1 
ATOM   503  N N   . THR A 1 62  ? -3.083  -0.226  9.099   1.00 11.31 ? 2850 THR A N   1 
ATOM   504  C CA  . THR A 1 62  ? -3.936  -1.406  8.913   1.00 11.47 ? 2850 THR A CA  1 
ATOM   505  C C   . THR A 1 62  ? -3.132  -2.511  8.206   1.00 10.95 ? 2850 THR A C   1 
ATOM   506  O O   . THR A 1 62  ? -3.176  -3.684  8.602   1.00 11.07 ? 2850 THR A O   1 
ATOM   507  C CB  . THR A 1 62  ? -5.240  -1.027  8.180   1.00 11.93 ? 2850 THR A CB  1 
ATOM   508  O OG1 . THR A 1 62  ? -5.968  -0.110  9.021   1.00 12.85 ? 2850 THR A OG1 1 
ATOM   509  C CG2 . THR A 1 62  ? -6.133  -2.216  7.910   1.00 12.14 ? 2850 THR A CG2 1 
ATOM   510  N N   . MET A 1 63  ? -2.353  -2.146  7.188   1.00 10.69 ? 2851 MET A N   1 
ATOM   511  C CA  . MET A 1 63  ? -1.520  -3.134  6.502   1.00 11.41 ? 2851 MET A CA  1 
ATOM   512  C C   . MET A 1 63  ? -0.453  -3.742  7.426   1.00 11.26 ? 2851 MET A C   1 
ATOM   513  O O   . MET A 1 63  ? -0.180  -4.934  7.331   1.00 10.91 ? 2851 MET A O   1 
ATOM   514  C CB  . MET A 1 63  ? -0.884  -2.577  5.222   1.00 11.59 ? 2851 MET A CB  1 
ATOM   515  C CG  . MET A 1 63  ? -1.919  -2.328  4.122   1.00 11.49 ? 2851 MET A CG  1 
ATOM   516  S SD  . MET A 1 63  ? -1.245  -2.030  2.470   1.00 11.75 ? 2851 MET A SD  1 
ATOM   517  C CE  . MET A 1 63  ? -0.564  -3.641  2.137   1.00 10.87 ? 2851 MET A CE  1 
ATOM   518  N N   A GLU A 1 64  ? 0.141   -2.929  8.299   0.25 11.50 ? 2852 GLU A N   1 
ATOM   519  N N   B GLU A 1 64  ? 0.144   -2.923  8.297   0.25 11.29 ? 2852 GLU A N   1 
ATOM   520  C CA  A GLU A 1 64  ? 1.133   -3.434  9.248   0.25 12.07 ? 2852 GLU A CA  1 
ATOM   521  C CA  B GLU A 1 64  ? 1.132   -3.420  9.259   0.25 11.73 ? 2852 GLU A CA  1 
ATOM   522  C C   A GLU A 1 64  ? 0.515   -4.444  10.219  0.25 11.83 ? 2852 GLU A C   1 
ATOM   523  C C   B GLU A 1 64  ? 0.510   -4.444  10.211  0.25 11.62 ? 2852 GLU A C   1 
ATOM   524  O O   A GLU A 1 64  ? 1.105   -5.496  10.482  0.25 11.69 ? 2852 GLU A O   1 
ATOM   525  O O   B GLU A 1 64  ? 1.095   -5.505  10.454  0.25 11.51 ? 2852 GLU A O   1 
ATOM   526  C CB  A GLU A 1 64  ? 1.799   -2.287  10.016  0.25 12.68 ? 2852 GLU A CB  1 
ATOM   527  C CB  B GLU A 1 64  ? 1.773   -2.273  10.059  0.25 12.03 ? 2852 GLU A CB  1 
ATOM   528  C CG  A GLU A 1 64  ? 2.940   -2.767  10.903  0.25 13.27 ? 2852 GLU A CG  1 
ATOM   529  C CG  B GLU A 1 64  ? 2.721   -2.789  11.138  0.25 12.35 ? 2852 GLU A CG  1 
ATOM   530  C CD  A GLU A 1 64  ? 3.788   -1.646  11.471  0.25 14.15 ? 2852 GLU A CD  1 
ATOM   531  C CD  B GLU A 1 64  ? 3.542   -1.717  11.833  0.25 12.90 ? 2852 GLU A CD  1 
ATOM   532  O OE1 A GLU A 1 64  ? 3.305   -0.497  11.552  0.25 14.48 ? 2852 GLU A OE1 1 
ATOM   533  O OE1 B GLU A 1 64  ? 3.970   -0.740  11.183  0.25 12.81 ? 2852 GLU A OE1 1 
ATOM   534  O OE2 A GLU A 1 64  ? 4.944   -1.928  11.853  0.25 15.28 ? 2852 GLU A OE2 1 
ATOM   535  O OE2 B GLU A 1 64  ? 3.809   -1.884  13.041  0.25 13.46 ? 2852 GLU A OE2 1 
ATOM   536  N N   . GLU A 1 65  ? -0.674  -4.136  10.737  1.00 11.52 ? 2853 GLU A N   1 
ATOM   537  C CA  . GLU A 1 65  ? -1.418  -5.086  11.593  1.00 11.84 ? 2853 GLU A CA  1 
ATOM   538  C C   . GLU A 1 65  ? -1.672  -6.420  10.877  1.00 11.31 ? 2853 GLU A C   1 
ATOM   539  O O   . GLU A 1 65  ? -1.411  -7.505  11.422  1.00 11.26 ? 2853 GLU A O   1 
ATOM   540  C CB  . GLU A 1 65  ? -2.725  -4.459  12.076  1.00 12.49 ? 2853 GLU A CB  1 
ATOM   541  C CG  . GLU A 1 65  ? -3.681  -5.372  12.838  1.00 13.95 ? 2853 GLU A CG  1 
ATOM   542  C CD  . GLU A 1 65  ? -5.042  -4.729  13.081  1.00 15.53 ? 2853 GLU A CD  1 
ATOM   543  O OE1 . GLU A 1 65  ? -5.180  -3.498  12.905  1.00 18.89 ? 2853 GLU A OE1 1 
ATOM   544  O OE2 . GLU A 1 65  ? -5.979  -5.490  13.407  1.00 17.49 ? 2853 GLU A OE2 1 
ATOM   545  N N   . ARG A 1 66  ? -2.124  -6.340  9.631   1.00 10.86 ? 2854 ARG A N   1 
ATOM   546  C CA  . ARG A 1 66  ? -2.358  -7.523  8.810   1.00 10.42 ? 2854 ARG A CA  1 
ATOM   547  C C   . ARG A 1 66  ? -1.083  -8.347  8.506   1.00 10.76 ? 2854 ARG A C   1 
ATOM   548  O O   . ARG A 1 66  ? -1.081  -9.584  8.613   1.00 11.26 ? 2854 ARG A O   1 
ATOM   549  C CB  . ARG A 1 66  ? -3.096  -7.112  7.507   1.00 10.29 ? 2854 ARG A CB  1 
ATOM   550  C CG  . ARG A 1 66  ? -4.565  -6.766  7.741   1.00 10.12 ? 2854 ARG A CG  1 
ATOM   551  C CD  . ARG A 1 66  ? -5.295  -6.232  6.527   1.00 10.64 ? 2854 ARG A CD  1 
ATOM   552  N NE  . ARG A 1 66  ? -6.723  -6.118  6.832   1.00 10.37 ? 2854 ARG A NE  1 
ATOM   553  C CZ  . ARG A 1 66  ? -7.687  -5.887  5.949   1.00 10.76 ? 2854 ARG A CZ  1 
ATOM   554  N NH1 . ARG A 1 66  ? -7.433  -5.749  4.652   1.00 11.01 ? 2854 ARG A NH1 1 
ATOM   555  N NH2 . ARG A 1 66  ? -8.945  -5.823  6.392   1.00 11.38 ? 2854 ARG A NH2 1 
ATOM   556  N N   . VAL A 1 67  ? 0.026   -7.680  8.194   1.00 10.66 ? 2855 VAL A N   1 
ATOM   557  C CA  . VAL A 1 67  ? 1.311   -8.378  8.029   1.00 11.19 ? 2855 VAL A CA  1 
ATOM   558  C C   . VAL A 1 67  ? 1.728   -9.093  9.324   1.00 11.42 ? 2855 VAL A C   1 
ATOM   559  O O   . VAL A 1 67  ? 2.101   -10.292 9.307   1.00 11.73 ? 2855 VAL A O   1 
ATOM   560  C CB  . VAL A 1 67  ? 2.428   -7.414  7.547   1.00 11.37 ? 2855 VAL A CB  1 
ATOM   561  C CG1 . VAL A 1 67  ? 3.804   -8.059  7.609   1.00 12.18 ? 2855 VAL A CG1 1 
ATOM   562  C CG2 . VAL A 1 67  ? 2.152   -6.949  6.118   1.00 11.52 ? 2855 VAL A CG2 1 
ATOM   563  N N   . GLN A 1 68  ? 1.638   -8.400  10.451  1.00 11.89 ? 2856 GLN A N   1 
ATOM   564  C CA  . GLN A 1 68  ? 2.025   -9.015  11.750  1.00 12.74 ? 2856 GLN A CA  1 
ATOM   565  C C   . GLN A 1 68  ? 1.184   -10.260 12.080  1.00 13.14 ? 2856 GLN A C   1 
ATOM   566  O O   . GLN A 1 68  ? 1.718   -11.250 12.565  1.00 14.50 ? 2856 GLN A O   1 
ATOM   567  C CB  . GLN A 1 68  ? 1.953   -7.992  12.907  1.00 13.68 ? 2856 GLN A CB  1 
ATOM   568  C CG  . GLN A 1 68  ? 3.021   -6.906  12.830  1.00 14.98 ? 2856 GLN A CG  1 
ATOM   569  C CD  . GLN A 1 68  ? 2.905   -5.861  13.924  1.00 17.08 ? 2856 GLN A CD  1 
ATOM   570  O OE1 . GLN A 1 68  ? 1.894   -5.154  14.036  1.00 19.54 ? 2856 GLN A OE1 1 
ATOM   571  N NE2 . GLN A 1 68  ? 3.952   -5.747  14.749  1.00 18.87 ? 2856 GLN A NE2 1 
ATOM   572  N N   . ARG A 1 69  ? -0.112  -10.207 11.769  1.00 13.26 ? 2857 ARG A N   1 
ATOM   573  C CA  . ARG A 1 69  ? -1.051  -11.334 11.994  1.00 14.22 ? 2857 ARG A CA  1 
ATOM   574  C C   . ARG A 1 69  ? -1.045  -12.411 10.887  1.00 14.06 ? 2857 ARG A C   1 
ATOM   575  O O   . ARG A 1 69  ? -1.812  -13.377 10.967  1.00 15.22 ? 2857 ARG A O   1 
ATOM   576  C CB  . ARG A 1 69  ? -2.486  -10.803 12.139  1.00 15.94 ? 2857 ARG A CB  1 
ATOM   577  C CG  . ARG A 1 69  ? -2.692  -9.728  13.194  1.00 19.25 ? 2857 ARG A CG  1 
ATOM   578  C CD  . ARG A 1 69  ? -2.818  -10.251 14.589  1.00 22.26 ? 2857 ARG A CD  1 
ATOM   579  N NE  . ARG A 1 69  ? -3.479  -9.261  15.464  1.00 23.54 ? 2857 ARG A NE  1 
ATOM   580  C CZ  . ARG A 1 69  ? -3.149  -9.009  16.737  1.00 24.32 ? 2857 ARG A CZ  1 
ATOM   581  N NH1 . ARG A 1 69  ? -2.103  -9.628  17.325  1.00 21.08 ? 2857 ARG A NH1 1 
ATOM   582  N NH2 . ARG A 1 69  ? -3.869  -8.093  17.418  1.00 24.45 ? 2857 ARG A NH2 1 
ATOM   583  N N   . ARG A 1 70  ? -0.200  -12.245 9.875   1.00 13.29 ? 2858 ARG A N   1 
ATOM   584  C CA  . ARG A 1 70  ? -0.081  -13.167 8.733   1.00 13.88 ? 2858 ARG A CA  1 
ATOM   585  C C   . ARG A 1 70  ? -1.413  -13.325 7.974   1.00 13.50 ? 2858 ARG A C   1 
ATOM   586  O O   . ARG A 1 70  ? -1.778  -14.423 7.532   1.00 12.84 ? 2858 ARG A O   1 
ATOM   587  C CB  . ARG A 1 70  ? 0.507   -14.530 9.162   1.00 15.95 ? 2858 ARG A CB  1 
ATOM   588  C CG  . ARG A 1 70  ? 1.845   -14.474 9.913   1.00 18.12 ? 2858 ARG A CG  1 
ATOM   589  C CD  . ARG A 1 70  ? 2.936   -13.749 9.156   1.00 20.39 ? 2858 ARG A CD  1 
ATOM   590  N NE  . ARG A 1 70  ? 4.281   -13.907 9.725   1.00 20.52 ? 2858 ARG A NE  1 
ATOM   591  C CZ  . ARG A 1 70  ? 4.908   -13.055 10.550  1.00 22.27 ? 2858 ARG A CZ  1 
ATOM   592  N NH1 . ARG A 1 70  ? 4.339   -11.935 11.004  1.00 22.43 ? 2858 ARG A NH1 1 
ATOM   593  N NH2 . ARG A 1 70  ? 6.142   -13.350 10.958  1.00 24.14 ? 2858 ARG A NH2 1 
ATOM   594  N N   . TYR A 1 71  ? -2.126  -12.205 7.811   1.00 12.37 ? 2859 TYR A N   1 
ATOM   595  C CA  . TYR A 1 71  ? -3.427  -12.172 7.110   1.00 11.79 ? 2859 TYR A CA  1 
ATOM   596  C C   . TYR A 1 71  ? -3.329  -12.599 5.653   1.00 11.84 ? 2859 TYR A C   1 
ATOM   597  O O   . TYR A 1 71  ? -4.223  -13.280 5.135   1.00 11.98 ? 2859 TYR A O   1 
ATOM   598  C CB  . TYR A 1 71  ? -3.965  -10.753 7.199   1.00 11.56 ? 2859 TYR A CB  1 
ATOM   599  C CG  . TYR A 1 71  ? -5.150  -10.362 6.339   1.00 11.46 ? 2859 TYR A CG  1 
ATOM   600  C CD1 . TYR A 1 71  ? -6.454  -10.544 6.786   1.00 12.45 ? 2859 TYR A CD1 1 
ATOM   601  C CD2 . TYR A 1 71  ? -4.951  -9.746  5.094   1.00 12.01 ? 2859 TYR A CD2 1 
ATOM   602  C CE1 . TYR A 1 71  ? -7.533  -10.126 6.013   1.00 12.17 ? 2859 TYR A CE1 1 
ATOM   603  C CE2 . TYR A 1 71  ? -6.012  -9.331  4.307   1.00 12.44 ? 2859 TYR A CE2 1 
ATOM   604  C CZ  . TYR A 1 71  ? -7.313  -9.521  4.768   1.00 12.74 ? 2859 TYR A CZ  1 
ATOM   605  O OH  . TYR A 1 71  ? -8.389  -9.063  4.009   1.00 14.17 ? 2859 TYR A OH  1 
ATOM   606  N N   . TYR A 1 72  ? -2.257  -12.176 4.990   1.00 11.63 ? 2860 TYR A N   1 
ATOM   607  C CA  . TYR A 1 72  ? -2.087  -12.392 3.556   1.00 12.65 ? 2860 TYR A CA  1 
ATOM   608  C C   . TYR A 1 72  ? -1.605  -13.824 3.281   1.00 13.52 ? 2860 TYR A C   1 
ATOM   609  O O   . TYR A 1 72  ? -0.646  -14.297 3.913   1.00 13.60 ? 2860 TYR A O   1 
ATOM   610  C CB  . TYR A 1 72  ? -1.111  -11.364 2.924   1.00 11.76 ? 2860 TYR A CB  1 
ATOM   611  C CG  . TYR A 1 72  ? -1.503  -9.921  3.169   1.00 11.28 ? 2860 TYR A CG  1 
ATOM   612  C CD1 . TYR A 1 72  ? -2.602  -9.342  2.514   1.00 10.90 ? 2860 TYR A CD1 1 
ATOM   613  C CD2 . TYR A 1 72  ? -0.857  -9.148  4.136   1.00 11.16 ? 2860 TYR A CD2 1 
ATOM   614  C CE1 . TYR A 1 72  ? -2.989  -8.040  2.769   1.00 10.61 ? 2860 TYR A CE1 1 
ATOM   615  C CE2 . TYR A 1 72  ? -1.243  -7.845  4.392   1.00 10.72 ? 2860 TYR A CE2 1 
ATOM   616  C CZ  . TYR A 1 72  ? -2.317  -7.288  3.723   1.00 10.56 ? 2860 TYR A CZ  1 
ATOM   617  O OH  . TYR A 1 72  ? -2.688  -5.986  4.017   1.00 10.47 ? 2860 TYR A OH  1 
ATOM   618  N N   . GLU A 1 73  ? -2.253  -14.507 2.325   1.00 14.84 ? 2861 GLU A N   1 
ATOM   619  C CA  . GLU A 1 73  ? -1.823  -15.853 1.878   1.00 16.60 ? 2861 GLU A CA  1 
ATOM   620  C C   . GLU A 1 73  ? -1.104  -15.860 0.530   1.00 15.88 ? 2861 GLU A C   1 
ATOM   621  O O   . GLU A 1 73  ? -0.336  -16.780 0.246   1.00 16.20 ? 2861 GLU A O   1 
ATOM   622  C CB  . GLU A 1 73  ? -3.014  -16.801 1.847   1.00 20.35 ? 2861 GLU A CB  1 
ATOM   623  C CG  . GLU A 1 73  ? -3.598  -16.989 3.232   1.00 24.01 ? 2861 GLU A CG  1 
ATOM   624  C CD  . GLU A 1 73  ? -4.688  -18.039 3.302   1.00 28.05 ? 2861 GLU A CD  1 
ATOM   625  O OE1 . GLU A 1 73  ? -5.212  -18.468 2.245   1.00 32.25 ? 2861 GLU A OE1 1 
ATOM   626  O OE2 . GLU A 1 73  ? -5.014  -18.438 4.437   1.00 33.29 ? 2861 GLU A OE2 1 
ATOM   627  N N   . LYS A 1 74  ? -1.333  -14.828 -0.284  1.00 14.40 ? 2862 LYS A N   1 
ATOM   628  C CA  . LYS A 1 74  ? -0.752  -14.701 -1.621  1.00 14.96 ? 2862 LYS A CA  1 
ATOM   629  C C   . LYS A 1 74  ? -0.281  -13.271 -1.831  1.00 13.31 ? 2862 LYS A C   1 
ATOM   630  O O   . LYS A 1 74  ? -0.895  -12.334 -1.318  1.00 12.61 ? 2862 LYS A O   1 
ATOM   631  C CB  . LYS A 1 74  ? -1.815  -15.004 -2.698  1.00 16.15 ? 2862 LYS A CB  1 
ATOM   632  C CG  . LYS A 1 74  ? -2.472  -16.380 -2.600  1.00 18.29 ? 2862 LYS A CG  1 
ATOM   633  C CD  . LYS A 1 74  ? -1.492  -17.523 -2.824  1.00 21.11 ? 2862 LYS A CD  1 
ATOM   634  C CE  . LYS A 1 74  ? -2.121  -18.895 -2.593  1.00 23.56 ? 2862 LYS A CE  1 
ATOM   635  N NZ  . LYS A 1 74  ? -2.383  -19.178 -1.144  1.00 24.43 ? 2862 LYS A NZ  1 
ATOM   636  N N   . LEU A 1 75  ? 0.776   -13.087 -2.616  1.00 12.35 ? 2863 LEU A N   1 
ATOM   637  C CA  . LEU A 1 75  ? 1.296   -11.720 -2.886  1.00 11.55 ? 2863 LEU A CA  1 
ATOM   638  C C   . LEU A 1 75  ? 0.243   -10.810 -3.532  1.00 11.72 ? 2863 LEU A C   1 
ATOM   639  O O   . LEU A 1 75  ? 0.127   -9.630  -3.194  1.00 10.82 ? 2863 LEU A O   1 
ATOM   640  C CB  . LEU A 1 75  ? 2.539   -11.780 -3.781  1.00 11.71 ? 2863 LEU A CB  1 
ATOM   641  C CG  . LEU A 1 75  ? 3.220   -10.466 -4.189  1.00 11.69 ? 2863 LEU A CG  1 
ATOM   642  C CD1 . LEU A 1 75  ? 3.707   -9.677  -2.970  1.00 11.73 ? 2863 LEU A CD1 1 
ATOM   643  C CD2 . LEU A 1 75  ? 4.335   -10.752 -5.190  1.00 12.36 ? 2863 LEU A CD2 1 
ATOM   644  N N   . THR A 1 76  ? -0.578  -11.365 -4.410  1.00 12.00 ? 2864 THR A N   1 
ATOM   645  C CA  . THR A 1 76  ? -1.662  -10.596 -5.009  1.00 12.95 ? 2864 THR A CA  1 
ATOM   646  C C   . THR A 1 76  ? -2.567  -9.874  -3.972  1.00 12.44 ? 2864 THR A C   1 
ATOM   647  O O   . THR A 1 76  ? -3.034  -8.753  -4.230  1.00 12.02 ? 2864 THR A O   1 
ATOM   648  C CB  . THR A 1 76  ? -2.493  -11.489 -5.964  1.00 14.88 ? 2864 THR A CB  1 
ATOM   649  O OG1 . THR A 1 76  ? -3.376  -10.684 -6.759  1.00 21.57 ? 2864 THR A OG1 1 
ATOM   650  C CG2 . THR A 1 76  ? -3.201  -12.563 -5.206  1.00 14.87 ? 2864 THR A CG2 1 
ATOM   651  N N   . GLU A 1 77  ? -2.814  -10.496 -2.828  1.00 12.38 ? 2865 GLU A N   1 
ATOM   652  C CA  . GLU A 1 77  ? -3.684  -9.936  -1.792  1.00 12.78 ? 2865 GLU A CA  1 
ATOM   653  C C   . GLU A 1 77  ? -3.021  -8.705  -1.128  1.00 11.74 ? 2865 GLU A C   1 
ATOM   654  O O   . GLU A 1 77  ? -3.692  -7.702  -0.788  1.00 11.72 ? 2865 GLU A O   1 
ATOM   655  C CB  . GLU A 1 77  ? -4.030  -11.016 -0.749  1.00 14.49 ? 2865 GLU A CB  1 
ATOM   656  C CG  . GLU A 1 77  ? -4.819  -12.210 -1.317  1.00 15.96 ? 2865 GLU A CG  1 
ATOM   657  C CD  . GLU A 1 77  ? -4.926  -13.408 -0.373  1.00 19.36 ? 2865 GLU A CD  1 
ATOM   658  O OE1 . GLU A 1 77  ? -4.236  -13.455 0.673   1.00 20.57 ? 2865 GLU A OE1 1 
ATOM   659  O OE2 . GLU A 1 77  ? -5.729  -14.330 -0.685  1.00 23.70 ? 2865 GLU A OE2 1 
ATOM   660  N N   . PHE A 1 78  ? -1.717  -8.806  -0.887  1.00 10.87 ? 2866 PHE A N   1 
ATOM   661  C CA  . PHE A 1 78  ? -0.919  -7.664  -0.353  1.00 10.44 ? 2866 PHE A CA  1 
ATOM   662  C C   . PHE A 1 78  ? -0.911  -6.499  -1.348  1.00 10.34 ? 2866 PHE A C   1 
ATOM   663  O O   . PHE A 1 78  ? -1.155  -5.360  -0.979  1.00 10.26 ? 2866 PHE A O   1 
ATOM   664  C CB  . PHE A 1 78  ? 0.506   -8.154  -0.036  1.00 10.70 ? 2866 PHE A CB  1 
ATOM   665  C CG  . PHE A 1 78  ? 1.457   -7.103  0.470   1.00 11.18 ? 2866 PHE A CG  1 
ATOM   666  C CD1 . PHE A 1 78  ? 2.329   -6.438  -0.413  1.00 12.22 ? 2866 PHE A CD1 1 
ATOM   667  C CD2 . PHE A 1 78  ? 1.511   -6.787  1.815   1.00 11.52 ? 2866 PHE A CD2 1 
ATOM   668  C CE1 . PHE A 1 78  ? 3.226   -5.479  0.052   1.00 12.46 ? 2866 PHE A CE1 1 
ATOM   669  C CE2 . PHE A 1 78  ? 2.421   -5.844  2.279   1.00 11.39 ? 2866 PHE A CE2 1 
ATOM   670  C CZ  . PHE A 1 78  ? 3.257   -5.173  1.405   1.00 12.22 ? 2866 PHE A CZ  1 
ATOM   671  N N   . VAL A 1 79  ? -0.627  -6.778  -2.615  1.00 10.03 ? 2867 VAL A N   1 
ATOM   672  C CA  . VAL A 1 79  ? -0.665  -5.773  -3.664  1.00 9.93  ? 2867 VAL A CA  1 
ATOM   673  C C   . VAL A 1 79  ? -2.054  -5.107  -3.787  1.00 10.27 ? 2867 VAL A C   1 
ATOM   674  O O   . VAL A 1 79  ? -2.139  -3.892  -3.957  1.00 10.29 ? 2867 VAL A O   1 
ATOM   675  C CB  . VAL A 1 79  ? -0.203  -6.363  -5.026  1.00 10.09 ? 2867 VAL A CB  1 
ATOM   676  C CG1 . VAL A 1 79  ? -0.365  -5.350  -6.159  1.00 10.21 ? 2867 VAL A CG1 1 
ATOM   677  C CG2 . VAL A 1 79  ? 1.240   -6.808  -4.914  1.00 10.65 ? 2867 VAL A CG2 1 
ATOM   678  N N   . ALA A 1 80  ? -3.135  -5.887  -3.667  1.00 10.21 ? 2868 ALA A N   1 
ATOM   679  C CA  . ALA A 1 80  ? -4.503  -5.324  -3.752  1.00 10.46 ? 2868 ALA A CA  1 
ATOM   680  C C   . ALA A 1 80  ? -4.786  -4.333  -2.606  1.00 9.85  ? 2868 ALA A C   1 
ATOM   681  O O   . ALA A 1 80  ? -5.371  -3.277  -2.857  1.00 10.53 ? 2868 ALA A O   1 
ATOM   682  C CB  . ALA A 1 80  ? -5.566  -6.432  -3.808  1.00 10.64 ? 2868 ALA A CB  1 
ATOM   683  N N   . ASP A 1 81  ? -4.396  -4.657  -1.370  1.00 9.98  ? 2869 ASP A N   1 
ATOM   684  C CA  . ASP A 1 81  ? -4.548  -3.679  -0.265  1.00 10.14 ? 2869 ASP A CA  1 
ATOM   685  C C   . ASP A 1 81  ? -3.734  -2.418  -0.523  1.00 10.16 ? 2869 ASP A C   1 
ATOM   686  O O   . ASP A 1 81  ? -4.228  -1.293  -0.293  1.00 10.28 ? 2869 ASP A O   1 
ATOM   687  C CB  . ASP A 1 81  ? -4.191  -4.289  1.102   1.00 10.56 ? 2869 ASP A CB  1 
ATOM   688  C CG  . ASP A 1 81  ? -5.359  -5.013  1.791   1.00 11.11 ? 2869 ASP A CG  1 
ATOM   689  O OD1 . ASP A 1 81  ? -6.517  -5.042  1.279   1.00 11.88 ? 2869 ASP A OD1 1 
ATOM   690  O OD2 . ASP A 1 81  ? -5.096  -5.520  2.915   1.00 11.77 ? 2869 ASP A OD2 1 
ATOM   691  N N   . MET A 1 82  ? -2.497  -2.559  -1.017  1.00 9.64  ? 2870 MET A N   1 
ATOM   692  C CA  . MET A 1 82  ? -1.652  -1.387  -1.247  1.00 10.37 ? 2870 MET A CA  1 
ATOM   693  C C   . MET A 1 82  ? -2.237  -0.504  -2.346  1.00 10.33 ? 2870 MET A C   1 
ATOM   694  O O   . MET A 1 82  ? -2.301  0.723   -2.216  1.00 9.86  ? 2870 MET A O   1 
ATOM   695  C CB  . MET A 1 82  ? -0.218  -1.808  -1.578  1.00 10.88 ? 2870 MET A CB  1 
ATOM   696  C CG  . MET A 1 82  ? 0.775   -0.659  -1.644  1.00 11.71 ? 2870 MET A CG  1 
ATOM   697  S SD  . MET A 1 82  ? 1.124   0.223   -0.110  1.00 13.10 ? 2870 MET A SD  1 
ATOM   698  C CE  . MET A 1 82  ? 1.975   -1.072  0.749   1.00 12.98 ? 2870 MET A CE  1 
ATOM   699  N N   . THR A 1 83  ? -2.704  -1.135  -3.420  1.00 10.44 ? 2871 THR A N   1 
ATOM   700  C CA  . THR A 1 83  ? -3.323  -0.420  -4.531  1.00 11.11 ? 2871 THR A CA  1 
ATOM   701  C C   . THR A 1 83  ? -4.590  0.342   -4.103  1.00 11.30 ? 2871 THR A C   1 
ATOM   702  O O   . THR A 1 83  ? -4.846  1.441   -4.603  1.00 10.74 ? 2871 THR A O   1 
ATOM   703  C CB  . THR A 1 83  ? -3.554  -1.387  -5.711  1.00 11.45 ? 2871 THR A CB  1 
ATOM   704  O OG1 . THR A 1 83  ? -2.291  -1.956  -6.080  1.00 12.78 ? 2871 THR A OG1 1 
ATOM   705  C CG2 . THR A 1 83  ? -4.159  -0.653  -6.924  1.00 12.45 ? 2871 THR A CG2 1 
ATOM   706  N N   . LYS A 1 84  ? -5.369  -0.214  -3.180  1.00 10.99 ? 2872 LYS A N   1 
ATOM   707  C CA  . LYS A 1 84  ? -6.537  0.466   -2.601  1.00 11.62 ? 2872 LYS A CA  1 
ATOM   708  C C   . LYS A 1 84  ? -6.192  1.813   -1.937  1.00 10.32 ? 2872 LYS A C   1 
ATOM   709  O O   . LYS A 1 84  ? -6.922  2.775   -2.095  1.00 9.79  ? 2872 LYS A O   1 
ATOM   710  C CB  . LYS A 1 84  ? -7.223  -0.492  -1.603  1.00 14.60 ? 2872 LYS A CB  1 
ATOM   711  C CG  . LYS A 1 84  ? -8.668  -0.220  -1.303  1.00 16.76 ? 2872 LYS A CG  1 
ATOM   712  C CD  . LYS A 1 84  ? -9.433  -1.498  -0.952  1.00 18.62 ? 2872 LYS A CD  1 
ATOM   713  C CE  . LYS A 1 84  ? -8.964  -2.177  0.328   1.00 18.77 ? 2872 LYS A CE  1 
ATOM   714  N NZ  . LYS A 1 84  ? -9.657  -3.492  0.581   1.00 20.26 ? 2872 LYS A NZ  1 
ATOM   715  N N   . ILE A 1 85  ? -5.058  1.894   -1.242  1.00 10.00 ? 2873 ILE A N   1 
ATOM   716  C CA  . ILE A 1 85  ? -4.632  3.164   -0.674  1.00 9.61  ? 2873 ILE A CA  1 
ATOM   717  C C   . ILE A 1 85  ? -4.556  4.255   -1.754  1.00 9.86  ? 2873 ILE A C   1 
ATOM   718  O O   . ILE A 1 85  ? -5.111  5.344   -1.589  1.00 9.76  ? 2873 ILE A O   1 
ATOM   719  C CB  . ILE A 1 85  ? -3.269  3.025   0.055   1.00 9.45  ? 2873 ILE A CB  1 
ATOM   720  C CG1 . ILE A 1 85  ? -3.407  2.108   1.287   1.00 10.03 ? 2873 ILE A CG1 1 
ATOM   721  C CG2 . ILE A 1 85  ? -2.746  4.385   0.508   1.00 9.79  ? 2873 ILE A CG2 1 
ATOM   722  C CD1 . ILE A 1 85  ? -2.102  1.769   1.991   1.00 9.79  ? 2873 ILE A CD1 1 
ATOM   723  N N   . PHE A 1 86  ? -3.876  3.948   -2.853  1.00 9.71  ? 2874 PHE A N   1 
ATOM   724  C CA  . PHE A 1 86  ? -3.614  4.932   -3.912  1.00 10.23 ? 2874 PHE A CA  1 
ATOM   725  C C   . PHE A 1 86  ? -4.883  5.211   -4.751  1.00 10.41 ? 2874 PHE A C   1 
ATOM   726  O O   . PHE A 1 86  ? -5.177  6.365   -5.076  1.00 10.24 ? 2874 PHE A O   1 
ATOM   727  C CB  . PHE A 1 86  ? -2.446  4.499   -4.807  1.00 10.72 ? 2874 PHE A CB  1 
ATOM   728  C CG  . PHE A 1 86  ? -1.193  4.093   -4.025  1.00 11.48 ? 2874 PHE A CG  1 
ATOM   729  C CD1 . PHE A 1 86  ? -0.671  4.918   -3.047  1.00 12.51 ? 2874 PHE A CD1 1 
ATOM   730  C CD2 . PHE A 1 86  ? -0.548  2.900   -4.313  1.00 12.28 ? 2874 PHE A CD2 1 
ATOM   731  C CE1 . PHE A 1 86  ? 0.477   4.536   -2.340  1.00 13.18 ? 2874 PHE A CE1 1 
ATOM   732  C CE2 . PHE A 1 86  ? 0.607   2.524   -3.624  1.00 12.97 ? 2874 PHE A CE2 1 
ATOM   733  C CZ  . PHE A 1 86  ? 1.099   3.349   -2.647  1.00 12.97 ? 2874 PHE A CZ  1 
ATOM   734  N N   . ASP A 1 87  ? -5.645  4.175   -5.063  1.00 10.11 ? 2875 ASP A N   1 
ATOM   735  C CA  . ASP A 1 87  ? -6.889  4.367   -5.827  1.00 10.66 ? 2875 ASP A CA  1 
ATOM   736  C C   . ASP A 1 87  ? -7.950  5.155   -5.055  1.00 9.61  ? 2875 ASP A C   1 
ATOM   737  O O   . ASP A 1 87  ? -8.667  5.981   -5.652  1.00 9.03  ? 2875 ASP A O   1 
ATOM   738  C CB  . ASP A 1 87  ? -7.476  3.035   -6.302  1.00 11.13 ? 2875 ASP A CB  1 
ATOM   739  C CG  . ASP A 1 87  ? -6.657  2.374   -7.443  1.00 12.89 ? 2875 ASP A CG  1 
ATOM   740  O OD1 . ASP A 1 87  ? -5.693  2.952   -7.980  1.00 14.31 ? 2875 ASP A OD1 1 
ATOM   741  O OD2 . ASP A 1 87  ? -7.046  1.263   -7.841  1.00 14.42 ? 2875 ASP A OD2 1 
ATOM   742  N N   . ASN A 1 88  ? -8.065  4.901   -3.748  1.00 9.49  ? 2876 ASN A N   1 
ATOM   743  C CA  . ASN A 1 88  ? -8.999  5.653   -2.911  1.00 9.48  ? 2876 ASN A CA  1 
ATOM   744  C C   . ASN A 1 88  ? -8.638  7.137   -2.953  1.00 10.01 ? 2876 ASN A C   1 
ATOM   745  O O   . ASN A 1 88  ? -9.496  7.991   -3.104  1.00 9.71  ? 2876 ASN A O   1 
ATOM   746  C CB  . ASN A 1 88  ? -8.995  5.158   -1.457  1.00 9.36  ? 2876 ASN A CB  1 
ATOM   747  C CG  . ASN A 1 88  ? -9.678  3.806   -1.253  1.00 9.34  ? 2876 ASN A CG  1 
ATOM   748  O OD1 . ASN A 1 88  ? -10.333 3.252   -2.142  1.00 10.20 ? 2876 ASN A OD1 1 
ATOM   749  N ND2 . ASN A 1 88  ? -9.479  3.230   -0.028  1.00 9.26  ? 2876 ASN A ND2 1 
ATOM   750  N N   . CYS A 1 89  ? -7.343  7.435   -2.834  1.00 9.85  ? 2877 CYS A N   1 
ATOM   751  C CA  . CYS A 1 89  ? -6.863  8.806   -2.797  1.00 11.00 ? 2877 CYS A CA  1 
ATOM   752  C C   . CYS A 1 89  ? -7.143  9.556   -4.115  1.00 10.97 ? 2877 CYS A C   1 
ATOM   753  O O   . CYS A 1 89  ? -7.632  10.701  -4.109  1.00 11.40 ? 2877 CYS A O   1 
ATOM   754  C CB  . CYS A 1 89  ? -5.353  8.795   -2.455  1.00 10.84 ? 2877 CYS A CB  1 
ATOM   755  S SG  . CYS A 1 89  ? -4.566  10.417  -2.368  1.00 12.59 ? 2877 CYS A SG  1 
ATOM   756  N N   . ARG A 1 90  ? -6.888  8.891   -5.236  1.00 10.86 ? 2878 ARG A N   1 
ATOM   757  C CA  . ARG A 1 90  ? -7.106  9.506   -6.554  1.00 11.57 ? 2878 ARG A CA  1 
ATOM   758  C C   . ARG A 1 90  ? -8.573  9.636   -6.910  1.00 11.35 ? 2878 ARG A C   1 
ATOM   759  O O   . ARG A 1 90  ? -8.893  10.495  -7.731  1.00 12.88 ? 2878 ARG A O   1 
ATOM   760  C CB  . ARG A 1 90  ? -6.325  8.761   -7.634  1.00 12.61 ? 2878 ARG A CB  1 
ATOM   761  C CG  . ARG A 1 90  ? -4.809  8.989   -7.553  1.00 13.71 ? 2878 ARG A CG  1 
ATOM   762  C CD  . ARG A 1 90  ? -4.091  8.412   -8.759  1.00 14.62 ? 2878 ARG A CD  1 
ATOM   763  N NE  . ARG A 1 90  ? -4.177  6.954   -8.708  1.00 14.83 ? 2878 ARG A NE  1 
ATOM   764  C CZ  . ARG A 1 90  ? -3.188  6.102   -8.425  1.00 15.19 ? 2878 ARG A CZ  1 
ATOM   765  N NH1 . ARG A 1 90  ? -1.923  6.502   -8.257  1.00 16.50 ? 2878 ARG A NH1 1 
ATOM   766  N NH2 . ARG A 1 90  ? -3.463  4.801   -8.366  1.00 15.61 ? 2878 ARG A NH2 1 
ATOM   767  N N   . TYR A 1 91  ? -9.457  8.841   -6.313  1.00 11.19 ? 2879 TYR A N   1 
ATOM   768  C CA  . TYR A 1 91  ? -10.928 8.998   -6.493  1.00 11.37 ? 2879 TYR A CA  1 
ATOM   769  C C   . TYR A 1 91  ? -11.518 10.119  -5.607  1.00 11.98 ? 2879 TYR A C   1 
ATOM   770  O O   . TYR A 1 91  ? -12.409 10.854  -6.025  1.00 12.21 ? 2879 TYR A O   1 
ATOM   771  C CB  . TYR A 1 91  ? -11.613 7.651   -6.182  1.00 11.70 ? 2879 TYR A CB  1 
ATOM   772  C CG  . TYR A 1 91  ? -13.133 7.615   -6.276  1.00 11.73 ? 2879 TYR A CG  1 
ATOM   773  C CD1 . TYR A 1 91  ? -13.793 7.840   -7.484  1.00 11.80 ? 2879 TYR A CD1 1 
ATOM   774  C CD2 . TYR A 1 91  ? -13.896 7.320   -5.167  1.00 12.49 ? 2879 TYR A CD2 1 
ATOM   775  C CE1 . TYR A 1 91  ? -15.182 7.775   -7.549  1.00 12.49 ? 2879 TYR A CE1 1 
ATOM   776  C CE2 . TYR A 1 91  ? -15.269 7.229   -5.224  1.00 12.29 ? 2879 TYR A CE2 1 
ATOM   777  C CZ  . TYR A 1 91  ? -15.914 7.457   -6.412  1.00 12.93 ? 2879 TYR A CZ  1 
ATOM   778  O OH  . TYR A 1 91  ? -17.306 7.367   -6.434  1.00 14.20 ? 2879 TYR A OH  1 
ATOM   779  N N   . TYR A 1 92  ? -11.053 10.231  -4.371  1.00 11.72 ? 2880 TYR A N   1 
ATOM   780  C CA  . TYR A 1 92  ? -11.565 11.245  -3.440  1.00 11.87 ? 2880 TYR A CA  1 
ATOM   781  C C   . TYR A 1 92  ? -11.068 12.652  -3.757  1.00 12.00 ? 2880 TYR A C   1 
ATOM   782  O O   . TYR A 1 92  ? -11.850 13.613  -3.650  1.00 12.69 ? 2880 TYR A O   1 
ATOM   783  C CB  . TYR A 1 92  ? -11.258 10.857  -1.984  1.00 13.24 ? 2880 TYR A CB  1 
ATOM   784  C CG  . TYR A 1 92  ? -11.878 11.826  -0.987  1.00 14.57 ? 2880 TYR A CG  1 
ATOM   785  C CD1 . TYR A 1 92  ? -13.242 11.758  -0.668  1.00 15.96 ? 2880 TYR A CD1 1 
ATOM   786  C CD2 . TYR A 1 92  ? -11.110 12.822  -0.378  1.00 16.82 ? 2880 TYR A CD2 1 
ATOM   787  C CE1 . TYR A 1 92  ? -13.815 12.666  0.233   1.00 16.97 ? 2880 TYR A CE1 1 
ATOM   788  C CE2 . TYR A 1 92  ? -11.676 13.722  0.519   1.00 17.61 ? 2880 TYR A CE2 1 
ATOM   789  C CZ  . TYR A 1 92  ? -13.019 13.645  0.815   1.00 17.87 ? 2880 TYR A CZ  1 
ATOM   790  O OH  . TYR A 1 92  ? -13.552 14.564  1.722   1.00 20.81 ? 2880 TYR A OH  1 
ATOM   791  N N   . ASN A 1 93  ? -9.783  12.794  -4.098  1.00 11.62 ? 2881 ASN A N   1 
ATOM   792  C CA  . ASN A 1 93  ? -9.144  14.114  -4.222  1.00 12.62 ? 2881 ASN A CA  1 
ATOM   793  C C   . ASN A 1 93  ? -9.024  14.547  -5.693  1.00 13.63 ? 2881 ASN A C   1 
ATOM   794  O O   . ASN A 1 93  ? -8.892  13.697  -6.564  1.00 13.36 ? 2881 ASN A O   1 
ATOM   795  C CB  . ASN A 1 93  ? -7.750  14.041  -3.603  1.00 12.67 ? 2881 ASN A CB  1 
ATOM   796  C CG  . ASN A 1 93  ? -7.785  13.795  -2.112  1.00 12.42 ? 2881 ASN A CG  1 
ATOM   797  O OD1 . ASN A 1 93  ? -8.153  14.694  -1.336  1.00 14.17 ? 2881 ASN A OD1 1 
ATOM   798  N ND2 . ASN A 1 93  ? -7.374  12.587  -1.676  1.00 12.25 ? 2881 ASN A ND2 1 
ATOM   799  N N   . PRO A 1 94  ? -9.046  15.868  -5.978  1.00 15.83 ? 2882 PRO A N   1 
ATOM   800  C CA  . PRO A 1 94  ? -8.794  16.306  -7.366  1.00 16.82 ? 2882 PRO A CA  1 
ATOM   801  C C   . PRO A 1 94  ? -7.334  16.150  -7.793  1.00 17.14 ? 2882 PRO A C   1 
ATOM   802  O O   . PRO A 1 94  ? -6.441  16.067  -6.945  1.00 15.87 ? 2882 PRO A O   1 
ATOM   803  C CB  . PRO A 1 94  ? -9.195  17.787  -7.359  1.00 18.11 ? 2882 PRO A CB  1 
ATOM   804  C CG  . PRO A 1 94  ? -9.199  18.219  -5.930  1.00 17.86 ? 2882 PRO A CG  1 
ATOM   805  C CD  . PRO A 1 94  ? -9.335  16.993  -5.068  1.00 16.95 ? 2882 PRO A CD  1 
ATOM   806  N N   . SER A 1 95  ? -7.095  16.089  -9.098  1.00 17.17 ? 2883 SER A N   1 
ATOM   807  C CA  . SER A 1 95  ? -5.762  15.797  -9.639  1.00 18.88 ? 2883 SER A CA  1 
ATOM   808  C C   . SER A 1 95  ? -4.697  16.848  -9.328  1.00 19.20 ? 2883 SER A C   1 
ATOM   809  O O   . SER A 1 95  ? -3.521  16.525  -9.342  1.00 21.30 ? 2883 SER A O   1 
ATOM   810  C CB  . SER A 1 95  ? -5.819  15.506  -11.148 1.00 19.31 ? 2883 SER A CB  1 
ATOM   811  O OG  . SER A 1 95  ? -6.321  16.620  -11.858 1.00 21.55 ? 2883 SER A OG  1 
ATOM   812  N N   . ASP A 1 96  ? -5.099  18.075  -8.999  1.00 19.88 ? 2884 ASP A N   1 
ATOM   813  C CA  . ASP A 1 96  ? -4.131  19.104  -8.547  1.00 20.29 ? 2884 ASP A CA  1 
ATOM   814  C C   . ASP A 1 96  ? -3.895  19.248  -7.021  1.00 19.35 ? 2884 ASP A C   1 
ATOM   815  O O   . ASP A 1 96  ? -3.246  20.206  -6.589  1.00 20.24 ? 2884 ASP A O   1 
ATOM   816  C CB  . ASP A 1 96  ? -4.496  20.471  -9.163  1.00 23.27 ? 2884 ASP A CB  1 
ATOM   817  C CG  . ASP A 1 96  ? -5.783  21.061  -8.599  1.00 25.96 ? 2884 ASP A CG  1 
ATOM   818  O OD1 . ASP A 1 96  ? -6.533  20.359  -7.872  1.00 26.28 ? 2884 ASP A OD1 1 
ATOM   819  O OD2 . ASP A 1 96  ? -6.057  22.255  -8.890  1.00 28.66 ? 2884 ASP A OD2 1 
ATOM   820  N N   A SER A 1 97  ? -4.426  18.328  -6.222  0.25 18.53 ? 2885 SER A N   1 
ATOM   821  N N   B SER A 1 97  ? -4.418  18.297  -6.242  0.25 18.18 ? 2885 SER A N   1 
ATOM   822  C CA  A SER A 1 97  ? -4.237  18.380  -4.779  0.25 17.80 ? 2885 SER A CA  1 
ATOM   823  C CA  B SER A 1 97  ? -4.251  18.254  -4.789  0.25 17.24 ? 2885 SER A CA  1 
ATOM   824  C C   A SER A 1 97  ? -2.910  17.723  -4.402  0.25 17.20 ? 2885 SER A C   1 
ATOM   825  C C   B SER A 1 97  ? -2.875  17.697  -4.416  0.25 16.90 ? 2885 SER A C   1 
ATOM   826  O O   A SER A 1 97  ? -2.473  16.785  -5.071  0.25 16.92 ? 2885 SER A O   1 
ATOM   827  O O   B SER A 1 97  ? -2.369  16.806  -5.103  0.25 16.67 ? 2885 SER A O   1 
ATOM   828  C CB  A SER A 1 97  ? -5.382  17.665  -4.080  0.25 17.91 ? 2885 SER A CB  1 
ATOM   829  C CB  B SER A 1 97  ? -5.343  17.358  -4.188  0.25 17.00 ? 2885 SER A CB  1 
ATOM   830  O OG  A SER A 1 97  ? -5.380  16.301  -4.429  0.25 17.97 ? 2885 SER A OG  1 
ATOM   831  O OG  B SER A 1 97  ? -5.112  17.064  -2.820  0.25 16.38 ? 2885 SER A OG  1 
ATOM   832  N N   . PRO A 1 98  ? -2.262  18.203  -3.323  1.00 16.74 ? 2886 PRO A N   1 
ATOM   833  C CA  . PRO A 1 98  ? -1.028  17.551  -2.837  1.00 16.27 ? 2886 PRO A CA  1 
ATOM   834  C C   . PRO A 1 98  ? -1.250  16.081  -2.405  1.00 14.80 ? 2886 PRO A C   1 
ATOM   835  O O   . PRO A 1 98  ? -0.349  15.288  -2.525  1.00 13.86 ? 2886 PRO A O   1 
ATOM   836  C CB  . PRO A 1 98  ? -0.586  18.427  -1.643  1.00 17.22 ? 2886 PRO A CB  1 
ATOM   837  C CG  . PRO A 1 98  ? -1.781  19.227  -1.273  1.00 18.38 ? 2886 PRO A CG  1 
ATOM   838  C CD  . PRO A 1 98  ? -2.583  19.413  -2.519  1.00 17.41 ? 2886 PRO A CD  1 
ATOM   839  N N   . PHE A 1 99  ? -2.458  15.729  -1.953  1.00 13.46 ? 2887 PHE A N   1 
ATOM   840  C CA  . PHE A 1 99  ? -2.761  14.338  -1.603  1.00 13.70 ? 2887 PHE A CA  1 
ATOM   841  C C   . PHE A 1 99  ? -2.661  13.435  -2.834  1.00 12.70 ? 2887 PHE A C   1 
ATOM   842  O O   . PHE A 1 99  ? -2.018  12.405  -2.761  1.00 11.83 ? 2887 PHE A O   1 
ATOM   843  C CB  . PHE A 1 99  ? -4.168  14.224  -1.007  1.00 14.47 ? 2887 PHE A CB  1 
ATOM   844  C CG  . PHE A 1 99  ? -4.333  14.916  0.334   1.00 16.10 ? 2887 PHE A CG  1 
ATOM   845  C CD1 . PHE A 1 99  ? -3.927  14.279  1.499   1.00 17.99 ? 2887 PHE A CD1 1 
ATOM   846  C CD2 . PHE A 1 99  ? -4.933  16.170  0.433   1.00 18.69 ? 2887 PHE A CD2 1 
ATOM   847  C CE1 . PHE A 1 99  ? -4.090  14.887  2.737   1.00 19.46 ? 2887 PHE A CE1 1 
ATOM   848  C CE2 . PHE A 1 99  ? -5.101  16.789  1.668   1.00 19.16 ? 2887 PHE A CE2 1 
ATOM   849  C CZ  . PHE A 1 99  ? -4.674  16.150  2.818   1.00 19.20 ? 2887 PHE A CZ  1 
ATOM   850  N N   . TYR A 1 100 ? -3.269  13.857  -3.946  1.00 13.01 ? 2888 TYR A N   1 
ATOM   851  C CA  . TYR A 1 100 ? -3.174  13.150  -5.241  1.00 13.28 ? 2888 TYR A CA  1 
ATOM   852  C C   . TYR A 1 100 ? -1.709  12.965  -5.687  1.00 13.58 ? 2888 TYR A C   1 
ATOM   853  O O   . TYR A 1 100 ? -1.330  11.867  -6.091  1.00 13.39 ? 2888 TYR A O   1 
ATOM   854  C CB  . TYR A 1 100 ? -4.000  13.901  -6.306  1.00 12.78 ? 2888 TYR A CB  1 
ATOM   855  C CG  . TYR A 1 100 ? -4.346  13.131  -7.572  1.00 13.41 ? 2888 TYR A CG  1 
ATOM   856  C CD1 . TYR A 1 100 ? -3.374  12.863  -8.548  1.00 13.72 ? 2888 TYR A CD1 1 
ATOM   857  C CD2 . TYR A 1 100 ? -5.664  12.719  -7.820  1.00 13.97 ? 2888 TYR A CD2 1 
ATOM   858  C CE1 . TYR A 1 100 ? -3.705  12.195  -9.723  1.00 14.96 ? 2888 TYR A CE1 1 
ATOM   859  C CE2 . TYR A 1 100 ? -5.999  12.049  -8.985  1.00 14.40 ? 2888 TYR A CE2 1 
ATOM   860  C CZ  . TYR A 1 100 ? -5.017  11.794  -9.925  1.00 14.70 ? 2888 TYR A CZ  1 
ATOM   861  O OH  . TYR A 1 100 ? -5.341  11.132  -11.093 1.00 18.28 ? 2888 TYR A OH  1 
ATOM   862  N N   A GLN A 1 101 ? -0.918  14.044  -5.598  0.38 14.12 ? 2889 GLN A N   1 
ATOM   863  N N   B GLN A 1 101 ? -0.910  14.024  -5.597  0.12 13.54 ? 2889 GLN A N   1 
ATOM   864  C CA  A GLN A 1 101 ? 0.527   14.052  -5.908  0.38 14.82 ? 2889 GLN A CA  1 
ATOM   865  C CA  B GLN A 1 101 ? 0.499   13.972  -5.985  0.12 13.66 ? 2889 GLN A CA  1 
ATOM   866  C C   A GLN A 1 101 ? 1.282   12.995  -5.118  0.38 13.94 ? 2889 GLN A C   1 
ATOM   867  C C   B GLN A 1 101 ? 1.319   13.011  -5.116  0.12 13.42 ? 2889 GLN A C   1 
ATOM   868  O O   A GLN A 1 101 ? 2.110   12.262  -5.663  0.38 13.11 ? 2889 GLN A O   1 
ATOM   869  O O   B GLN A 1 101 ? 2.227   12.348  -5.625  0.12 13.12 ? 2889 GLN A O   1 
ATOM   870  C CB  A GLN A 1 101 ? 1.155   15.434  -5.586  0.38 16.36 ? 2889 GLN A CB  1 
ATOM   871  C CB  B GLN A 1 101 ? 1.105   15.373  -5.937  0.12 14.00 ? 2889 GLN A CB  1 
ATOM   872  C CG  A GLN A 1 101 ? 2.695   15.461  -5.553  0.38 17.92 ? 2889 GLN A CG  1 
ATOM   873  C CG  B GLN A 1 101 ? 2.602   15.432  -6.194  0.12 14.36 ? 2889 GLN A CG  1 
ATOM   874  C CD  A GLN A 1 101 ? 3.314   16.525  -4.631  0.38 19.30 ? 2889 GLN A CD  1 
ATOM   875  C CD  B GLN A 1 101 ? 3.172   16.806  -5.897  0.12 14.62 ? 2889 GLN A CD  1 
ATOM   876  O OE1 A GLN A 1 101 ? 2.626   17.208  -3.883  0.38 20.98 ? 2889 GLN A OE1 1 
ATOM   877  O OE1 B GLN A 1 101 ? 4.306   16.938  -5.435  0.12 14.80 ? 2889 GLN A OE1 1 
ATOM   878  N NE2 A GLN A 1 101 ? 4.634   16.634  -4.671  0.38 18.37 ? 2889 GLN A NE2 1 
ATOM   879  N NE2 B GLN A 1 101 ? 2.375   17.837  -6.141  0.12 15.14 ? 2889 GLN A NE2 1 
ATOM   880  N N   . CYS A 1 102 ? 1.010   12.940  -3.819  1.00 13.02 ? 2890 CYS A N   1 
ATOM   881  C CA  . CYS A 1 102 ? 1.658   11.963  -2.935  1.00 13.54 ? 2890 CYS A CA  1 
ATOM   882  C C   . CYS A 1 102 ? 1.337   10.525  -3.340  1.00 12.61 ? 2890 CYS A C   1 
ATOM   883  O O   . CYS A 1 102 ? 2.218   9.677   -3.335  1.00 12.26 ? 2890 CYS A O   1 
ATOM   884  C CB  . CYS A 1 102 ? 1.288   12.182  -1.470  1.00 13.24 ? 2890 CYS A CB  1 
ATOM   885  S SG  . CYS A 1 102 ? 2.009   13.633  -0.661  1.00 16.02 ? 2890 CYS A SG  1 
ATOM   886  N N   . ALA A 1 103 ? 0.086   10.264  -3.740  1.00 11.81 ? 2891 ALA A N   1 
ATOM   887  C CA  . ALA A 1 103 ? -0.280  8.945   -4.270  1.00 11.96 ? 2891 ALA A CA  1 
ATOM   888  C C   . ALA A 1 103 ? 0.525   8.553   -5.528  1.00 12.30 ? 2891 ALA A C   1 
ATOM   889  O O   . ALA A 1 103 ? 0.962   7.394   -5.649  1.00 11.72 ? 2891 ALA A O   1 
ATOM   890  C CB  . ALA A 1 103 ? -1.790  8.858   -4.536  1.00 12.14 ? 2891 ALA A CB  1 
ATOM   891  N N   A GLU A 1 104 ? 0.708   9.507   -6.443  0.25 12.53 ? 2892 GLU A N   1 
ATOM   892  N N   B GLU A 1 104 ? 0.717   9.498   -6.447  0.25 12.02 ? 2892 GLU A N   1 
ATOM   893  C CA  A GLU A 1 104 ? 1.483   9.284   -7.669  0.25 13.22 ? 2892 GLU A CA  1 
ATOM   894  C CA  B GLU A 1 104 ? 1.468   9.228   -7.676  0.25 12.38 ? 2892 GLU A CA  1 
ATOM   895  C C   A GLU A 1 104 ? 2.924   8.898   -7.354  0.25 12.87 ? 2892 GLU A C   1 
ATOM   896  C C   B GLU A 1 104 ? 2.939   8.913   -7.383  0.25 12.40 ? 2892 GLU A C   1 
ATOM   897  O O   A GLU A 1 104 ? 3.450   7.923   -7.895  0.25 12.73 ? 2892 GLU A O   1 
ATOM   898  O O   B GLU A 1 104 ? 3.505   7.989   -7.973  0.25 12.31 ? 2892 GLU A O   1 
ATOM   899  C CB  A GLU A 1 104 ? 1.483   10.542  -8.546  0.25 14.03 ? 2892 GLU A CB  1 
ATOM   900  C CB  B GLU A 1 104 ? 1.357   10.406  -8.656  0.25 12.44 ? 2892 GLU A CB  1 
ATOM   901  C CG  A GLU A 1 104 ? 0.146   10.901  -9.174  0.25 14.88 ? 2892 GLU A CG  1 
ATOM   902  C CG  B GLU A 1 104 ? -0.058  10.729  -9.129  0.25 12.73 ? 2892 GLU A CG  1 
ATOM   903  C CD  A GLU A 1 104 ? 0.184   12.235  -9.896  0.25 15.82 ? 2892 GLU A CD  1 
ATOM   904  C CD  B GLU A 1 104 ? -0.548  9.797   -10.224 0.25 12.83 ? 2892 GLU A CD  1 
ATOM   905  O OE1 A GLU A 1 104 ? 0.827   13.178  -9.379  0.25 16.95 ? 2892 GLU A OE1 1 
ATOM   906  O OE1 B GLU A 1 104 ? -0.786  10.282  -11.357 0.25 13.48 ? 2892 GLU A OE1 1 
ATOM   907  O OE2 A GLU A 1 104 ? -0.433  12.344  -10.975 0.25 17.16 ? 2892 GLU A OE2 1 
ATOM   908  O OE2 B GLU A 1 104 ? -0.693  8.586   -9.956  0.25 13.35 ? 2892 GLU A OE2 1 
ATOM   909  N N   . VAL A 1 105 ? 3.558   9.668   -6.473  1.00 12.29 ? 2893 VAL A N   1 
ATOM   910  C CA  . VAL A 1 105 ? 4.963   9.415   -6.088  1.00 12.64 ? 2893 VAL A CA  1 
ATOM   911  C C   . VAL A 1 105 ? 5.116   8.091   -5.344  1.00 11.92 ? 2893 VAL A C   1 
ATOM   912  O O   . VAL A 1 105 ? 5.976   7.252   -5.684  1.00 11.33 ? 2893 VAL A O   1 
ATOM   913  C CB  . VAL A 1 105 ? 5.583   10.537  -5.201  1.00 13.46 ? 2893 VAL A CB  1 
ATOM   914  C CG1 . VAL A 1 105 ? 7.065   10.209  -4.936  1.00 14.02 ? 2893 VAL A CG1 1 
ATOM   915  C CG2 . VAL A 1 105 ? 5.432   11.933  -5.817  1.00 14.76 ? 2893 VAL A CG2 1 
ATOM   916  N N   . LEU A 1 106 ? 4.274   7.893   -4.333  1.00 11.26 ? 2894 LEU A N   1 
ATOM   917  C CA  . LEU A 1 106 ? 4.400   6.703   -3.515  1.00 11.54 ? 2894 LEU A CA  1 
ATOM   918  C C   . LEU A 1 106 ? 4.053   5.410   -4.268  1.00 11.24 ? 2894 LEU A C   1 
ATOM   919  O O   . LEU A 1 106 ? 4.722   4.386   -4.055  1.00 11.21 ? 2894 LEU A O   1 
ATOM   920  C CB  . LEU A 1 106 ? 3.634   6.809   -2.177  1.00 12.10 ? 2894 LEU A CB  1 
ATOM   921  C CG  . LEU A 1 106 ? 4.158   5.910   -1.061  1.00 13.04 ? 2894 LEU A CG  1 
ATOM   922  C CD1 . LEU A 1 106 ? 5.587   6.220   -0.623  1.00 13.26 ? 2894 LEU A CD1 1 
ATOM   923  C CD2 . LEU A 1 106 ? 3.208   5.958   0.130   1.00 13.80 ? 2894 LEU A CD2 1 
ATOM   924  N N   . GLU A 1 107 ? 3.093   5.442   -5.197  1.00 10.74 ? 2895 GLU A N   1 
ATOM   925  C CA  . GLU A 1 107 ? 2.817   4.235   -6.007  1.00 11.84 ? 2895 GLU A CA  1 
ATOM   926  C C   . GLU A 1 107 ? 4.012   3.859   -6.907  1.00 11.44 ? 2895 GLU A C   1 
ATOM   927  O O   . GLU A 1 107 ? 4.332   2.678   -7.029  1.00 11.31 ? 2895 GLU A O   1 
ATOM   928  C CB  . GLU A 1 107 ? 1.535   4.344   -6.834  1.00 12.75 ? 2895 GLU A CB  1 
ATOM   929  C CG  . GLU A 1 107 ? 1.164   3.022   -7.520  1.00 14.51 ? 2895 GLU A CG  1 
ATOM   930  C CD  . GLU A 1 107 ? -0.282  2.956   -7.973  1.00 16.63 ? 2895 GLU A CD  1 
ATOM   931  O OE1 . GLU A 1 107 ? -0.825  3.999   -8.351  1.00 19.49 ? 2895 GLU A OE1 1 
ATOM   932  O OE2 . GLU A 1 107 ? -0.876  1.853   -7.998  1.00 20.27 ? 2895 GLU A OE2 1 
ATOM   933  N N   . SER A 1 108 ? 4.675   4.856   -7.500  1.00 11.64 ? 2896 SER A N   1 
ATOM   934  C CA  . SER A 1 108 ? 5.879   4.606   -8.318  1.00 12.07 ? 2896 SER A CA  1 
ATOM   935  C C   . SER A 1 108 ? 6.998   3.954   -7.481  1.00 11.20 ? 2896 SER A C   1 
ATOM   936  O O   . SER A 1 108 ? 7.694   3.044   -7.950  1.00 10.70 ? 2896 SER A O   1 
ATOM   937  C CB  . SER A 1 108 ? 6.380   5.907   -9.011  1.00 12.90 ? 2896 SER A CB  1 
ATOM   938  O OG  . SER A 1 108 ? 7.156   6.750   -8.158  1.00 17.62 ? 2896 SER A OG  1 
ATOM   939  N N   . PHE A 1 109 ? 7.139   4.416   -6.240  1.00 10.77 ? 2897 PHE A N   1 
ATOM   940  C CA  . PHE A 1 109 ? 8.116   3.868   -5.274  1.00 10.94 ? 2897 PHE A CA  1 
ATOM   941  C C   . PHE A 1 109 ? 7.770   2.418   -4.889  1.00 10.61 ? 2897 PHE A C   1 
ATOM   942  O O   . PHE A 1 109 ? 8.635   1.531   -4.884  1.00 10.68 ? 2897 PHE A O   1 
ATOM   943  C CB  . PHE A 1 109 ? 8.193   4.791   -4.048  1.00 11.13 ? 2897 PHE A CB  1 
ATOM   944  C CG  . PHE A 1 109 ? 9.239   4.395   -3.033  1.00 11.51 ? 2897 PHE A CG  1 
ATOM   945  C CD1 . PHE A 1 109 ? 10.609  4.581   -3.299  1.00 11.92 ? 2897 PHE A CD1 1 
ATOM   946  C CD2 . PHE A 1 109 ? 8.859   3.902   -1.803  1.00 12.82 ? 2897 PHE A CD2 1 
ATOM   947  C CE1 . PHE A 1 109 ? 11.559  4.225   -2.358  1.00 12.58 ? 2897 PHE A CE1 1 
ATOM   948  C CE2 . PHE A 1 109 ? 9.806   3.560   -0.852  1.00 13.05 ? 2897 PHE A CE2 1 
ATOM   949  C CZ  . PHE A 1 109 ? 11.147  3.727   -1.131  1.00 12.71 ? 2897 PHE A CZ  1 
ATOM   950  N N   . PHE A 1 110 ? 6.491   2.170   -4.589  1.00 11.04 ? 2898 PHE A N   1 
ATOM   951  C CA  . PHE A 1 110 ? 6.001   0.816   -4.326  1.00 11.46 ? 2898 PHE A CA  1 
ATOM   952  C C   . PHE A 1 110 ? 6.326   -0.148  -5.494  1.00 11.03 ? 2898 PHE A C   1 
ATOM   953  O O   . PHE A 1 110 ? 6.811   -1.263  -5.267  1.00 10.82 ? 2898 PHE A O   1 
ATOM   954  C CB  . PHE A 1 110 ? 4.489   0.822   -4.054  1.00 11.61 ? 2898 PHE A CB  1 
ATOM   955  C CG  . PHE A 1 110 ? 3.914   -0.537  -3.873  1.00 11.71 ? 2898 PHE A CG  1 
ATOM   956  C CD1 . PHE A 1 110 ? 4.339   -1.346  -2.822  1.00 11.76 ? 2898 PHE A CD1 1 
ATOM   957  C CD2 . PHE A 1 110 ? 2.955   -1.036  -4.745  1.00 12.42 ? 2898 PHE A CD2 1 
ATOM   958  C CE1 . PHE A 1 110 ? 3.793   -2.621  -2.645  1.00 11.76 ? 2898 PHE A CE1 1 
ATOM   959  C CE2 . PHE A 1 110 ? 2.424   -2.308  -4.578  1.00 12.51 ? 2898 PHE A CE2 1 
ATOM   960  C CZ  . PHE A 1 110 ? 2.852   -3.097  -3.533  1.00 11.91 ? 2898 PHE A CZ  1 
ATOM   961  N N   . VAL A 1 111 ? 6.068   0.276   -6.721  1.00 11.00 ? 2899 VAL A N   1 
ATOM   962  C CA  . VAL A 1 111 ? 6.368   -0.549  -7.897  1.00 11.52 ? 2899 VAL A CA  1 
ATOM   963  C C   . VAL A 1 111 ? 7.860   -0.899  -7.969  1.00 11.15 ? 2899 VAL A C   1 
ATOM   964  O O   . VAL A 1 111 ? 8.210   -2.056  -8.219  1.00 11.52 ? 2899 VAL A O   1 
ATOM   965  C CB  . VAL A 1 111 ? 5.831   0.077   -9.205  1.00 12.23 ? 2899 VAL A CB  1 
ATOM   966  C CG1 . VAL A 1 111 ? 6.379   -0.662  -10.435 1.00 12.47 ? 2899 VAL A CG1 1 
ATOM   967  C CG2 . VAL A 1 111 ? 4.321   0.041   -9.207  1.00 12.35 ? 2899 VAL A CG2 1 
ATOM   968  N N   . GLN A 1 112 ? 8.729   0.075   -7.720  1.00 11.68 ? 2900 GLN A N   1 
ATOM   969  C CA  . GLN A 1 112 ? 10.182  -0.204  -7.692  1.00 11.54 ? 2900 GLN A CA  1 
ATOM   970  C C   . GLN A 1 112 ? 10.508  -1.256  -6.638  1.00 11.62 ? 2900 GLN A C   1 
ATOM   971  O O   . GLN A 1 112 ? 11.209  -2.256  -6.935  1.00 12.49 ? 2900 GLN A O   1 
ATOM   972  C CB  . GLN A 1 112 ? 11.004  1.070   -7.425  1.00 11.69 ? 2900 GLN A CB  1 
ATOM   973  C CG  . GLN A 1 112 ? 11.014  2.099   -8.547  1.00 12.00 ? 2900 GLN A CG  1 
ATOM   974  C CD  . GLN A 1 112 ? 11.629  3.449   -8.161  1.00 11.90 ? 2900 GLN A CD  1 
ATOM   975  O OE1 . GLN A 1 112 ? 11.519  3.925   -7.012  1.00 13.28 ? 2900 GLN A OE1 1 
ATOM   976  N NE2 . GLN A 1 112 ? 12.244  4.115   -9.146  1.00 12.18 ? 2900 GLN A NE2 1 
ATOM   977  N N   . LYS A 1 113 ? 9.972   -1.089  -5.428  1.00 11.02 ? 2901 LYS A N   1 
ATOM   978  C CA  . LYS A 1 113 ? 10.270  -2.031  -4.345  1.00 11.26 ? 2901 LYS A CA  1 
ATOM   979  C C   . LYS A 1 113 ? 9.655   -3.416  -4.565  1.00 11.34 ? 2901 LYS A C   1 
ATOM   980  O O   . LYS A 1 113 ? 10.274  -4.433  -4.236  1.00 11.55 ? 2901 LYS A O   1 
ATOM   981  C CB  . LYS A 1 113 ? 9.824   -1.453  -2.987  1.00 11.51 ? 2901 LYS A CB  1 
ATOM   982  C CG  . LYS A 1 113 ? 10.591  -0.214  -2.536  1.00 12.51 ? 2901 LYS A CG  1 
ATOM   983  C CD  . LYS A 1 113 ? 11.974  -0.587  -1.994  1.00 13.23 ? 2901 LYS A CD  1 
ATOM   984  C CE  . LYS A 1 113 ? 12.768  0.635   -1.549  1.00 14.27 ? 2901 LYS A CE  1 
ATOM   985  N NZ  . LYS A 1 113 ? 14.084  0.237   -0.975  1.00 15.26 ? 2901 LYS A NZ  1 
ATOM   986  N N   . LEU A 1 114 ? 8.450   -3.455  -5.118  1.00 11.53 ? 2902 LEU A N   1 
ATOM   987  C CA  . LEU A 1 114 ? 7.768   -4.713  -5.462  1.00 11.91 ? 2902 LEU A CA  1 
ATOM   988  C C   . LEU A 1 114 ? 8.537   -5.532  -6.503  1.00 12.42 ? 2902 LEU A C   1 
ATOM   989  O O   . LEU A 1 114 ? 8.671   -6.751  -6.360  1.00 12.97 ? 2902 LEU A O   1 
ATOM   990  C CB  . LEU A 1 114 ? 6.329   -4.434  -5.943  1.00 12.53 ? 2902 LEU A CB  1 
ATOM   991  C CG  . LEU A 1 114 ? 5.445   -5.625  -6.356  1.00 13.05 ? 2902 LEU A CG  1 
ATOM   992  C CD1 . LEU A 1 114 ? 5.196   -6.503  -5.131  1.00 12.81 ? 2902 LEU A CD1 1 
ATOM   993  C CD2 . LEU A 1 114 ? 4.134   -5.177  -6.978  1.00 13.33 ? 2902 LEU A CD2 1 
ATOM   994  N N   . LYS A 1 115 ? 9.050   -4.875  -7.538  1.00 12.77 ? 2903 LYS A N   1 
ATOM   995  C CA  . LYS A 1 115 ? 9.933   -5.547  -8.508  1.00 13.13 ? 2903 LYS A CA  1 
ATOM   996  C C   . LYS A 1 115 ? 11.173  -6.137  -7.831  1.00 12.51 ? 2903 LYS A C   1 
ATOM   997  O O   . LYS A 1 115 ? 11.554  -7.271  -8.133  1.00 12.79 ? 2903 LYS A O   1 
ATOM   998  C CB  . LYS A 1 115 ? 10.336  -4.616  -9.648  1.00 14.43 ? 2903 LYS A CB  1 
ATOM   999  C CG  . LYS A 1 115 ? 9.205   -4.250  -10.599 1.00 16.70 ? 2903 LYS A CG  1 
ATOM   1000 C CD  . LYS A 1 115 ? 9.741   -3.295  -11.640 1.00 18.87 ? 2903 LYS A CD  1 
ATOM   1001 C CE  . LYS A 1 115 ? 8.682   -2.727  -12.558 1.00 20.30 ? 2903 LYS A CE  1 
ATOM   1002 N NZ  . LYS A 1 115 ? 9.353   -1.891  -13.591 1.00 21.36 ? 2903 LYS A NZ  1 
ATOM   1003 N N   . GLY A 1 116 ? 11.773  -5.390  -6.916  1.00 12.48 ? 2904 GLY A N   1 
ATOM   1004 C CA  . GLY A 1 116 ? 12.909  -5.895  -6.130  1.00 12.53 ? 2904 GLY A CA  1 
ATOM   1005 C C   . GLY A 1 116 ? 12.521  -7.130  -5.321  1.00 13.23 ? 2904 GLY A C   1 
ATOM   1006 O O   . GLY A 1 116 ? 13.236  -8.141  -5.328  1.00 13.62 ? 2904 GLY A O   1 
ATOM   1007 N N   . PHE A 1 117 ? 11.376  -7.073  -4.636  1.00 13.08 ? 2905 PHE A N   1 
ATOM   1008 C CA  . PHE A 1 117 ? 10.872  -8.233  -3.885  1.00 13.51 ? 2905 PHE A CA  1 
ATOM   1009 C C   . PHE A 1 117 ? 10.674  -9.485  -4.758  1.00 13.86 ? 2905 PHE A C   1 
ATOM   1010 O O   . PHE A 1 117 ? 11.103  -10.581 -4.402  1.00 13.70 ? 2905 PHE A O   1 
ATOM   1011 C CB  . PHE A 1 117 ? 9.561   -7.881  -3.137  1.00 13.90 ? 2905 PHE A CB  1 
ATOM   1012 C CG  . PHE A 1 117 ? 8.924   -9.071  -2.449  1.00 15.02 ? 2905 PHE A CG  1 
ATOM   1013 C CD1 . PHE A 1 117 ? 9.449   -9.555  -1.266  1.00 15.52 ? 2905 PHE A CD1 1 
ATOM   1014 C CD2 . PHE A 1 117 ? 7.849   -9.748  -3.017  1.00 15.16 ? 2905 PHE A CD2 1 
ATOM   1015 C CE1 . PHE A 1 117 ? 8.896   -10.676 -0.633  1.00 16.33 ? 2905 PHE A CE1 1 
ATOM   1016 C CE2 . PHE A 1 117 ? 7.288   -10.853 -2.383  1.00 17.03 ? 2905 PHE A CE2 1 
ATOM   1017 C CZ  . PHE A 1 117 ? 7.817   -11.315 -1.189  1.00 16.24 ? 2905 PHE A CZ  1 
ATOM   1018 N N   . LYS A 1 118 ? 10.018  -9.311  -5.897  1.00 14.00 ? 2906 LYS A N   1 
ATOM   1019 C CA  . LYS A 1 118 ? 9.747   -10.419 -6.810  1.00 14.66 ? 2906 LYS A CA  1 
ATOM   1020 C C   . LYS A 1 118 ? 11.045  -11.057 -7.315  1.00 15.58 ? 2906 LYS A C   1 
ATOM   1021 O O   . LYS A 1 118 ? 11.147  -12.287 -7.362  1.00 17.22 ? 2906 LYS A O   1 
ATOM   1022 C CB  . LYS A 1 118 ? 8.866   -9.948  -7.964  1.00 15.06 ? 2906 LYS A CB  1 
ATOM   1023 C CG  . LYS A 1 118 ? 7.416   -9.657  -7.570  1.00 15.99 ? 2906 LYS A CG  1 
ATOM   1024 C CD  . LYS A 1 118 ? 6.637   -9.178  -8.792  1.00 18.17 ? 2906 LYS A CD  1 
ATOM   1025 C CE  . LYS A 1 118 ? 5.161   -8.925  -8.509  1.00 19.36 ? 2906 LYS A CE  1 
ATOM   1026 N NZ  . LYS A 1 118 ? 4.404   -8.551  -9.749  1.00 20.96 ? 2906 LYS A NZ  1 
ATOM   1027 N N   . ALA A 1 119 ? 12.049  -10.243 -7.627  1.00 15.46 ? 2907 ALA A N   1 
ATOM   1028 C CA  . ALA A 1 119 ? 13.349  -10.737 -8.097  1.00 17.47 ? 2907 ALA A CA  1 
ATOM   1029 C C   . ALA A 1 119 ? 14.067  -11.577 -7.029  1.00 19.16 ? 2907 ALA A C   1 
ATOM   1030 O O   . ALA A 1 119 ? 14.631  -12.625 -7.332  1.00 20.43 ? 2907 ALA A O   1 
ATOM   1031 C CB  . ALA A 1 119 ? 14.202  -9.568  -8.547  1.00 16.96 ? 2907 ALA A CB  1 
ATOM   1032 N N   . SER A 1 120 ? 14.016  -11.126 -5.783  1.00 20.77 ? 2908 SER A N   1 
ATOM   1033 C CA  . SER A 1 120 ? 14.607  -11.858 -4.638  1.00 23.67 ? 2908 SER A CA  1 
ATOM   1034 C C   . SER A 1 120 ? 13.896  -13.185 -4.259  1.00 25.18 ? 2908 SER A C   1 
ATOM   1035 O O   . SER A 1 120 ? 14.501  -14.038 -3.575  1.00 25.81 ? 2908 SER A O   1 
ATOM   1036 C CB  . SER A 1 120 ? 14.660  -10.941 -3.400  1.00 24.09 ? 2908 SER A CB  1 
ATOM   1037 O OG  . SER A 1 120 ? 13.371  -10.794 -2.812  1.00 28.75 ? 2908 SER A OG  1 
ATOM   1038 N N   . ARG A 1 121 ? 12.646  -13.321 -4.692  0.50 25.31 ? 2909 ARG A N   1 
ATOM   1039 C CA  . ARG A 1 121 ? 11.862  -14.527 -4.521  0.50 26.86 ? 2909 ARG A CA  1 
ATOM   1040 C C   . ARG A 1 121 ? 12.291  -15.610 -5.505  0.50 29.96 ? 2909 ARG A C   1 
ATOM   1041 O O   . ARG A 1 121 ? 12.255  -16.795 -5.186  0.50 30.78 ? 2909 ARG A O   1 
ATOM   1042 C CB  . ARG A 1 121 ? 10.405  -14.196 -4.804  0.50 25.22 ? 2909 ARG A CB  1 
ATOM   1043 C CG  . ARG A 1 121 ? 9.435   -14.684 -3.759  0.50 23.74 ? 2909 ARG A CG  1 
ATOM   1044 C CD  . ARG A 1 121 ? 8.011   -14.532 -4.257  0.50 22.46 ? 2909 ARG A CD  1 
ATOM   1045 N NE  . ARG A 1 121 ? 7.072   -15.210 -3.381  0.50 21.06 ? 2909 ARG A NE  1 
ATOM   1046 C CZ  . ARG A 1 121 ? 5.775   -15.316 -3.632  0.50 20.27 ? 2909 ARG A CZ  1 
ATOM   1047 N NH1 . ARG A 1 121 ? 5.271   -14.803 -4.746  0.50 19.81 ? 2909 ARG A NH1 1 
ATOM   1048 N NH2 . ARG A 1 121 ? 4.989   -15.945 -2.770  0.50 19.80 ? 2909 ARG A NH2 1 
ATOM   1049 N N   . SER A 1 122 ? 12.675  -15.189 -6.707  0.50 33.89 ? 2910 SER A N   1 
ATOM   1050 C CA  . SER A 1 122 ? 12.894  -16.113 -7.822  0.50 36.66 ? 2910 SER A CA  1 
ATOM   1051 C C   . SER A 1 122 ? 14.312  -16.687 -7.941  0.50 39.13 ? 2910 SER A C   1 
ATOM   1052 O O   . SER A 1 122 ? 14.541  -17.573 -8.770  0.50 40.56 ? 2910 SER A O   1 
ATOM   1053 C CB  . SER A 1 122 ? 12.535  -15.422 -9.139  0.50 37.16 ? 2910 SER A CB  1 
ATOM   1054 O OG  . SER A 1 122 ? 13.462  -14.393 -9.443  0.50 37.46 ? 2910 SER A OG  1 
ATOM   1055 N N   . HIS A 1 123 ? 15.250  -16.197 -7.130  1.00 40.84 ? 2911 HIS A N   1 
ATOM   1056 C CA  . HIS A 1 123 ? 16.676  -16.608 -7.222  1.00 43.51 ? 2911 HIS A CA  1 
ATOM   1057 C C   . HIS A 1 123 ? 17.435  -16.459 -5.896  1.00 45.50 ? 2911 HIS A C   1 
ATOM   1058 O O   . HIS A 1 123 ? 16.924  -15.898 -4.926  1.00 45.95 ? 2911 HIS A O   1 
ATOM   1059 C CB  . HIS A 1 123 ? 17.395  -15.843 -8.353  1.00 47.21 ? 2911 HIS A CB  1 
ATOM   1060 C CG  . HIS A 1 123 ? 17.534  -14.367 -8.115  1.00 49.15 ? 2911 HIS A CG  1 
ATOM   1061 N ND1 . HIS A 1 123 ? 18.404  -13.843 -7.183  1.00 50.98 ? 2911 HIS A ND1 1 
ATOM   1062 C CD2 . HIS A 1 123 ? 16.948  -13.304 -8.717  1.00 50.89 ? 2911 HIS A CD2 1 
ATOM   1063 C CE1 . HIS A 1 123 ? 18.328  -12.524 -7.202  1.00 51.75 ? 2911 HIS A CE1 1 
ATOM   1064 N NE2 . HIS A 1 123 ? 17.451  -12.170 -8.124  1.00 50.54 ? 2911 HIS A NE2 1 
HETATM 1065 S S   . DMS B 2 .   ? 8.932   9.587   7.380   1.00 60.93 ? 3001 DMS A S   1 
HETATM 1066 O O   . DMS B 2 .   ? 8.901   10.015  8.797   1.00 59.30 ? 3001 DMS A O   1 
HETATM 1067 C C1  . DMS B 2 .   ? 7.333   9.388   6.792   1.00 57.31 ? 3001 DMS A C1  1 
HETATM 1068 C C2  . DMS B 2 .   ? 9.546   10.876  6.444   1.00 59.22 ? 3001 DMS A C2  1 
HETATM 1069 C C   . TRS C 3 .   ? 14.905  3.543   1.434   1.00 80.52 ? 3002 TRS A C   1 
HETATM 1070 C C1  . TRS C 3 .   ? 15.380  3.030   2.808   1.00 80.83 ? 3002 TRS A C1  1 
HETATM 1071 C C2  . TRS C 3 .   ? 13.744  2.683   1.030   1.00 76.58 ? 3002 TRS A C2  1 
HETATM 1072 C C3  . TRS C 3 .   ? 15.977  3.477   0.344   1.00 81.35 ? 3002 TRS A C3  1 
HETATM 1073 N N   . TRS C 3 .   ? 14.372  4.950   1.491   1.00 82.78 ? 3002 TRS A N   1 
HETATM 1074 O O1  . TRS C 3 .   ? 14.363  2.362   3.577   1.00 77.16 ? 3002 TRS A O1  1 
HETATM 1075 O O2  . TRS C 3 .   ? 12.635  3.196   1.766   1.00 78.54 ? 3002 TRS A O2  1 
HETATM 1076 O O3  . TRS C 3 .   ? 15.740  4.424   -0.708  1.00 81.44 ? 3002 TRS A O3  1 
HETATM 1077 N N1  . RUY D 4 .   ? -7.649  12.845  3.071   0.56 26.27 ? 3003 RUY A N1  1 
HETATM 1078 N N3  . RUY D 4 .   ? -6.911  11.718  1.113   0.56 25.11 ? 3003 RUY A N3  1 
HETATM 1079 C C4  . RUY D 4 .   ? -8.945  13.235  2.500   0.56 26.43 ? 3003 RUY A C4  1 
HETATM 1080 C C5  . RUY D 4 .   ? -9.901  13.716  3.575   0.56 26.93 ? 3003 RUY A C5  1 
HETATM 1081 C C6  . RUY D 4 .   ? -6.803  11.988  2.385   0.56 25.25 ? 3003 RUY A C6  1 
HETATM 1082 C C7  . RUY D 4 .   ? -5.688  11.240  2.906   0.56 24.63 ? 3003 RUY A C7  1 
HETATM 1083 C C1  . RUY D 4 .   ? -9.363  14.951  4.279   0.56 26.97 ? 3003 RUY A C1  1 
HETATM 1084 C C2  . RUY D 4 .   ? -7.858  14.860  4.474   0.56 26.88 ? 3003 RUY A C2  1 
HETATM 1085 C C3  . RUY D 4 .   ? -7.364  13.428  4.389   0.56 26.81 ? 3003 RUY A C3  1 
HETATM 1086 N N2  . RUY D 4 .   ? -5.156  10.547  1.939   0.56 24.42 ? 3003 RUY A N2  1 
HETATM 1087 N N4  . RUY D 4 .   ? -5.217  11.221  4.184   0.56 24.50 ? 3003 RUY A N4  1 
HETATM 1088 O O1  . RUY D 4 .   ? -5.895  10.824  0.809   0.56 24.06 ? 3003 RUY A O1  1 
HETATM 1089 O O   . HOH E 5 .   ? 11.877  5.163   2.276   1.00 21.74 ? 3101 HOH A O   1 
HETATM 1090 O O   . HOH E 5 .   ? 6.227   -1.717  9.759   1.00 27.01 ? 3102 HOH A O   1 
HETATM 1091 O O   . HOH E 5 .   ? -0.796  -22.196 -6.391  1.00 31.85 ? 3103 HOH A O   1 
HETATM 1092 O O   . HOH E 5 .   ? -3.943  3.194   13.361  1.00 40.21 ? 3104 HOH A O   1 
HETATM 1093 O O   . HOH E 5 .   ? -7.814  8.387   0.423   1.00 14.05 ? 3105 HOH A O   1 
HETATM 1094 O O   . HOH E 5 .   ? -1.582  16.786  -7.706  1.00 36.50 ? 3106 HOH A O   1 
HETATM 1095 O O   . HOH E 5 .   ? -9.065  10.023  -10.244 1.00 45.58 ? 3107 HOH A O   1 
HETATM 1096 O O   . HOH E 5 .   ? -18.429 6.385   -4.339  1.00 25.88 ? 3108 HOH A O   1 
HETATM 1097 O O   . HOH E 5 .   ? -2.129  -20.477 1.090   1.00 47.52 ? 3109 HOH A O   1 
HETATM 1098 O O   . HOH E 5 .   ? -2.672  1.296   -9.798  1.00 38.42 ? 3110 HOH A O   1 
HETATM 1099 O O   . HOH E 5 .   ? 2.318   -15.145 -3.953  1.00 11.95 ? 3111 HOH A O   1 
HETATM 1100 O O   . HOH E 5 .   ? -4.328  -15.847 -5.769  1.00 59.78 ? 3112 HOH A O   1 
HETATM 1101 O O   . HOH E 5 .   ? -10.470 12.578  -8.348  1.00 16.98 ? 3113 HOH A O   1 
HETATM 1102 O O   . HOH E 5 .   ? -16.403 -1.655  3.811   1.00 19.32 ? 3114 HOH A O   1 
HETATM 1103 O O   . HOH E 5 .   ? -8.936  17.201  -1.079  1.00 32.28 ? 3115 HOH A O   1 
HETATM 1104 O O   . HOH E 5 .   ? -6.751  8.023   12.244  1.00 32.54 ? 3116 HOH A O   1 
HETATM 1105 O O   . HOH E 5 .   ? -13.112 11.153  -8.559  1.00 15.25 ? 3117 HOH A O   1 
HETATM 1106 O O   . HOH E 5 .   ? -20.400 4.546   3.392   1.00 48.82 ? 3118 HOH A O   1 
HETATM 1107 O O   . HOH E 5 .   ? 1.693   -9.000  -15.341 1.00 42.28 ? 3119 HOH A O   1 
HETATM 1108 O O   . HOH E 5 .   ? 14.689  -6.091  8.531   1.00 25.51 ? 3120 HOH A O   1 
HETATM 1109 O O   . HOH E 5 .   ? 12.144  -12.337 1.376   1.00 37.80 ? 3121 HOH A O   1 
HETATM 1110 O O   . HOH E 5 .   ? -0.901  -9.572  -16.281 1.00 50.61 ? 3122 HOH A O   1 
HETATM 1111 O O   . HOH E 5 .   ? -5.567  23.015  -11.407 1.00 56.76 ? 3123 HOH A O   1 
HETATM 1112 O O   . HOH E 5 .   ? -15.780 16.628  4.236   1.00 45.31 ? 3124 HOH A O   1 
HETATM 1113 O O   . HOH E 5 .   ? 6.060   -4.228  12.657  1.00 28.46 ? 3125 HOH A O   1 
HETATM 1114 O O   . HOH E 5 .   ? -8.067  -4.997  -0.972  1.00 26.09 ? 3126 HOH A O   1 
HETATM 1115 O O   . HOH E 5 .   ? -9.148  -5.658  2.100   1.00 45.30 ? 3127 HOH A O   1 
HETATM 1116 O O   . HOH E 5 .   ? -8.346  2.634   6.807   1.00 15.41 ? 3128 HOH A O   1 
HETATM 1117 O O   . HOH E 5 .   ? -3.587  -10.605 -11.576 1.00 66.42 ? 3129 HOH A O   1 
HETATM 1118 O O   . HOH E 5 .   ? 8.769   -14.163 8.693   1.00 28.02 ? 3130 HOH A O   1 
HETATM 1119 O O   . HOH E 5 .   ? 11.132  -14.345 -0.443  1.00 32.26 ? 3131 HOH A O   1 
HETATM 1120 O O   . HOH E 5 .   ? 5.099   -21.100 -1.392  1.00 33.82 ? 3132 HOH A O   1 
HETATM 1121 O O   . HOH E 5 .   ? -16.593 3.710   4.443   1.00 19.65 ? 3133 HOH A O   1 
HETATM 1122 O O   . HOH E 5 .   ? -7.911  -7.559  1.804   1.00 16.51 ? 3134 HOH A O   1 
HETATM 1123 O O   . HOH E 5 .   ? 20.635  -14.179 -8.706  1.00 68.52 ? 3135 HOH A O   1 
HETATM 1124 O O   . HOH E 5 .   ? 2.803   6.693   -10.266 1.00 25.26 ? 3136 HOH A O   1 
HETATM 1125 O O   . HOH E 5 .   ? 6.547   6.212   9.482   1.00 20.06 ? 3137 HOH A O   1 
HETATM 1126 O O   . HOH E 5 .   ? -4.880  7.799   5.262   0.56 15.43 ? 3138 HOH A O   1 
HETATM 1127 O O   . HOH E 5 .   ? 13.973  -1.678  1.295   1.00 19.31 ? 3139 HOH A O   1 
HETATM 1128 O O   . HOH E 5 .   ? 12.869  9.247   3.896   1.00 49.23 ? 3140 HOH A O   1 
HETATM 1129 O O   . HOH E 5 .   ? 0.012   -0.411  -6.733  1.00 21.40 ? 3141 HOH A O   1 
HETATM 1130 O O   . HOH E 5 .   ? -4.298  -14.174 10.119  1.00 30.07 ? 3142 HOH A O   1 
HETATM 1131 O O   . HOH E 5 .   ? -18.729 9.070   -8.058  1.00 16.56 ? 3143 HOH A O   1 
HETATM 1132 O O   . HOH E 5 .   ? 0.900   -17.613 3.388   1.00 33.00 ? 3144 HOH A O   1 
HETATM 1133 O O   . HOH E 5 .   ? 13.695  3.679   -5.341  1.00 17.92 ? 3145 HOH A O   1 
HETATM 1134 O O   . HOH E 5 .   ? -11.643 -1.601  3.871   1.00 13.89 ? 3146 HOH A O   1 
HETATM 1135 O O   . HOH E 5 .   ? -8.376  4.902   2.229   1.00 13.07 ? 3147 HOH A O   1 
HETATM 1136 O O   . HOH E 5 .   ? -6.024  6.256   0.853   1.00 14.35 ? 3148 HOH A O   1 
HETATM 1137 O O   . HOH E 5 .   ? 12.010  -7.530  10.310  1.00 52.14 ? 3149 HOH A O   1 
HETATM 1138 O O   . HOH E 5 .   ? -4.781  5.922   3.226   1.00 15.88 ? 3150 HOH A O   1 
HETATM 1139 O O   . HOH E 5 .   ? -5.757  -7.688  15.370  1.00 30.91 ? 3151 HOH A O   1 
HETATM 1140 O O   . HOH E 5 .   ? -4.010  -0.983  12.827  1.00 31.02 ? 3152 HOH A O   1 
HETATM 1141 O O   . HOH E 5 .   ? 7.900   2.818   -10.710 1.00 16.81 ? 3153 HOH A O   1 
HETATM 1142 O O   . HOH E 5 .   ? -7.184  -2.998  -4.942  1.00 15.75 ? 3154 HOH A O   1 
HETATM 1143 O O   . HOH E 5 .   ? 6.392   -11.114 12.684  1.00 75.08 ? 3155 HOH A O   1 
HETATM 1144 O O   . HOH E 5 .   ? 1.886   3.249   9.307   1.00 17.10 ? 3156 HOH A O   1 
HETATM 1145 O O   . HOH E 5 .   ? -10.246 -10.932 3.111   1.00 28.81 ? 3157 HOH A O   1 
HETATM 1146 O O   . HOH E 5 .   ? -14.631 13.391  -3.578  1.00 36.34 ? 3158 HOH A O   1 
HETATM 1147 O O   . HOH E 5 .   ? 12.600  -4.297  -2.683  1.00 17.80 ? 3159 HOH A O   1 
HETATM 1148 O O   . HOH E 5 .   ? -9.179  5.636   -8.390  1.00 14.93 ? 3160 HOH A O   1 
HETATM 1149 O O   . HOH E 5 .   ? 3.494   -16.625 -15.584 1.00 50.86 ? 3161 HOH A O   1 
HETATM 1150 O O   . HOH E 5 .   ? -6.978  20.899  -5.143  1.00 54.73 ? 3162 HOH A O   1 
HETATM 1151 O O   . HOH E 5 .   ? 11.763  8.648   7.403   1.00 21.80 ? 3163 HOH A O   1 
HETATM 1152 O O   . HOH E 5 .   ? 8.934   -12.895 12.329  1.00 31.91 ? 3164 HOH A O   1 
HETATM 1153 O O   . HOH E 5 .   ? -6.562  5.807   -9.678  1.00 19.56 ? 3165 HOH A O   1 
HETATM 1154 O O   . HOH E 5 .   ? 10.604  -18.825 0.333   1.00 32.04 ? 3166 HOH A O   1 
HETATM 1155 O O   . HOH E 5 .   ? -8.577  16.144  -13.508 1.00 30.04 ? 3167 HOH A O   1 
HETATM 1156 O O   . HOH E 5 .   ? -7.151  -7.476  11.751  1.00 20.49 ? 3168 HOH A O   1 
HETATM 1157 O O   . HOH E 5 .   ? 5.976   -6.320  -10.543 1.00 25.27 ? 3169 HOH A O   1 
HETATM 1158 O O   . HOH E 5 .   ? 9.793   2.604   8.635   1.00 15.78 ? 3170 HOH A O   1 
HETATM 1159 O O   . HOH E 5 .   ? 1.789   -7.618  -8.696  1.00 30.17 ? 3171 HOH A O   1 
HETATM 1160 O O   . HOH E 5 .   ? -6.402  -8.346  -0.180  1.00 25.15 ? 3172 HOH A O   1 
HETATM 1161 O O   . HOH E 5 .   ? 11.107  8.308   -4.281  1.00 21.62 ? 3173 HOH A O   1 
HETATM 1162 O O   . HOH E 5 .   ? 16.041  -7.831  -5.753  1.00 19.32 ? 3174 HOH A O   1 
HETATM 1163 O O   . HOH E 5 .   ? 1.228   -13.908 13.489  1.00 18.35 ? 3175 HOH A O   1 
HETATM 1164 O O   . HOH E 5 .   ? 14.800  5.384   -3.229  1.00 26.78 ? 3176 HOH A O   1 
HETATM 1165 O O   . HOH E 5 .   ? 11.393  -20.956 2.120   1.00 62.57 ? 3177 HOH A O   1 
HETATM 1166 O O   . HOH E 5 .   ? 8.749   -13.694 -8.061  1.00 23.59 ? 3178 HOH A O   1 
HETATM 1167 O O   . HOH E 5 .   ? -7.641  -13.905 -2.781  1.00 46.83 ? 3179 HOH A O   1 
HETATM 1168 O O   . HOH E 5 .   ? 7.903   -18.284 -2.201  1.00 29.26 ? 3180 HOH A O   1 
HETATM 1169 O O   . HOH E 5 .   ? 10.857  -8.329  -10.717 1.00 21.95 ? 3181 HOH A O   1 
HETATM 1170 O O   . HOH E 5 .   ? -3.292  -7.612  -6.868  1.00 21.04 ? 3182 HOH A O   1 
HETATM 1171 O O   . HOH E 5 .   ? 4.764   -10.715 -11.792 1.00 25.64 ? 3183 HOH A O   1 
HETATM 1172 O O   . HOH E 5 .   ? 12.218  -8.010  7.763   1.00 38.96 ? 3184 HOH A O   1 
HETATM 1173 O O   . HOH E 5 .   ? -5.130  1.505   -10.450 1.00 24.16 ? 3185 HOH A O   1 
HETATM 1174 O O   . HOH E 5 .   ? 4.190   -17.090 11.398  1.00 43.46 ? 3186 HOH A O   1 
HETATM 1175 O O   . HOH E 5 .   ? 11.382  -3.158  -15.272 1.00 25.43 ? 3187 HOH A O   1 
HETATM 1176 O O   . HOH E 5 .   ? -9.893  1.260   -4.238  1.00 18.90 ? 3188 HOH A O   1 
HETATM 1177 O O   . HOH E 5 .   ? -6.378  -13.324 3.149   1.00 32.39 ? 3189 HOH A O   1 
HETATM 1178 O O   . HOH E 5 .   ? -7.854  -5.735  9.514   1.00 22.94 ? 3190 HOH A O   1 
HETATM 1179 O O   . HOH E 5 .   ? -1.708  9.465   8.100   1.00 21.80 ? 3191 HOH A O   1 
HETATM 1180 O O   . HOH E 5 .   ? -9.281  15.497  -10.978 1.00 25.59 ? 3192 HOH A O   1 
HETATM 1181 O O   . HOH E 5 .   ? -8.204  -0.483  -5.769  1.00 16.51 ? 3193 HOH A O   1 
HETATM 1182 O O   . HOH E 5 .   ? 6.039   -13.323 -7.179  1.00 31.66 ? 3194 HOH A O   1 
HETATM 1183 O O   . HOH E 5 .   ? -16.077 10.570  7.032   1.00 25.14 ? 3195 HOH A O   1 
HETATM 1184 O O   . HOH E 5 .   ? 13.170  -8.995  -0.477  1.00 29.80 ? 3196 HOH A O   1 
HETATM 1185 O O   . HOH E 5 .   ? -5.402  -17.213 -1.276  1.00 52.13 ? 3197 HOH A O   1 
HETATM 1186 O O   . HOH E 5 .   ? -1.926  -3.132  -8.786  1.00 33.20 ? 3198 HOH A O   1 
HETATM 1187 O O   . HOH E 5 .   ? 13.959  -8.582  3.176   1.00 39.75 ? 3199 HOH A O   1 
HETATM 1188 O O   . HOH E 5 .   ? 7.275   -21.007 5.554   1.00 35.77 ? 3200 HOH A O   1 
HETATM 1189 O O   . HOH E 5 .   ? 11.594  9.936   0.678   1.00 24.97 ? 3201 HOH A O   1 
HETATM 1190 O O   . HOH E 5 .   ? -5.898  -9.015  -7.143  1.00 35.90 ? 3202 HOH A O   1 
HETATM 1191 O O   . HOH E 5 .   ? 11.781  -6.913  0.113   1.00 55.28 ? 3203 HOH A O   1 
HETATM 1192 O O   . HOH E 5 .   ? -7.731  -3.494  11.219  1.00 21.55 ? 3204 HOH A O   1 
HETATM 1193 O O   . HOH E 5 .   ? -0.165  -16.685 5.771   1.00 28.34 ? 3205 HOH A O   1 
HETATM 1194 O O   . HOH E 5 .   ? -15.449 11.044  -5.629  1.00 26.34 ? 3206 HOH A O   1 
HETATM 1195 O O   . HOH E 5 .   ? -4.460  10.005  8.511   1.00 26.91 ? 3207 HOH A O   1 
HETATM 1196 O O   . HOH E 5 .   ? -5.208  -14.411 -3.725  1.00 48.85 ? 3208 HOH A O   1 
HETATM 1197 O O   . HOH E 5 .   ? -10.879 6.810   11.527  1.00 26.88 ? 3209 HOH A O   1 
HETATM 1198 O O   . HOH E 5 .   ? -1.096  -5.825  -10.288 1.00 35.85 ? 3210 HOH A O   1 
HETATM 1199 O O   . HOH E 5 .   ? 12.566  7.241   0.440   1.00 18.96 ? 3211 HOH A O   1 
HETATM 1200 O O   . HOH E 5 .   ? 6.626   -4.155  8.470   1.00 23.84 ? 3212 HOH A O   1 
HETATM 1201 O O   . HOH E 5 .   ? 2.894   -21.063 3.563   1.00 42.00 ? 3213 HOH A O   1 
HETATM 1202 O O   . HOH E 5 .   ? -8.094  5.344   5.617   1.00 18.21 ? 3214 HOH A O   1 
HETATM 1203 O O   . HOH E 5 .   ? -4.926  1.202   11.681  1.00 27.77 ? 3215 HOH A O   1 
HETATM 1204 O O   . HOH E 5 .   ? 3.989   -17.693 6.415   1.00 54.51 ? 3216 HOH A O   1 
HETATM 1205 O O   . HOH E 5 .   ? 11.582  -0.094  -12.218 1.00 6.82  ? 3217 HOH A O   1 
HETATM 1206 O O   . HOH E 5 .   ? 10.521  -19.800 4.296   1.00 26.11 ? 3218 HOH A O   1 
HETATM 1207 O O   . HOH E 5 .   ? -3.090  -13.206 -13.642 1.00 39.91 ? 3219 HOH A O   1 
HETATM 1208 O O   . HOH E 5 .   ? 7.082   -20.776 -6.212  1.00 41.22 ? 3220 HOH A O   1 
HETATM 1209 O O   . HOH E 5 .   ? -12.152 -0.370  -3.623  1.00 37.80 ? 3221 HOH A O   1 
HETATM 1210 O O   . HOH E 5 .   ? 9.680   13.997  6.986   1.00 91.57 ? 3222 HOH A O   1 
HETATM 1211 O O   . HOH E 5 .   ? 0.814   2.359   13.985  1.00 46.62 ? 3223 HOH A O   1 
HETATM 1212 O O   . HOH E 5 .   ? -3.820  -4.731  -7.361  1.00 22.95 ? 3224 HOH A O   1 
HETATM 1213 O O   . HOH E 5 .   ? -13.013 13.872  -7.550  1.00 25.21 ? 3225 HOH A O   1 
HETATM 1214 O O   . HOH E 5 .   ? -6.089  -10.379 -4.496  1.00 34.54 ? 3226 HOH A O   1 
HETATM 1215 O O   . HOH E 5 .   ? -8.201  19.325  -10.760 1.00 46.49 ? 3227 HOH A O   1 
HETATM 1216 O O   . HOH E 5 .   ? 5.784   -19.698 -9.653  1.00 50.05 ? 3228 HOH A O   1 
HETATM 1217 O O   . HOH E 5 .   ? 15.401  -7.671  -2.190  1.00 32.27 ? 3229 HOH A O   1 
HETATM 1218 O O   . HOH E 5 .   ? 3.127   3.586   -10.475 1.00 27.18 ? 3230 HOH A O   1 
HETATM 1219 O O   . HOH E 5 .   ? 19.515  -9.469  4.131   1.00 23.30 ? 3231 HOH A O   1 
HETATM 1220 O O   . HOH E 5 .   ? 13.085  7.666   -2.326  1.00 26.30 ? 3232 HOH A O   1 
HETATM 1221 O O   . HOH E 5 .   ? 9.110   5.147   9.732   1.00 20.91 ? 3233 HOH A O   1 
HETATM 1222 O O   . HOH E 5 .   ? 11.296  -11.059 -11.213 1.00 31.63 ? 3234 HOH A O   1 
HETATM 1223 O O   . HOH E 5 .   ? 12.236  -3.760  0.090   1.00 26.50 ? 3235 HOH A O   1 
HETATM 1224 O O   . HOH E 5 .   ? -0.630  13.592  8.874   1.00 30.01 ? 3236 HOH A O   1 
HETATM 1225 O O   . HOH E 5 .   ? -0.596  7.217   15.907  1.00 37.53 ? 3237 HOH A O   1 
HETATM 1226 O O   . HOH E 5 .   ? 1.604   8.796   12.154  1.00 31.57 ? 3238 HOH A O   1 
HETATM 1227 O O   . HOH E 5 .   ? 8.735   15.272  9.124   1.00 35.77 ? 3239 HOH A O   1 
HETATM 1228 O O   . HOH E 5 .   ? -9.136  -4.490  -3.439  1.00 34.90 ? 3240 HOH A O   1 
HETATM 1229 O O   . HOH E 5 .   ? -3.233  14.146  6.357   1.00 36.77 ? 3241 HOH A O   1 
HETATM 1230 O O   . HOH E 5 .   ? 1.011   -2.301  -8.612  1.00 28.48 ? 3242 HOH A O   1 
HETATM 1231 O O   . HOH E 5 .   ? -0.822  -19.819 3.189   1.00 44.40 ? 3243 HOH A O   1 
HETATM 1232 O O   . HOH E 5 .   ? -0.150  9.964   10.704  1.00 29.02 ? 3244 HOH A O   1 
HETATM 1233 O O   . HOH E 5 .   ? 4.585   -22.600 1.025   1.00 51.47 ? 3245 HOH A O   1 
HETATM 1234 O O   . HOH E 5 .   ? -2.919  23.584  -11.635 1.00 52.94 ? 3246 HOH A O   1 
HETATM 1235 O O   . HOH E 5 .   ? 8.226   -7.667  -11.766 1.00 45.67 ? 3247 HOH A O   1 
HETATM 1236 O O   . HOH E 5 .   ? -5.467  -9.145  10.517  1.00 16.42 ? 3248 HOH A O   1 
HETATM 1237 O O   . HOH E 5 .   ? 1.320   -17.855 7.673   1.00 44.33 ? 3249 HOH A O   1 
HETATM 1238 O O   . HOH E 5 .   ? -6.458  -4.318  -7.220  1.00 24.49 ? 3250 HOH A O   1 
HETATM 1239 O O   . HOH E 5 .   ? 3.533   -3.299  -10.222 1.00 38.80 ? 3251 HOH A O   1 
HETATM 1240 O O   . HOH E 5 .   ? 18.773  -17.909 2.415   1.00 51.13 ? 3252 HOH A O   1 
# 
